data_6NEY
# 
_entry.id   6NEY 
# 
_audit_conform.dict_name       mmcif_pdbx.dic 
_audit_conform.dict_version    5.379 
_audit_conform.dict_location   http://mmcif.pdb.org/dictionaries/ascii/mmcif_pdbx.dic 
# 
loop_
_database_2.database_id 
_database_2.database_code 
_database_2.pdbx_database_accession 
_database_2.pdbx_DOI 
PDB   6NEY         pdb_00006ney 10.2210/pdb6ney/pdb 
WWPDB D_1000238646 ?            ?                   
# 
_pdbx_database_status.status_code                     REL 
_pdbx_database_status.status_code_sf                  REL 
_pdbx_database_status.status_code_mr                  ? 
_pdbx_database_status.entry_id                        6NEY 
_pdbx_database_status.recvd_initial_deposition_date   2018-12-18 
_pdbx_database_status.SG_entry                        Y 
_pdbx_database_status.deposit_site                    RCSB 
_pdbx_database_status.process_site                    RCSB 
_pdbx_database_status.status_code_cs                  ? 
_pdbx_database_status.methods_development_category    ? 
_pdbx_database_status.pdb_format_compatible           Y 
_pdbx_database_status.status_code_nmr_data            ? 
# 
loop_
_audit_author.name 
_audit_author.pdbx_ordinal 
_audit_author.identifier_ORCID 
'Loppnau, P.'                          1  ? 
'Dong, A.'                             2  ? 
'Tempel, W.'                           3  ? 
'Lin, Y.H.'                            4  ? 
'Bountra, C.'                          5  ? 
'Arrowsmith, C.H.'                     6  ? 
'Edwards, A.M.'                        7  ? 
'Hui, R.'                              8  ? 
'Vedadi, M.'                           9  ? 
'Harding, R.J.'                        10 ? 
'Structural Genomics Consortium (SGC)' 11 ? 
# 
_citation.abstract                  ? 
_citation.abstract_id_CAS           ? 
_citation.book_id_ISBN              ? 
_citation.book_publisher            ? 
_citation.book_publisher_city       ? 
_citation.book_title                ? 
_citation.coordinate_linkage        ? 
_citation.country                   ? 
_citation.database_id_Medline       ? 
_citation.details                   ? 
_citation.id                        primary 
_citation.journal_abbrev            'To Be Published' 
_citation.journal_id_ASTM           ? 
_citation.journal_id_CSD            0353 
_citation.journal_id_ISSN           ? 
_citation.journal_full              ? 
_citation.journal_issue             ? 
_citation.journal_volume            ? 
_citation.language                  ? 
_citation.page_first                ? 
_citation.page_last                 ? 
_citation.title                     'Crystal structure of TcBDF5, a bromodomain containing protein from Trypanosoma cruzi' 
_citation.year                      ? 
_citation.database_id_CSD           ? 
_citation.pdbx_database_id_DOI      ? 
_citation.pdbx_database_id_PubMed   ? 
_citation.unpublished_flag          ? 
# 
loop_
_citation_author.citation_id 
_citation_author.name 
_citation_author.ordinal 
_citation_author.identifier_ORCID 
primary 'Loppnau, P.'      1  ? 
primary 'Dong, A.'         2  ? 
primary 'Tempel, W.'       3  ? 
primary 'Lin, Y.H.'        4  ? 
primary 'Bountra, C.'      5  ? 
primary 'Arrowsmith, C.H.' 6  ? 
primary 'Edwards, A.M.'    7  ? 
primary 'Hui, R.'          8  ? 
primary 'Vedadi, M.'       9  ? 
primary 'Harding, R.J.'    10 ? 
# 
_cell.angle_alpha                  90.00 
_cell.angle_alpha_esd              ? 
_cell.angle_beta                   90.00 
_cell.angle_beta_esd               ? 
_cell.angle_gamma                  90.00 
_cell.angle_gamma_esd              ? 
_cell.entry_id                     6NEY 
_cell.details                      ? 
_cell.formula_units_Z              ? 
_cell.length_a                     61.887 
_cell.length_a_esd                 ? 
_cell.length_b                     70.428 
_cell.length_b_esd                 ? 
_cell.length_c                     26.644 
_cell.length_c_esd                 ? 
_cell.volume                       ? 
_cell.volume_esd                   ? 
_cell.Z_PDB                        4 
_cell.reciprocal_angle_alpha       ? 
_cell.reciprocal_angle_beta        ? 
_cell.reciprocal_angle_gamma       ? 
_cell.reciprocal_angle_alpha_esd   ? 
_cell.reciprocal_angle_beta_esd    ? 
_cell.reciprocal_angle_gamma_esd   ? 
_cell.reciprocal_length_a          ? 
_cell.reciprocal_length_b          ? 
_cell.reciprocal_length_c          ? 
_cell.reciprocal_length_a_esd      ? 
_cell.reciprocal_length_b_esd      ? 
_cell.reciprocal_length_c_esd      ? 
_cell.pdbx_unique_axis             ? 
# 
_symmetry.entry_id                         6NEY 
_symmetry.cell_setting                     ? 
_symmetry.Int_Tables_number                18 
_symmetry.space_group_name_Hall            ? 
_symmetry.space_group_name_H-M             'P 21 21 2' 
_symmetry.pdbx_full_space_group_name_H-M   ? 
# 
loop_
_entity.id 
_entity.type 
_entity.src_method 
_entity.pdbx_description 
_entity.formula_weight 
_entity.pdbx_number_of_molecules 
_entity.pdbx_ec 
_entity.pdbx_mutation 
_entity.pdbx_fragment 
_entity.details 
1 polymer man 'Uncharacterized protein' 15047.116 1  ? ? ? ? 
2 water   nat water                     18.015    34 ? ? ? ? 
# 
_entity_poly.entity_id                      1 
_entity_poly.type                           'polypeptide(L)' 
_entity_poly.nstd_linkage                   no 
_entity_poly.nstd_monomer                   no 
_entity_poly.pdbx_seq_one_letter_code       
;GMEERRQKFYPEEELVALVRSLDRPQDEGLFSMDVLVVYPHLEQEYTRVCPKRCDLATAAEKAANEAYSYDVNLTALRED
IKLMVNNCYRFNGTKGPLANIAERFEAFAKEQIDAYVTKKAGGRRLSSLRL
;
_entity_poly.pdbx_seq_one_letter_code_can   
;GMEERRQKFYPEEELVALVRSLDRPQDEGLFSMDVLVVYPHLEQEYTRVCPKRCDLATAAEKAANEAYSYDVNLTALRED
IKLMVNNCYRFNGTKGPLANIAERFEAFAKEQIDAYVTKKAGGRRLSSLRL
;
_entity_poly.pdbx_strand_id                 A 
_entity_poly.pdbx_target_identifier         ? 
# 
loop_
_entity_poly_seq.entity_id 
_entity_poly_seq.num 
_entity_poly_seq.mon_id 
_entity_poly_seq.hetero 
1 1   GLY n 
1 2   MET n 
1 3   GLU n 
1 4   GLU n 
1 5   ARG n 
1 6   ARG n 
1 7   GLN n 
1 8   LYS n 
1 9   PHE n 
1 10  TYR n 
1 11  PRO n 
1 12  GLU n 
1 13  GLU n 
1 14  GLU n 
1 15  LEU n 
1 16  VAL n 
1 17  ALA n 
1 18  LEU n 
1 19  VAL n 
1 20  ARG n 
1 21  SER n 
1 22  LEU n 
1 23  ASP n 
1 24  ARG n 
1 25  PRO n 
1 26  GLN n 
1 27  ASP n 
1 28  GLU n 
1 29  GLY n 
1 30  LEU n 
1 31  PHE n 
1 32  SER n 
1 33  MET n 
1 34  ASP n 
1 35  VAL n 
1 36  LEU n 
1 37  VAL n 
1 38  VAL n 
1 39  TYR n 
1 40  PRO n 
1 41  HIS n 
1 42  LEU n 
1 43  GLU n 
1 44  GLN n 
1 45  GLU n 
1 46  TYR n 
1 47  THR n 
1 48  ARG n 
1 49  VAL n 
1 50  CYS n 
1 51  PRO n 
1 52  LYS n 
1 53  ARG n 
1 54  CYS n 
1 55  ASP n 
1 56  LEU n 
1 57  ALA n 
1 58  THR n 
1 59  ALA n 
1 60  ALA n 
1 61  GLU n 
1 62  LYS n 
1 63  ALA n 
1 64  ALA n 
1 65  ASN n 
1 66  GLU n 
1 67  ALA n 
1 68  TYR n 
1 69  SER n 
1 70  TYR n 
1 71  ASP n 
1 72  VAL n 
1 73  ASN n 
1 74  LEU n 
1 75  THR n 
1 76  ALA n 
1 77  LEU n 
1 78  ARG n 
1 79  GLU n 
1 80  ASP n 
1 81  ILE n 
1 82  LYS n 
1 83  LEU n 
1 84  MET n 
1 85  VAL n 
1 86  ASN n 
1 87  ASN n 
1 88  CYS n 
1 89  TYR n 
1 90  ARG n 
1 91  PHE n 
1 92  ASN n 
1 93  GLY n 
1 94  THR n 
1 95  LYS n 
1 96  GLY n 
1 97  PRO n 
1 98  LEU n 
1 99  ALA n 
1 100 ASN n 
1 101 ILE n 
1 102 ALA n 
1 103 GLU n 
1 104 ARG n 
1 105 PHE n 
1 106 GLU n 
1 107 ALA n 
1 108 PHE n 
1 109 ALA n 
1 110 LYS n 
1 111 GLU n 
1 112 GLN n 
1 113 ILE n 
1 114 ASP n 
1 115 ALA n 
1 116 TYR n 
1 117 VAL n 
1 118 THR n 
1 119 LYS n 
1 120 LYS n 
1 121 ALA n 
1 122 GLY n 
1 123 GLY n 
1 124 ARG n 
1 125 ARG n 
1 126 LEU n 
1 127 SER n 
1 128 SER n 
1 129 LEU n 
1 130 ARG n 
1 131 LEU n 
# 
_entity_src_gen.entity_id                          1 
_entity_src_gen.pdbx_src_id                        1 
_entity_src_gen.pdbx_alt_source_flag               sample 
_entity_src_gen.pdbx_seq_type                      'Biological sequence' 
_entity_src_gen.pdbx_beg_seq_num                   1 
_entity_src_gen.pdbx_end_seq_num                   131 
_entity_src_gen.gene_src_common_name               ? 
_entity_src_gen.gene_src_genus                     ? 
_entity_src_gen.pdbx_gene_src_gene                 C4B63_1g51 
_entity_src_gen.gene_src_species                   ? 
_entity_src_gen.gene_src_strain                    ? 
_entity_src_gen.gene_src_tissue                    ? 
_entity_src_gen.gene_src_tissue_fraction           ? 
_entity_src_gen.gene_src_details                   ? 
_entity_src_gen.pdbx_gene_src_fragment             ? 
_entity_src_gen.pdbx_gene_src_scientific_name      'Trypanosoma cruzi' 
_entity_src_gen.pdbx_gene_src_ncbi_taxonomy_id     5693 
_entity_src_gen.pdbx_gene_src_variant              ? 
_entity_src_gen.pdbx_gene_src_cell_line            ? 
_entity_src_gen.pdbx_gene_src_atcc                 ? 
_entity_src_gen.pdbx_gene_src_organ                ? 
_entity_src_gen.pdbx_gene_src_organelle            ? 
_entity_src_gen.pdbx_gene_src_cell                 ? 
_entity_src_gen.pdbx_gene_src_cellular_location    ? 
_entity_src_gen.host_org_common_name               ? 
_entity_src_gen.pdbx_host_org_scientific_name      'Escherichia coli' 
_entity_src_gen.pdbx_host_org_ncbi_taxonomy_id     469008 
_entity_src_gen.host_org_genus                     ? 
_entity_src_gen.pdbx_host_org_gene                 ? 
_entity_src_gen.pdbx_host_org_organ                ? 
_entity_src_gen.host_org_species                   ? 
_entity_src_gen.pdbx_host_org_tissue               ? 
_entity_src_gen.pdbx_host_org_tissue_fraction      ? 
_entity_src_gen.pdbx_host_org_strain               'BL21(DE3)-pRARE2' 
_entity_src_gen.pdbx_host_org_variant              ? 
_entity_src_gen.pdbx_host_org_cell_line            ? 
_entity_src_gen.pdbx_host_org_atcc                 ? 
_entity_src_gen.pdbx_host_org_culture_collection   ? 
_entity_src_gen.pdbx_host_org_cell                 ? 
_entity_src_gen.pdbx_host_org_organelle            ? 
_entity_src_gen.pdbx_host_org_cellular_location    ? 
_entity_src_gen.pdbx_host_org_vector_type          plasmid 
_entity_src_gen.pdbx_host_org_vector               ? 
_entity_src_gen.host_org_details                   ? 
_entity_src_gen.expression_system_id               ? 
_entity_src_gen.plasmid_name                       pET15-MHL 
_entity_src_gen.plasmid_details                    ? 
_entity_src_gen.pdbx_description                   ? 
# 
_struct_ref.id                         1 
_struct_ref.db_name                    UNP 
_struct_ref.db_code                    A0A2V2W6E9_TRYCR 
_struct_ref.pdbx_db_accession          A0A2V2W6E9 
_struct_ref.pdbx_db_isoform            ? 
_struct_ref.entity_id                  1 
_struct_ref.pdbx_seq_one_letter_code   
;MEERRQKFYPEEELVALVRSLDRPQDEGLFSMDVLVVYPHLEQEYTRVCPKRCDLATAAEKAANEAYSYDVNLTALREDI
KLMVNNCYRFNGTKGPLANIAERFEAFAKEQIDAYVTKKAGGRRLSSLRL
;
_struct_ref.pdbx_align_begin           1 
# 
_struct_ref_seq.align_id                      1 
_struct_ref_seq.ref_id                        1 
_struct_ref_seq.pdbx_PDB_id_code              6NEY 
_struct_ref_seq.pdbx_strand_id                A 
_struct_ref_seq.seq_align_beg                 2 
_struct_ref_seq.pdbx_seq_align_beg_ins_code   ? 
_struct_ref_seq.seq_align_end                 131 
_struct_ref_seq.pdbx_seq_align_end_ins_code   ? 
_struct_ref_seq.pdbx_db_accession             A0A2V2W6E9 
_struct_ref_seq.db_align_beg                  1 
_struct_ref_seq.pdbx_db_align_beg_ins_code    ? 
_struct_ref_seq.db_align_end                  130 
_struct_ref_seq.pdbx_db_align_end_ins_code    ? 
_struct_ref_seq.pdbx_auth_seq_align_beg       1 
_struct_ref_seq.pdbx_auth_seq_align_end       130 
# 
_struct_ref_seq_dif.align_id                     1 
_struct_ref_seq_dif.pdbx_pdb_id_code             6NEY 
_struct_ref_seq_dif.mon_id                       GLY 
_struct_ref_seq_dif.pdbx_pdb_strand_id           A 
_struct_ref_seq_dif.seq_num                      1 
_struct_ref_seq_dif.pdbx_pdb_ins_code            ? 
_struct_ref_seq_dif.pdbx_seq_db_name             UNP 
_struct_ref_seq_dif.pdbx_seq_db_accession_code   A0A2V2W6E9 
_struct_ref_seq_dif.db_mon_id                    ? 
_struct_ref_seq_dif.pdbx_seq_db_seq_num          ? 
_struct_ref_seq_dif.details                      'expression tag' 
_struct_ref_seq_dif.pdbx_auth_seq_num            0 
_struct_ref_seq_dif.pdbx_ordinal                 1 
# 
loop_
_chem_comp.id 
_chem_comp.type 
_chem_comp.mon_nstd_flag 
_chem_comp.name 
_chem_comp.pdbx_synonyms 
_chem_comp.formula 
_chem_comp.formula_weight 
ALA 'L-peptide linking' y ALANINE         ? 'C3 H7 N O2'     89.093  
ARG 'L-peptide linking' y ARGININE        ? 'C6 H15 N4 O2 1' 175.209 
ASN 'L-peptide linking' y ASPARAGINE      ? 'C4 H8 N2 O3'    132.118 
ASP 'L-peptide linking' y 'ASPARTIC ACID' ? 'C4 H7 N O4'     133.103 
CYS 'L-peptide linking' y CYSTEINE        ? 'C3 H7 N O2 S'   121.158 
GLN 'L-peptide linking' y GLUTAMINE       ? 'C5 H10 N2 O3'   146.144 
GLU 'L-peptide linking' y 'GLUTAMIC ACID' ? 'C5 H9 N O4'     147.129 
GLY 'peptide linking'   y GLYCINE         ? 'C2 H5 N O2'     75.067  
HIS 'L-peptide linking' y HISTIDINE       ? 'C6 H10 N3 O2 1' 156.162 
HOH non-polymer         . WATER           ? 'H2 O'           18.015  
ILE 'L-peptide linking' y ISOLEUCINE      ? 'C6 H13 N O2'    131.173 
LEU 'L-peptide linking' y LEUCINE         ? 'C6 H13 N O2'    131.173 
LYS 'L-peptide linking' y LYSINE          ? 'C6 H15 N2 O2 1' 147.195 
MET 'L-peptide linking' y METHIONINE      ? 'C5 H11 N O2 S'  149.211 
PHE 'L-peptide linking' y PHENYLALANINE   ? 'C9 H11 N O2'    165.189 
PRO 'L-peptide linking' y PROLINE         ? 'C5 H9 N O2'     115.130 
SER 'L-peptide linking' y SERINE          ? 'C3 H7 N O3'     105.093 
THR 'L-peptide linking' y THREONINE       ? 'C4 H9 N O3'     119.119 
TYR 'L-peptide linking' y TYROSINE        ? 'C9 H11 N O3'    181.189 
VAL 'L-peptide linking' y VALINE          ? 'C5 H11 N O2'    117.146 
# 
_exptl.absorpt_coefficient_mu     ? 
_exptl.absorpt_correction_T_max   ? 
_exptl.absorpt_correction_T_min   ? 
_exptl.absorpt_correction_type    ? 
_exptl.absorpt_process_details    ? 
_exptl.entry_id                   6NEY 
_exptl.crystals_number            1 
_exptl.details                    ? 
_exptl.method                     'X-RAY DIFFRACTION' 
_exptl.method_details             ? 
# 
_exptl_crystal.colour                      ? 
_exptl_crystal.density_diffrn              ? 
_exptl_crystal.density_Matthews            1.93 
_exptl_crystal.density_method              ? 
_exptl_crystal.density_percent_sol         36.25 
_exptl_crystal.description                 ? 
_exptl_crystal.F_000                       ? 
_exptl_crystal.id                          1 
_exptl_crystal.preparation                 ? 
_exptl_crystal.size_max                    ? 
_exptl_crystal.size_mid                    ? 
_exptl_crystal.size_min                    ? 
_exptl_crystal.size_rad                    ? 
_exptl_crystal.colour_lustre               ? 
_exptl_crystal.colour_modifier             ? 
_exptl_crystal.colour_primary              ? 
_exptl_crystal.density_meas                ? 
_exptl_crystal.density_meas_esd            ? 
_exptl_crystal.density_meas_gt             ? 
_exptl_crystal.density_meas_lt             ? 
_exptl_crystal.density_meas_temp           ? 
_exptl_crystal.density_meas_temp_esd       ? 
_exptl_crystal.density_meas_temp_gt        ? 
_exptl_crystal.density_meas_temp_lt        ? 
_exptl_crystal.pdbx_crystal_image_url      ? 
_exptl_crystal.pdbx_crystal_image_format   ? 
_exptl_crystal.pdbx_mosaicity              0.502 
_exptl_crystal.pdbx_mosaicity_esd          ? 
# 
_exptl_crystal_grow.apparatus       ? 
_exptl_crystal_grow.atmosphere      ? 
_exptl_crystal_grow.crystal_id      1 
_exptl_crystal_grow.details         ? 
_exptl_crystal_grow.method          'VAPOR DIFFUSION, SITTING DROP' 
_exptl_crystal_grow.method_ref      ? 
_exptl_crystal_grow.pH              7.5 
_exptl_crystal_grow.pressure        ? 
_exptl_crystal_grow.pressure_esd    ? 
_exptl_crystal_grow.seeding         ? 
_exptl_crystal_grow.seeding_ref     ? 
_exptl_crystal_grow.temp            292 
_exptl_crystal_grow.temp_details    ? 
_exptl_crystal_grow.temp_esd        ? 
_exptl_crystal_grow.time            ? 
_exptl_crystal_grow.pdbx_details    '1.8 M NH4SO4, 0.2 M Na Acetate and 0.1M Hepes pH7.5' 
_exptl_crystal_grow.pdbx_pH_range   ? 
# 
_diffrn.ambient_environment              ? 
_diffrn.ambient_temp                     100 
_diffrn.ambient_temp_details             ? 
_diffrn.ambient_temp_esd                 ? 
_diffrn.crystal_id                       1 
_diffrn.crystal_support                  ? 
_diffrn.crystal_treatment                ? 
_diffrn.details                          ? 
_diffrn.id                               1 
_diffrn.ambient_pressure                 ? 
_diffrn.ambient_pressure_esd             ? 
_diffrn.ambient_pressure_gt              ? 
_diffrn.ambient_pressure_lt              ? 
_diffrn.ambient_temp_gt                  ? 
_diffrn.ambient_temp_lt                  ? 
_diffrn.pdbx_serial_crystal_experiment   N 
# 
_diffrn_detector.details                      ? 
_diffrn_detector.detector                     PIXEL 
_diffrn_detector.diffrn_id                    1 
_diffrn_detector.type                         'DECTRIS PILATUS3 6M' 
_diffrn_detector.area_resol_mean              ? 
_diffrn_detector.dtime                        ? 
_diffrn_detector.pdbx_frames_total            ? 
_diffrn_detector.pdbx_collection_time_total   ? 
_diffrn_detector.pdbx_collection_date         2018-12-05 
_diffrn_detector.pdbx_frequency               ? 
# 
_diffrn_radiation.collimation                      ? 
_diffrn_radiation.diffrn_id                        1 
_diffrn_radiation.filter_edge                      ? 
_diffrn_radiation.inhomogeneity                    ? 
_diffrn_radiation.monochromator                    ? 
_diffrn_radiation.polarisn_norm                    ? 
_diffrn_radiation.polarisn_ratio                   ? 
_diffrn_radiation.probe                            ? 
_diffrn_radiation.type                             ? 
_diffrn_radiation.xray_symbol                      ? 
_diffrn_radiation.wavelength_id                    1 
_diffrn_radiation.pdbx_monochromatic_or_laue_m_l   M 
_diffrn_radiation.pdbx_wavelength_list             ? 
_diffrn_radiation.pdbx_wavelength                  ? 
_diffrn_radiation.pdbx_diffrn_protocol             'SINGLE WAVELENGTH' 
_diffrn_radiation.pdbx_analyzer                    ? 
_diffrn_radiation.pdbx_scattering_type             x-ray 
# 
_diffrn_radiation_wavelength.id           1 
_diffrn_radiation_wavelength.wavelength   0.97918 
_diffrn_radiation_wavelength.wt           1.0 
# 
_diffrn_source.current                     ? 
_diffrn_source.details                     ? 
_diffrn_source.diffrn_id                   1 
_diffrn_source.power                       ? 
_diffrn_source.size                        ? 
_diffrn_source.source                      SYNCHROTRON 
_diffrn_source.target                      ? 
_diffrn_source.type                        'APS BEAMLINE 19-ID' 
_diffrn_source.voltage                     ? 
_diffrn_source.take-off_angle              ? 
_diffrn_source.pdbx_wavelength_list        0.97918 
_diffrn_source.pdbx_wavelength             ? 
_diffrn_source.pdbx_synchrotron_beamline   19-ID 
_diffrn_source.pdbx_synchrotron_site       APS 
# 
_reflns.B_iso_Wilson_estimate            ? 
_reflns.entry_id                         6NEY 
_reflns.data_reduction_details           ? 
_reflns.data_reduction_method            ? 
_reflns.d_resolution_high                1.680 
_reflns.d_resolution_low                 50.000 
_reflns.details                          ? 
_reflns.limit_h_max                      ? 
_reflns.limit_h_min                      ? 
_reflns.limit_k_max                      ? 
_reflns.limit_k_min                      ? 
_reflns.limit_l_max                      ? 
_reflns.limit_l_min                      ? 
_reflns.number_all                       ? 
_reflns.number_obs                       13782 
_reflns.observed_criterion               ? 
_reflns.observed_criterion_F_max         ? 
_reflns.observed_criterion_F_min         ? 
_reflns.observed_criterion_I_max         ? 
_reflns.observed_criterion_I_min         ? 
_reflns.observed_criterion_sigma_F       ? 
_reflns.observed_criterion_sigma_I       ? 
_reflns.percent_possible_obs             98.200 
_reflns.R_free_details                   ? 
_reflns.Rmerge_F_all                     ? 
_reflns.Rmerge_F_obs                     ? 
_reflns.Friedel_coverage                 ? 
_reflns.number_gt                        ? 
_reflns.threshold_expression             ? 
_reflns.pdbx_redundancy                  7.800 
_reflns.pdbx_Rmerge_I_obs                0.082 
_reflns.pdbx_Rmerge_I_all                ? 
_reflns.pdbx_Rsym_value                  ? 
_reflns.pdbx_netI_over_av_sigmaI         ? 
_reflns.pdbx_netI_over_sigmaI            6.600 
_reflns.pdbx_res_netI_over_av_sigmaI_2   ? 
_reflns.pdbx_res_netI_over_sigmaI_2      ? 
_reflns.pdbx_chi_squared                 0.951 
_reflns.pdbx_scaling_rejects             ? 
_reflns.pdbx_d_res_high_opt              ? 
_reflns.pdbx_d_res_low_opt               ? 
_reflns.pdbx_d_res_opt_method            ? 
_reflns.phase_calculation_details        ? 
_reflns.pdbx_Rrim_I_all                  0.087 
_reflns.pdbx_Rpim_I_all                  0.030 
_reflns.pdbx_d_opt                       ? 
_reflns.pdbx_number_measured_all         ? 
_reflns.pdbx_diffrn_id                   1 
_reflns.pdbx_ordinal                     1 
_reflns.pdbx_CC_half                     ? 
_reflns.pdbx_R_split                     ? 
# 
loop_
_reflns_shell.d_res_high 
_reflns_shell.d_res_low 
_reflns_shell.meanI_over_sigI_all 
_reflns_shell.meanI_over_sigI_obs 
_reflns_shell.number_measured_all 
_reflns_shell.number_measured_obs 
_reflns_shell.number_possible 
_reflns_shell.number_unique_all 
_reflns_shell.number_unique_obs 
_reflns_shell.percent_possible_all 
_reflns_shell.percent_possible_obs 
_reflns_shell.Rmerge_F_all 
_reflns_shell.Rmerge_F_obs 
_reflns_shell.Rmerge_I_all 
_reflns_shell.Rmerge_I_obs 
_reflns_shell.meanI_over_sigI_gt 
_reflns_shell.meanI_over_uI_all 
_reflns_shell.meanI_over_uI_gt 
_reflns_shell.number_measured_gt 
_reflns_shell.number_unique_gt 
_reflns_shell.percent_possible_gt 
_reflns_shell.Rmerge_F_gt 
_reflns_shell.Rmerge_I_gt 
_reflns_shell.pdbx_redundancy 
_reflns_shell.pdbx_Rsym_value 
_reflns_shell.pdbx_chi_squared 
_reflns_shell.pdbx_netI_over_sigmaI_all 
_reflns_shell.pdbx_netI_over_sigmaI_obs 
_reflns_shell.pdbx_Rrim_I_all 
_reflns_shell.pdbx_Rpim_I_all 
_reflns_shell.pdbx_rejects 
_reflns_shell.pdbx_ordinal 
_reflns_shell.pdbx_diffrn_id 
_reflns_shell.pdbx_CC_half 
_reflns_shell.pdbx_R_split 
1.680 1.710  ? ? ? ? ? ? 555 83.700  ? ? ? ? 0.732 ? ? ? ? ? ? ? ? 6.000 ? 0.469 ? ? 0.789 0.283 ? 1  1 0.749 ? 
1.710 1.740  ? ? ? ? ? ? 636 90.500  ? ? ? ? 0.620 ? ? ? ? ? ? ? ? 6.200 ? 0.447 ? ? 0.669 0.240 ? 2  1 0.814 ? 
1.740 1.770  ? ? ? ? ? ? 670 95.300  ? ? ? ? 0.550 ? ? ? ? ? ? ? ? 6.400 ? 0.448 ? ? 0.594 0.216 ? 3  1 0.886 ? 
1.770 1.810  ? ? ? ? ? ? 647 97.000  ? ? ? ? 0.534 ? ? ? ? ? ? ? ? 6.500 ? 0.461 ? ? 0.578 0.213 ? 4  1 0.878 ? 
1.810 1.850  ? ? ? ? ? ? 659 98.900  ? ? ? ? 0.409 ? ? ? ? ? ? ? ? 7.000 ? 0.474 ? ? 0.439 0.157 ? 5  1 0.958 ? 
1.850 1.890  ? ? ? ? ? ? 700 99.700  ? ? ? ? 0.381 ? ? ? ? ? ? ? ? 8.000 ? 0.493 ? ? 0.406 0.137 ? 6  1 0.950 ? 
1.890 1.940  ? ? ? ? ? ? 685 99.900  ? ? ? ? 0.334 ? ? ? ? ? ? ? ? 8.200 ? 0.498 ? ? 0.355 0.119 ? 7  1 0.960 ? 
1.940 1.990  ? ? ? ? ? ? 695 99.400  ? ? ? ? 0.276 ? ? ? ? ? ? ? ? 8.300 ? 0.509 ? ? 0.293 0.099 ? 8  1 0.973 ? 
1.990 2.050  ? ? ? ? ? ? 684 100.000 ? ? ? ? 0.229 ? ? ? ? ? ? ? ? 8.200 ? 0.691 ? ? 0.243 0.082 ? 9  1 0.979 ? 
2.050 2.120  ? ? ? ? ? ? 687 99.900  ? ? ? ? 0.185 ? ? ? ? ? ? ? ? 8.200 ? 0.672 ? ? 0.197 0.067 ? 10 1 0.984 ? 
2.120 2.190  ? ? ? ? ? ? 683 99.700  ? ? ? ? 0.149 ? ? ? ? ? ? ? ? 7.500 ? 0.684 ? ? 0.160 0.057 ? 11 1 0.987 ? 
2.190 2.280  ? ? ? ? ? ? 698 99.900  ? ? ? ? 0.139 ? ? ? ? ? ? ? ? 8.500 ? 0.757 ? ? 0.148 0.049 ? 12 1 0.991 ? 
2.280 2.380  ? ? ? ? ? ? 708 99.900  ? ? ? ? 0.109 ? ? ? ? ? ? ? ? 8.700 ? 0.850 ? ? 0.115 0.038 ? 13 1 0.995 ? 
2.380 2.510  ? ? ? ? ? ? 695 100.000 ? ? ? ? 0.092 ? ? ? ? ? ? ? ? 8.500 ? 0.858 ? ? 0.098 0.033 ? 14 1 0.997 ? 
2.510 2.670  ? ? ? ? ? ? 709 99.600  ? ? ? ? 0.088 ? ? ? ? ? ? ? ? 8.400 ? 1.019 ? ? 0.094 0.031 ? 15 1 0.995 ? 
2.670 2.870  ? ? ? ? ? ? 695 99.400  ? ? ? ? 0.080 ? ? ? ? ? ? ? ? 7.800 ? 1.218 ? ? 0.086 0.030 ? 16 1 0.996 ? 
2.870 3.160  ? ? ? ? ? ? 717 100.000 ? ? ? ? 0.073 ? ? ? ? ? ? ? ? 8.700 ? 1.466 ? ? 0.077 0.026 ? 17 1 0.997 ? 
3.160 3.620  ? ? ? ? ? ? 723 100.000 ? ? ? ? 0.065 ? ? ? ? ? ? ? ? 8.400 ? 1.915 ? ? 0.069 0.023 ? 18 1 0.997 ? 
3.620 4.560  ? ? ? ? ? ? 736 100.000 ? ? ? ? 0.058 ? ? ? ? ? ? ? ? 7.700 ? 2.086 ? ? 0.062 0.021 ? 19 1 0.998 ? 
4.560 50.000 ? ? ? ? ? ? 800 99.600  ? ? ? ? 0.060 ? ? ? ? ? ? ? ? 7.500 ? 2.071 ? ? 0.065 0.024 ? 20 1 0.995 ? 
# 
_refine.aniso_B[1][1]                            -2.08 
_refine.aniso_B[1][2]                            -0.00 
_refine.aniso_B[1][3]                            0.00 
_refine.aniso_B[2][2]                            2.46 
_refine.aniso_B[2][3]                            -0.00 
_refine.aniso_B[3][3]                            -0.38 
_refine.B_iso_max                                ? 
_refine.B_iso_mean                               26.064 
_refine.B_iso_min                                ? 
_refine.correlation_coeff_Fo_to_Fc               0.940 
_refine.correlation_coeff_Fo_to_Fc_free          0.925 
_refine.details                                  'HYDROGENS HAVE BEEN ADDED IN THE RIDING POSITIONS' 
_refine.diff_density_max                         ? 
_refine.diff_density_max_esd                     ? 
_refine.diff_density_min                         ? 
_refine.diff_density_min_esd                     ? 
_refine.diff_density_rms                         ? 
_refine.diff_density_rms_esd                     ? 
_refine.entry_id                                 6NEY 
_refine.pdbx_refine_id                           'X-RAY DIFFRACTION' 
_refine.ls_abs_structure_details                 ? 
_refine.ls_abs_structure_Flack                   ? 
_refine.ls_abs_structure_Flack_esd               ? 
_refine.ls_abs_structure_Rogers                  ? 
_refine.ls_abs_structure_Rogers_esd              ? 
_refine.ls_d_res_high                            1.68 
_refine.ls_d_res_low                             46.49 
_refine.ls_extinction_coef                       ? 
_refine.ls_extinction_coef_esd                   ? 
_refine.ls_extinction_expression                 ? 
_refine.ls_extinction_method                     ? 
_refine.ls_goodness_of_fit_all                   ? 
_refine.ls_goodness_of_fit_all_esd               ? 
_refine.ls_goodness_of_fit_obs                   ? 
_refine.ls_goodness_of_fit_obs_esd               ? 
_refine.ls_hydrogen_treatment                    ? 
_refine.ls_matrix_type                           ? 
_refine.ls_number_constraints                    ? 
_refine.ls_number_parameters                     ? 
_refine.ls_number_reflns_all                     ? 
_refine.ls_number_reflns_obs                     13004 
_refine.ls_number_reflns_R_free                  675 
_refine.ls_number_reflns_R_work                  ? 
_refine.ls_number_restraints                     ? 
_refine.ls_percent_reflns_obs                    98.38 
_refine.ls_percent_reflns_R_free                 4.9 
_refine.ls_R_factor_all                          ? 
_refine.ls_R_factor_obs                          0.22603 
_refine.ls_R_factor_R_free                       0.26702 
_refine.ls_R_factor_R_free_error                 ? 
_refine.ls_R_factor_R_free_error_details         ? 
_refine.ls_R_factor_R_work                       0.22374 
_refine.ls_R_Fsqd_factor_obs                     ? 
_refine.ls_R_I_factor_obs                        ? 
_refine.ls_redundancy_reflns_all                 ? 
_refine.ls_redundancy_reflns_obs                 ? 
_refine.ls_restrained_S_all                      ? 
_refine.ls_restrained_S_obs                      ? 
_refine.ls_shift_over_esd_max                    ? 
_refine.ls_shift_over_esd_mean                   ? 
_refine.ls_structure_factor_coef                 ? 
_refine.ls_weighting_details                     ? 
_refine.ls_weighting_scheme                      ? 
_refine.ls_wR_factor_all                         ? 
_refine.ls_wR_factor_obs                         ? 
_refine.ls_wR_factor_R_free                      ? 
_refine.ls_wR_factor_R_work                      ? 
_refine.occupancy_max                            ? 
_refine.occupancy_min                            ? 
_refine.solvent_model_details                    MASK 
_refine.solvent_model_param_bsol                 ? 
_refine.solvent_model_param_ksol                 ? 
_refine.ls_R_factor_gt                           ? 
_refine.ls_goodness_of_fit_gt                    ? 
_refine.ls_goodness_of_fit_ref                   ? 
_refine.ls_shift_over_su_max                     ? 
_refine.ls_shift_over_su_max_lt                  ? 
_refine.ls_shift_over_su_mean                    ? 
_refine.ls_shift_over_su_mean_lt                 ? 
_refine.pdbx_ls_sigma_I                          ? 
_refine.pdbx_ls_sigma_F                          ? 
_refine.pdbx_ls_sigma_Fsqd                       ? 
_refine.pdbx_data_cutoff_high_absF               ? 
_refine.pdbx_data_cutoff_high_rms_absF           ? 
_refine.pdbx_data_cutoff_low_absF                ? 
_refine.pdbx_isotropic_thermal_model             ? 
_refine.pdbx_ls_cross_valid_method               THROUGHOUT 
_refine.pdbx_method_to_determine_struct          'MOLECULAR REPLACEMENT' 
_refine.pdbx_starting_model                      5TCM 
_refine.pdbx_stereochemistry_target_values       'MAXIMUM LIKELIHOOD' 
_refine.pdbx_R_Free_selection_details            RANDOM 
_refine.pdbx_stereochem_target_val_spec_case     ? 
_refine.pdbx_overall_ESU_R                       0.127 
_refine.pdbx_overall_ESU_R_Free                  0.126 
_refine.pdbx_solvent_vdw_probe_radii             1.20 
_refine.pdbx_solvent_ion_probe_radii             0.80 
_refine.pdbx_solvent_shrinkage_radii             0.80 
_refine.pdbx_real_space_R                        ? 
_refine.pdbx_density_correlation                 ? 
_refine.pdbx_pd_number_of_powder_patterns        ? 
_refine.pdbx_pd_number_of_points                 ? 
_refine.pdbx_pd_meas_number_of_points            ? 
_refine.pdbx_pd_proc_ls_prof_R_factor            ? 
_refine.pdbx_pd_proc_ls_prof_wR_factor           ? 
_refine.pdbx_pd_Marquardt_correlation_coeff      ? 
_refine.pdbx_pd_Fsqrd_R_factor                   ? 
_refine.pdbx_pd_ls_matrix_band_width             ? 
_refine.pdbx_overall_phase_error                 ? 
_refine.pdbx_overall_SU_R_free_Cruickshank_DPI   ? 
_refine.pdbx_overall_SU_R_free_Blow_DPI          ? 
_refine.pdbx_overall_SU_R_Blow_DPI               ? 
_refine.pdbx_TLS_residual_ADP_flag               ? 
_refine.pdbx_diffrn_id                           1 
_refine.overall_SU_B                             2.902 
_refine.overall_SU_ML                            0.095 
_refine.overall_SU_R_Cruickshank_DPI             ? 
_refine.overall_SU_R_free                        ? 
_refine.overall_FOM_free_R_set                   ? 
_refine.overall_FOM_work_R_set                   ? 
_refine.pdbx_average_fsc_overall                 ? 
_refine.pdbx_average_fsc_work                    ? 
_refine.pdbx_average_fsc_free                    ? 
# 
_refine_hist.pdbx_refine_id                   'X-RAY DIFFRACTION' 
_refine_hist.cycle_id                         1 
_refine_hist.pdbx_number_atoms_protein        951 
_refine_hist.pdbx_number_atoms_nucleic_acid   0 
_refine_hist.pdbx_number_atoms_ligand         0 
_refine_hist.number_atoms_solvent             34 
_refine_hist.number_atoms_total               985 
_refine_hist.d_res_high                       1.68 
_refine_hist.d_res_low                        46.49 
# 
loop_
_refine_ls_restr.pdbx_refine_id 
_refine_ls_restr.criterion 
_refine_ls_restr.dev_ideal 
_refine_ls_restr.dev_ideal_target 
_refine_ls_restr.number 
_refine_ls_restr.rejects 
_refine_ls_restr.type 
_refine_ls_restr.weight 
_refine_ls_restr.pdbx_restraint_function 
'X-RAY DIFFRACTION' ? 0.007  0.013  968  ? r_bond_refined_d             ? ? 
'X-RAY DIFFRACTION' ? 0.001  0.017  880  ? r_bond_other_d               ? ? 
'X-RAY DIFFRACTION' ? 1.502  1.651  1312 ? r_angle_refined_deg          ? ? 
'X-RAY DIFFRACTION' ? 1.388  1.574  2031 ? r_angle_other_deg            ? ? 
'X-RAY DIFFRACTION' ? 6.292  5.000  124  ? r_dihedral_angle_1_deg       ? ? 
'X-RAY DIFFRACTION' ? 32.278 22.292 48   ? r_dihedral_angle_2_deg       ? ? 
'X-RAY DIFFRACTION' ? 14.085 15.000 155  ? r_dihedral_angle_3_deg       ? ? 
'X-RAY DIFFRACTION' ? 14.422 15.000 7    ? r_dihedral_angle_4_deg       ? ? 
'X-RAY DIFFRACTION' ? 0.073  0.200  128  ? r_chiral_restr               ? ? 
'X-RAY DIFFRACTION' ? 0.006  0.020  1101 ? r_gen_planes_refined         ? ? 
'X-RAY DIFFRACTION' ? 0.001  0.020  205  ? r_gen_planes_other           ? ? 
'X-RAY DIFFRACTION' ? ?      ?      ?    ? r_nbd_refined                ? ? 
'X-RAY DIFFRACTION' ? ?      ?      ?    ? r_nbd_other                  ? ? 
'X-RAY DIFFRACTION' ? ?      ?      ?    ? r_nbtor_refined              ? ? 
'X-RAY DIFFRACTION' ? ?      ?      ?    ? r_nbtor_other                ? ? 
'X-RAY DIFFRACTION' ? ?      ?      ?    ? r_xyhbond_nbd_refined        ? ? 
'X-RAY DIFFRACTION' ? ?      ?      ?    ? r_xyhbond_nbd_other          ? ? 
'X-RAY DIFFRACTION' ? ?      ?      ?    ? r_metal_ion_refined          ? ? 
'X-RAY DIFFRACTION' ? ?      ?      ?    ? r_metal_ion_other            ? ? 
'X-RAY DIFFRACTION' ? ?      ?      ?    ? r_symmetry_vdw_refined       ? ? 
'X-RAY DIFFRACTION' ? ?      ?      ?    ? r_symmetry_vdw_other         ? ? 
'X-RAY DIFFRACTION' ? ?      ?      ?    ? r_symmetry_hbond_refined     ? ? 
'X-RAY DIFFRACTION' ? ?      ?      ?    ? r_symmetry_hbond_other       ? ? 
'X-RAY DIFFRACTION' ? ?      ?      ?    ? r_symmetry_metal_ion_refined ? ? 
'X-RAY DIFFRACTION' ? ?      ?      ?    ? r_symmetry_metal_ion_other   ? ? 
'X-RAY DIFFRACTION' ? 1.865  2.772  499  ? r_mcbond_it                  ? ? 
'X-RAY DIFFRACTION' ? 1.865  2.768  498  ? r_mcbond_other               ? ? 
'X-RAY DIFFRACTION' ? 2.782  4.144  622  ? r_mcangle_it                 ? ? 
'X-RAY DIFFRACTION' ? 2.780  4.149  623  ? r_mcangle_other              ? ? 
'X-RAY DIFFRACTION' ? 2.382  3.018  469  ? r_scbond_it                  ? ? 
'X-RAY DIFFRACTION' ? 2.380  3.022  470  ? r_scbond_other               ? ? 
'X-RAY DIFFRACTION' ? ?      ?      ?    ? r_scangle_it                 ? ? 
'X-RAY DIFFRACTION' ? 3.532  4.453  690  ? r_scangle_other              ? ? 
'X-RAY DIFFRACTION' ? 4.414  32.888 1080 ? r_long_range_B_refined       ? ? 
'X-RAY DIFFRACTION' ? 4.412  32.909 1079 ? r_long_range_B_other         ? ? 
'X-RAY DIFFRACTION' ? ?      ?      ?    ? r_rigid_bond_restr           ? ? 
'X-RAY DIFFRACTION' ? ?      ?      ?    ? r_sphericity_free            ? ? 
'X-RAY DIFFRACTION' ? ?      ?      ?    ? r_sphericity_bonded          ? ? 
# 
_refine_ls_shell.pdbx_refine_id                   'X-RAY DIFFRACTION' 
_refine_ls_shell.d_res_high                       1.680 
_refine_ls_shell.d_res_low                        1.724 
_refine_ls_shell.number_reflns_all                ? 
_refine_ls_shell.number_reflns_obs                ? 
_refine_ls_shell.number_reflns_R_free             51 
_refine_ls_shell.number_reflns_R_work             806 
_refine_ls_shell.percent_reflns_obs               87.36 
_refine_ls_shell.percent_reflns_R_free            ? 
_refine_ls_shell.R_factor_all                     ? 
_refine_ls_shell.R_factor_obs                     ? 
_refine_ls_shell.R_factor_R_free                  0.322 
_refine_ls_shell.R_factor_R_free_error            ? 
_refine_ls_shell.R_factor_R_work                  0.294 
_refine_ls_shell.redundancy_reflns_all            ? 
_refine_ls_shell.redundancy_reflns_obs            ? 
_refine_ls_shell.wR_factor_all                    ? 
_refine_ls_shell.wR_factor_obs                    ? 
_refine_ls_shell.wR_factor_R_free                 ? 
_refine_ls_shell.wR_factor_R_work                 ? 
_refine_ls_shell.pdbx_total_number_of_bins_used   20 
_refine_ls_shell.pdbx_phase_error                 ? 
_refine_ls_shell.pdbx_fsc_work                    ? 
_refine_ls_shell.pdbx_fsc_free                    ? 
# 
_struct.entry_id                     6NEY 
_struct.title                        'Crystal structure of TcBDF5, a bromodomain containing protein from Trypanosoma cruzi' 
_struct.pdbx_model_details           ? 
_struct.pdbx_formula_weight          ? 
_struct.pdbx_formula_weight_method   ? 
_struct.pdbx_model_type_details      ? 
_struct.pdbx_CASP_flag               N 
# 
_struct_keywords.entry_id        6NEY 
_struct_keywords.text            'TcBDF5, Structural Genomics, Structural Genomics Consortium, SGC, TRANSCRIPTION' 
_struct_keywords.pdbx_keywords   TRANSCRIPTION 
# 
loop_
_struct_asym.id 
_struct_asym.pdbx_blank_PDB_chainid_flag 
_struct_asym.pdbx_modified 
_struct_asym.entity_id 
_struct_asym.details 
A N N 1 ? 
B N N 2 ? 
# 
loop_
_struct_conf.conf_type_id 
_struct_conf.id 
_struct_conf.pdbx_PDB_helix_id 
_struct_conf.beg_label_comp_id 
_struct_conf.beg_label_asym_id 
_struct_conf.beg_label_seq_id 
_struct_conf.pdbx_beg_PDB_ins_code 
_struct_conf.end_label_comp_id 
_struct_conf.end_label_asym_id 
_struct_conf.end_label_seq_id 
_struct_conf.pdbx_end_PDB_ins_code 
_struct_conf.beg_auth_comp_id 
_struct_conf.beg_auth_asym_id 
_struct_conf.beg_auth_seq_id 
_struct_conf.end_auth_comp_id 
_struct_conf.end_auth_asym_id 
_struct_conf.end_auth_seq_id 
_struct_conf.pdbx_PDB_helix_class 
_struct_conf.details 
_struct_conf.pdbx_PDB_helix_length 
HELX_P HELX_P1 AA1 PRO A 11 ? LEU A 22  ? PRO A 10 LEU A 21  1 ? 12 
HELX_P HELX_P2 AA2 ASP A 23 ? GLU A 28  ? ASP A 22 GLU A 27  5 ? 6  
HELX_P HELX_P3 AA3 ASP A 34 ? TYR A 39  ? ASP A 33 TYR A 38  1 ? 6  
HELX_P HELX_P4 AA4 LEU A 42 ? CYS A 50  ? LEU A 41 CYS A 49  1 ? 9  
HELX_P HELX_P5 AA5 ASP A 55 ? ASN A 65  ? ASP A 54 ASN A 64  1 ? 11 
HELX_P HELX_P6 AA6 LEU A 74 ? GLY A 93  ? LEU A 73 GLY A 92  1 ? 20 
HELX_P HELX_P7 AA7 GLY A 96 ? ARG A 125 ? GLY A 95 ARG A 124 1 ? 30 
# 
_struct_conf_type.id          HELX_P 
_struct_conf_type.criteria    ? 
_struct_conf_type.reference   ? 
# 
_atom_sites.entry_id                    6NEY 
_atom_sites.fract_transf_matrix[1][1]   -0.00293330 
_atom_sites.fract_transf_matrix[1][2]   0.00361594 
_atom_sites.fract_transf_matrix[1][3]   -0.01547261 
_atom_sites.fract_transf_matrix[2][1]   0.00808490 
_atom_sites.fract_transf_matrix[2][2]   -0.01093324 
_atom_sites.fract_transf_matrix[2][3]   -0.00408783 
_atom_sites.fract_transf_matrix[3][1]   -0.03009188 
_atom_sites.fract_transf_matrix[3][2]   -0.02242576 
_atom_sites.fract_transf_matrix[3][3]   0.00046393 
_atom_sites.fract_transf_vector[1]      0.830256 
_atom_sites.fract_transf_vector[2]      -0.137616 
_atom_sites.fract_transf_vector[3]      0.161168 
# 
loop_
_atom_type.symbol 
C 
N 
O 
S 
# 
loop_
_atom_site.group_PDB 
_atom_site.id 
_atom_site.type_symbol 
_atom_site.label_atom_id 
_atom_site.label_alt_id 
_atom_site.label_comp_id 
_atom_site.label_asym_id 
_atom_site.label_entity_id 
_atom_site.label_seq_id 
_atom_site.pdbx_PDB_ins_code 
_atom_site.Cartn_x 
_atom_site.Cartn_y 
_atom_site.Cartn_z 
_atom_site.occupancy 
_atom_site.B_iso_or_equiv 
_atom_site.pdbx_formal_charge 
_atom_site.auth_seq_id 
_atom_site.auth_comp_id 
_atom_site.auth_asym_id 
_atom_site.auth_atom_id 
_atom_site.pdbx_PDB_model_num 
ATOM   1   N N   . ARG A 1 6   ? -10.357 0.763   -20.774 1.00 55.42 ? 5   ARG A N   1 
ATOM   2   C CA  . ARG A 1 6   ? -9.070  0.948   -20.019 1.00 53.65 ? 5   ARG A CA  1 
ATOM   3   C C   . ARG A 1 6   ? -8.649  2.419   -20.080 1.00 51.00 ? 5   ARG A C   1 
ATOM   4   O O   . ARG A 1 6   ? -7.794  2.758   -20.923 1.00 58.56 ? 5   ARG A O   1 
ATOM   5   C CB  . ARG A 1 6   ? -7.962  0.051   -20.583 1.00 52.12 ? 5   ARG A CB  1 
ATOM   6   N N   . GLN A 1 7   ? -9.224  3.249   -19.206 1.00 43.00 ? 6   GLN A N   1 
ATOM   7   C CA  . GLN A 1 7   ? -8.893  4.694   -19.068 1.00 40.03 ? 6   GLN A CA  1 
ATOM   8   C C   . GLN A 1 7   ? -7.793  4.857   -18.014 1.00 35.26 ? 6   GLN A C   1 
ATOM   9   O O   . GLN A 1 7   ? -7.771  4.076   -17.038 1.00 32.93 ? 6   GLN A O   1 
ATOM   10  C CB  . GLN A 1 7   ? -10.121 5.497   -18.646 1.00 40.93 ? 6   GLN A CB  1 
ATOM   11  C CG  . GLN A 1 7   ? -11.100 5.798   -19.770 1.00 42.54 ? 6   GLN A CG  1 
ATOM   12  C CD  . GLN A 1 7   ? -12.248 6.624   -19.241 1.00 45.82 ? 6   GLN A CD  1 
ATOM   13  O OE1 . GLN A 1 7   ? -13.078 6.139   -18.480 1.00 49.90 ? 6   GLN A OE1 1 
ATOM   14  N NE2 . GLN A 1 7   ? -12.307 7.883   -19.640 1.00 49.00 ? 6   GLN A NE2 1 
ATOM   15  N N   . LYS A 1 8   ? -6.911  5.832   -18.210 1.00 32.80 ? 7   LYS A N   1 
ATOM   16  C CA  . LYS A 1 8   ? -5.923  6.253   -17.185 1.00 30.44 ? 7   LYS A CA  1 
ATOM   17  C C   . LYS A 1 8   ? -6.609  7.226   -16.224 1.00 28.58 ? 7   LYS A C   1 
ATOM   18  O O   . LYS A 1 8   ? -6.747  8.448   -16.535 1.00 29.34 ? 7   LYS A O   1 
ATOM   19  C CB  . LYS A 1 8   ? -4.682  6.873   -17.814 1.00 30.51 ? 7   LYS A CB  1 
ATOM   20  C CG  . LYS A 1 8   ? -3.579  7.112   -16.811 1.00 29.34 ? 7   LYS A CG  1 
ATOM   21  C CD  . LYS A 1 8   ? -2.444  7.936   -17.347 1.00 31.28 ? 7   LYS A CD  1 
ATOM   22  C CE  . LYS A 1 8   ? -1.366  8.121   -16.311 1.00 30.13 ? 7   LYS A CE  1 
ATOM   23  N NZ  . LYS A 1 8   ? -0.038  8.315   -16.935 1.00 31.37 ? 7   LYS A NZ  1 
ATOM   24  N N   . PHE A 1 9   ? -7.046  6.714   -15.081 1.00 24.85 ? 8   PHE A N   1 
ATOM   25  C CA  . PHE A 1 9   ? -7.882  7.504   -14.152 1.00 22.75 ? 8   PHE A CA  1 
ATOM   26  C C   . PHE A 1 9   ? -6.973  8.435   -13.350 1.00 21.18 ? 8   PHE A C   1 
ATOM   27  O O   . PHE A 1 9   ? -7.468  9.446   -12.917 1.00 21.56 ? 8   PHE A O   1 
ATOM   28  C CB  . PHE A 1 9   ? -8.693  6.604   -13.219 1.00 23.54 ? 8   PHE A CB  1 
ATOM   29  C CG  . PHE A 1 9   ? -9.826  5.907   -13.922 1.00 23.94 ? 8   PHE A CG  1 
ATOM   30  C CD1 . PHE A 1 9   ? -11.015 6.571   -14.164 1.00 25.80 ? 8   PHE A CD1 1 
ATOM   31  C CD2 . PHE A 1 9   ? -9.686  4.598   -14.360 1.00 27.25 ? 8   PHE A CD2 1 
ATOM   32  C CE1 . PHE A 1 9   ? -12.059 5.940   -14.824 1.00 27.97 ? 8   PHE A CE1 1 
ATOM   33  C CE2 . PHE A 1 9   ? -10.726 3.975   -15.036 1.00 27.47 ? 8   PHE A CE2 1 
ATOM   34  C CZ  . PHE A 1 9   ? -11.907 4.644   -15.259 1.00 27.37 ? 8   PHE A CZ  1 
ATOM   35  N N   . TYR A 1 10  ? -5.707  8.087   -13.136 1.00 20.20 ? 9   TYR A N   1 
ATOM   36  C CA  . TYR A 1 10  ? -4.916  8.709   -12.048 1.00 20.85 ? 9   TYR A CA  1 
ATOM   37  C C   . TYR A 1 10  ? -3.511  9.076   -12.503 1.00 22.17 ? 9   TYR A C   1 
ATOM   38  O O   . TYR A 1 10  ? -2.793  8.268   -13.073 1.00 25.55 ? 9   TYR A O   1 
ATOM   39  C CB  . TYR A 1 10  ? -4.877  7.809   -10.811 1.00 20.35 ? 9   TYR A CB  1 
ATOM   40  C CG  . TYR A 1 10  ? -6.223  7.383   -10.307 1.00 20.73 ? 9   TYR A CG  1 
ATOM   41  C CD1 . TYR A 1 10  ? -7.176  8.325   -9.958  1.00 21.28 ? 9   TYR A CD1 1 
ATOM   42  C CD2 . TYR A 1 10  ? -6.564  6.048   -10.201 1.00 19.99 ? 9   TYR A CD2 1 
ATOM   43  C CE1 . TYR A 1 10  ? -8.421  7.954   -9.485  1.00 21.37 ? 9   TYR A CE1 1 
ATOM   44  C CE2 . TYR A 1 10  ? -7.800  5.658   -9.716  1.00 20.89 ? 9   TYR A CE2 1 
ATOM   45  C CZ  . TYR A 1 10  ? -8.731  6.611   -9.364  1.00 20.93 ? 9   TYR A CZ  1 
ATOM   46  O OH  . TYR A 1 10  ? -9.968  6.254   -8.913  1.00 24.13 ? 9   TYR A OH  1 
ATOM   47  N N   . PRO A 1 11  ? -3.047  10.301  -12.194 1.00 21.23 ? 10  PRO A N   1 
ATOM   48  C CA  . PRO A 1 11  ? -1.680  10.692  -12.515 1.00 21.67 ? 10  PRO A CA  1 
ATOM   49  C C   . PRO A 1 11  ? -0.701  9.981   -11.565 1.00 22.32 ? 10  PRO A C   1 
ATOM   50  O O   . PRO A 1 11  ? -0.968  9.907   -10.380 1.00 19.80 ? 10  PRO A O   1 
ATOM   51  C CB  . PRO A 1 11  ? -1.619  12.215  -12.339 1.00 21.06 ? 10  PRO A CB  1 
ATOM   52  C CG  . PRO A 1 11  ? -2.952  12.616  -11.728 1.00 21.94 ? 10  PRO A CG  1 
ATOM   53  C CD  . PRO A 1 11  ? -3.790  11.369  -11.505 1.00 22.07 ? 10  PRO A CD  1 
ATOM   54  N N   . GLU A 1 12  ? 0.401   9.446   -12.110 1.00 23.11 ? 11  GLU A N   1 
ATOM   55  C CA  . GLU A 1 12  ? 1.435   8.753   -11.296 1.00 25.35 ? 11  GLU A CA  1 
ATOM   56  C C   . GLU A 1 12  ? 1.879   9.674   -10.156 1.00 23.24 ? 11  GLU A C   1 
ATOM   57  O O   . GLU A 1 12  ? 2.096   9.175   -9.037  1.00 22.61 ? 11  GLU A O   1 
ATOM   58  C CB  . GLU A 1 12  ? 2.638   8.367   -12.160 1.00 28.12 ? 11  GLU A CB  1 
ATOM   59  C CG  . GLU A 1 12  ? 2.375   7.199   -13.060 1.00 32.55 ? 11  GLU A CG  1 
ATOM   60  C CD  . GLU A 1 12  ? 1.461   7.503   -14.224 1.00 36.79 ? 11  GLU A CD  1 
ATOM   61  O OE1 . GLU A 1 12  ? 1.394   8.701   -14.663 1.00 33.67 ? 11  GLU A OE1 1 
ATOM   62  O OE2 . GLU A 1 12  ? 0.786   6.550   -14.665 1.00 45.30 ? 11  GLU A OE2 1 
ATOM   63  N N   . GLU A 1 13  ? 1.993   10.982  -10.406 1.00 21.64 ? 12  GLU A N   1 
ATOM   64  C CA  . GLU A 1 13  ? 2.528   11.918  -9.395  1.00 23.68 ? 12  GLU A CA  1 
ATOM   65  C C   . GLU A 1 13  ? 1.636   11.896  -8.145  1.00 21.54 ? 12  GLU A C   1 
ATOM   66  O O   . GLU A 1 13  ? 2.157   11.938  -7.016  1.00 21.74 ? 12  GLU A O   1 
ATOM   67  C CB  . GLU A 1 13  ? 2.672   13.315  -9.993  1.00 25.39 ? 12  GLU A CB  1 
ATOM   68  C CG  . GLU A 1 13  ? 3.663   13.385  -11.153 1.00 31.71 ? 12  GLU A CG  1 
ATOM   69  C CD  . GLU A 1 13  ? 3.156   13.082  -12.563 1.00 34.67 ? 12  GLU A CD  1 
ATOM   70  O OE1 . GLU A 1 13  ? 1.996   12.567  -12.714 1.00 29.17 ? 12  GLU A OE1 1 
ATOM   71  O OE2 . GLU A 1 13  ? 3.943   13.351  -13.533 1.00 34.79 ? 12  GLU A OE2 1 
ATOM   72  N N   . GLU A 1 14  ? 0.325   11.821  -8.341  1.00 22.47 ? 13  GLU A N   1 
ATOM   73  C CA  . GLU A 1 14  ? -0.654  11.806  -7.231  1.00 20.78 ? 13  GLU A CA  1 
ATOM   74  C C   . GLU A 1 14  ? -0.620  10.467  -6.507  1.00 19.95 ? 13  GLU A C   1 
ATOM   75  O O   . GLU A 1 14  ? -0.764  10.474  -5.280  1.00 19.80 ? 13  GLU A O   1 
ATOM   76  C CB  . GLU A 1 14  ? -2.062  12.123  -7.728  1.00 20.60 ? 13  GLU A CB  1 
ATOM   77  C CG  . GLU A 1 14  ? -2.225  13.570  -8.096  1.00 21.58 ? 13  GLU A CG  1 
ATOM   78  C CD  . GLU A 1 14  ? -3.645  13.933  -8.492  1.00 22.84 ? 13  GLU A CD  1 
ATOM   79  O OE1 . GLU A 1 14  ? -4.503  12.994  -8.606  1.00 22.22 ? 13  GLU A OE1 1 
ATOM   80  O OE2 . GLU A 1 14  ? -3.897  15.145  -8.671  1.00 22.72 ? 13  GLU A OE2 1 
ATOM   81  N N   . LEU A 1 15  ? -0.461  9.357   -7.229  1.00 19.67 ? 14  LEU A N   1 
ATOM   82  C CA  . LEU A 1 15  ? -0.449  8.012   -6.623  1.00 20.22 ? 14  LEU A CA  1 
ATOM   83  C C   . LEU A 1 15  ? 0.850   7.823   -5.826  1.00 20.55 ? 14  LEU A C   1 
ATOM   84  O O   . LEU A 1 15  ? 0.827   7.151   -4.791  1.00 20.22 ? 14  LEU A O   1 
ATOM   85  C CB  . LEU A 1 15  ? -0.642  6.949   -7.708  1.00 20.81 ? 14  LEU A CB  1 
ATOM   86  C CG  . LEU A 1 15  ? -2.022  6.914   -8.370  1.00 22.42 ? 14  LEU A CG  1 
ATOM   87  C CD1 . LEU A 1 15  ? -2.212  5.661   -9.212  1.00 26.59 ? 14  LEU A CD1 1 
ATOM   88  C CD2 . LEU A 1 15  ? -3.142  7.015   -7.348  1.00 23.19 ? 14  LEU A CD2 1 
ATOM   89  N N   . VAL A 1 16  ? 1.981   8.331   -6.314  1.00 20.34 ? 15  VAL A N   1 
ATOM   90  C CA  . VAL A 1 16  ? 3.240   8.302   -5.515  1.00 21.74 ? 15  VAL A CA  1 
ATOM   91  C C   . VAL A 1 16  ? 3.003   9.057   -4.204  1.00 20.43 ? 15  VAL A C   1 
ATOM   92  O O   . VAL A 1 16  ? 3.335   8.528   -3.143  1.00 21.07 ? 15  VAL A O   1 
ATOM   93  C CB  . VAL A 1 16  ? 4.427   8.875   -6.309  1.00 22.07 ? 15  VAL A CB  1 
ATOM   94  C CG1 . VAL A 1 16  ? 5.638   9.054   -5.425  1.00 23.94 ? 15  VAL A CG1 1 
ATOM   95  C CG2 . VAL A 1 16  ? 4.750   7.981   -7.495  1.00 23.20 ? 15  VAL A CG2 1 
ATOM   96  N N   . ALA A 1 17  ? 2.424   10.253  -4.274  1.00 19.57 ? 16  ALA A N   1 
ATOM   97  C CA  . ALA A 1 17  ? 2.121   11.087  -3.090  1.00 19.93 ? 16  ALA A CA  1 
ATOM   98  C C   . ALA A 1 17  ? 1.210   10.303  -2.140  1.00 19.10 ? 16  ALA A C   1 
ATOM   99  O O   . ALA A 1 17  ? 1.457   10.364  -0.914  1.00 19.22 ? 16  ALA A O   1 
ATOM   100 C CB  . ALA A 1 17  ? 1.509   12.404  -3.514  1.00 20.96 ? 16  ALA A CB  1 
ATOM   101 N N   . LEU A 1 18  ? 0.175   9.648   -2.678  1.00 17.99 ? 17  LEU A N   1 
ATOM   102 C CA  . LEU A 1 18  ? -0.782  8.833   -1.877  1.00 19.82 ? 17  LEU A CA  1 
ATOM   103 C C   . LEU A 1 18  ? -0.025  7.714   -1.149  1.00 20.48 ? 17  LEU A C   1 
ATOM   104 O O   . LEU A 1 18  ? -0.210  7.533   0.056   1.00 18.74 ? 17  LEU A O   1 
ATOM   105 C CB  . LEU A 1 18  ? -1.842  8.242   -2.814  1.00 19.34 ? 17  LEU A CB  1 
ATOM   106 C CG  . LEU A 1 18  ? -2.864  7.327   -2.147  1.00 20.68 ? 17  LEU A CG  1 
ATOM   107 C CD1 . LEU A 1 18  ? -3.619  8.068   -1.058  1.00 22.63 ? 17  LEU A CD1 1 
ATOM   108 C CD2 . LEU A 1 18  ? -3.817  6.776   -3.197  1.00 21.39 ? 17  LEU A CD2 1 
ATOM   109 N N   . VAL A 1 19  ? 0.817   6.976   -1.867  1.00 19.01 ? 18  VAL A N   1 
ATOM   110 C CA  . VAL A 1 19  ? 1.555   5.841   -1.237  1.00 20.81 ? 18  VAL A CA  1 
ATOM   111 C C   . VAL A 1 19  ? 2.479   6.407   -0.149  1.00 21.59 ? 18  VAL A C   1 
ATOM   112 O O   . VAL A 1 19  ? 2.529   5.841   0.946   1.00 20.85 ? 18  VAL A O   1 
ATOM   113 C CB  . VAL A 1 19  ? 2.357   5.043   -2.272  1.00 21.09 ? 18  VAL A CB  1 
ATOM   114 C CG1 . VAL A 1 19  ? 3.304   4.092   -1.567  1.00 22.47 ? 18  VAL A CG1 1 
ATOM   115 C CG2 . VAL A 1 19  ? 1.452   4.329   -3.275  1.00 21.99 ? 18  VAL A CG2 1 
ATOM   116 N N   . ARG A 1 20  ? 3.182   7.507   -0.427  1.00 22.43 ? 19  ARG A N   1 
ATOM   117 C CA  . ARG A 1 20  ? 4.150   8.075   0.536   1.00 24.41 ? 19  ARG A CA  1 
ATOM   118 C C   . ARG A 1 20  ? 3.388   8.481   1.796   1.00 23.43 ? 19  ARG A C   1 
ATOM   119 O O   . ARG A 1 20  ? 3.947   8.306   2.921   1.00 22.69 ? 19  ARG A O   1 
ATOM   120 C CB  . ARG A 1 20  ? 4.920   9.233   -0.104  1.00 25.96 ? 19  ARG A CB  1 
ATOM   121 C CG  . ARG A 1 20  ? 5.850   8.752   -1.209  1.00 29.97 ? 19  ARG A CG  1 
ATOM   122 C CD  . ARG A 1 20  ? 6.795   9.837   -1.692  1.00 33.48 ? 19  ARG A CD  1 
ATOM   123 N NE  . ARG A 1 20  ? 7.717   10.216  -0.633  1.00 37.63 ? 19  ARG A NE  1 
ATOM   124 C CZ  . ARG A 1 20  ? 8.616   9.390   -0.094  1.00 38.24 ? 19  ARG A CZ  1 
ATOM   125 N N   . SER A 1 21  ? 2.153   8.955   1.620   1.00 20.92 ? 20  SER A N   1 
ATOM   126 C CA  . SER A 1 21  ? 1.290   9.437   2.726   1.00 21.95 ? 20  SER A CA  1 
ATOM   127 C C   . SER A 1 21  ? 0.963   8.263   3.654   1.00 21.16 ? 20  SER A C   1 
ATOM   128 O O   . SER A 1 21  ? 0.593   8.535   4.794   1.00 22.48 ? 20  SER A O   1 
ATOM   129 C CB  . SER A 1 21  ? 0.041   10.151  2.240   1.00 21.04 ? 20  SER A CB  1 
ATOM   130 O OG  . SER A 1 21  ? -0.996  9.250   1.861   1.00 21.81 ? 20  SER A OG  1 
ATOM   131 N N   . LEU A 1 22  ? 1.137   7.009   3.205   1.00 20.41 ? 21  LEU A N   1 
ATOM   132 C CA  . LEU A 1 22  ? 0.794   5.821   4.032   1.00 20.95 ? 21  LEU A CA  1 
ATOM   133 C C   . LEU A 1 22  ? 1.949   5.470   4.974   1.00 20.71 ? 21  LEU A C   1 
ATOM   134 O O   . LEU A 1 22  ? 1.725   4.659   5.887   1.00 20.76 ? 21  LEU A O   1 
ATOM   135 C CB  . LEU A 1 22  ? 0.416   4.631   3.154   1.00 20.20 ? 21  LEU A CB  1 
ATOM   136 C CG  . LEU A 1 22  ? -0.670  4.902   2.116   1.00 21.33 ? 21  LEU A CG  1 
ATOM   137 C CD1 . LEU A 1 22  ? -1.040  3.645   1.364   1.00 22.03 ? 21  LEU A CD1 1 
ATOM   138 C CD2 . LEU A 1 22  ? -1.912  5.536   2.737   1.00 22.73 ? 21  LEU A CD2 1 
ATOM   139 N N   . ASP A 1 23  ? 3.135   6.058   4.793   1.00 21.05 ? 22  ASP A N   1 
ATOM   140 C CA  . ASP A 1 23  ? 4.297   5.795   5.680   1.00 21.64 ? 22  ASP A CA  1 
ATOM   141 C C   . ASP A 1 23  ? 4.212   6.773   6.863   1.00 22.88 ? 22  ASP A C   1 
ATOM   142 O O   . ASP A 1 23  ? 4.660   7.923   6.725   1.00 22.63 ? 22  ASP A O   1 
ATOM   143 C CB  . ASP A 1 23  ? 5.606   5.882   4.901   1.00 23.60 ? 22  ASP A CB  1 
ATOM   144 C CG  . ASP A 1 23  ? 6.854   5.486   5.674   1.00 29.08 ? 22  ASP A CG  1 
ATOM   145 O OD1 . ASP A 1 23  ? 6.749   4.746   6.674   1.00 30.35 ? 22  ASP A OD1 1 
ATOM   146 O OD2 . ASP A 1 23  ? 7.938   5.920   5.250   1.00 35.49 ? 22  ASP A OD2 1 
ATOM   147 N N   . ARG A 1 24  ? 3.615   6.330   7.964   1.00 20.60 ? 23  ARG A N   1 
ATOM   148 C CA  . ARG A 1 24  ? 3.392   7.147   9.178   1.00 20.84 ? 23  ARG A CA  1 
ATOM   149 C C   . ARG A 1 24  ? 4.505   6.866   10.182  1.00 20.97 ? 23  ARG A C   1 
ATOM   150 O O   . ARG A 1 24  ? 4.823   5.712   10.502  1.00 18.31 ? 23  ARG A O   1 
ATOM   151 C CB  . ARG A 1 24  ? 2.051   6.798   9.831   1.00 21.01 ? 23  ARG A CB  1 
ATOM   152 C CG  . ARG A 1 24  ? 0.860   6.916   8.892   1.00 21.43 ? 23  ARG A CG  1 
ATOM   153 C CD  . ARG A 1 24  ? -0.423  6.807   9.684   1.00 21.39 ? 23  ARG A CD  1 
ATOM   154 N NE  . ARG A 1 24  ? -0.588  5.484   10.301  1.00 21.82 ? 23  ARG A NE  1 
ATOM   155 C CZ  . ARG A 1 24  ? -1.611  5.131   11.063  1.00 21.21 ? 23  ARG A CZ  1 
ATOM   156 N NH1 . ARG A 1 24  ? -1.650  3.922   11.601  1.00 20.76 ? 23  ARG A NH1 1 
ATOM   157 N NH2 . ARG A 1 24  ? -2.582  5.998   11.301  1.00 20.99 ? 23  ARG A NH2 1 
ATOM   158 N N   . PRO A 1 25  ? 5.106   7.932   10.747  1.00 20.80 ? 24  PRO A N   1 
ATOM   159 C CA  . PRO A 1 25  ? 6.086   7.778   11.822  1.00 21.80 ? 24  PRO A CA  1 
ATOM   160 C C   . PRO A 1 25  ? 5.597   6.883   12.974  1.00 20.62 ? 24  PRO A C   1 
ATOM   161 O O   . PRO A 1 25  ? 6.388   6.125   13.495  1.00 18.49 ? 24  PRO A O   1 
ATOM   162 C CB  . PRO A 1 25  ? 6.271   9.216   12.339  1.00 22.64 ? 24  PRO A CB  1 
ATOM   163 C CG  . PRO A 1 25  ? 5.880   10.102  11.194  1.00 23.28 ? 24  PRO A CG  1 
ATOM   164 C CD  . PRO A 1 25  ? 4.862   9.338   10.390  1.00 22.76 ? 24  PRO A CD  1 
ATOM   165 N N   . GLN A 1 26  ? 4.310   6.965   13.328  1.00 19.82 ? 25  GLN A N   1 
ATOM   166 C CA  . GLN A 1 26  ? 3.721   6.194   14.458  1.00 19.01 ? 25  GLN A CA  1 
ATOM   167 C C   . GLN A 1 26  ? 3.807   4.684   14.183  1.00 17.95 ? 25  GLN A C   1 
ATOM   168 O O   . GLN A 1 26  ? 3.740   3.891   15.151  1.00 18.29 ? 25  GLN A O   1 
ATOM   169 C CB  . GLN A 1 26  ? 2.280   6.640   14.733  1.00 20.15 ? 25  GLN A CB  1 
ATOM   170 C CG  . GLN A 1 26  ? 1.318   6.315   13.612  1.00 21.28 ? 25  GLN A CG  1 
ATOM   171 C CD  . GLN A 1 26  ? -0.104  6.537   14.043  1.00 22.51 ? 25  GLN A CD  1 
ATOM   172 O OE1 . GLN A 1 26  ? -0.703  5.676   14.697  1.00 25.17 ? 25  GLN A OE1 1 
ATOM   173 N NE2 . GLN A 1 26  ? -0.625  7.688   13.663  1.00 22.18 ? 25  GLN A NE2 1 
ATOM   174 N N   . ASP A 1 27  ? 3.958   4.281   12.916  1.00 18.53 ? 26  ASP A N   1 
ATOM   175 C CA  . ASP A 1 27  ? 3.970   2.848   12.507  1.00 19.33 ? 26  ASP A CA  1 
ATOM   176 C C   . ASP A 1 27  ? 5.401   2.284   12.523  1.00 20.06 ? 26  ASP A C   1 
ATOM   177 O O   . ASP A 1 27  ? 5.566   1.080   12.180  1.00 18.99 ? 26  ASP A O   1 
ATOM   178 C CB  . ASP A 1 27  ? 3.281   2.673   11.153  1.00 18.85 ? 26  ASP A CB  1 
ATOM   179 C CG  . ASP A 1 27  ? 1.804   3.025   11.129  1.00 20.70 ? 26  ASP A CG  1 
ATOM   180 O OD1 . ASP A 1 27  ? 1.161   3.027   12.217  1.00 19.71 ? 26  ASP A OD1 1 
ATOM   181 O OD2 . ASP A 1 27  ? 1.313   3.336   10.025  1.00 20.16 ? 26  ASP A OD2 1 
ATOM   182 N N   . GLU A 1 28  ? 6.392   3.103   12.938  1.00 20.05 ? 27  GLU A N   1 
ATOM   183 C CA  . GLU A 1 28  ? 7.777   2.677   13.299  1.00 22.03 ? 27  GLU A CA  1 
ATOM   184 C C   . GLU A 1 28  ? 8.377   1.817   12.180  1.00 21.32 ? 27  GLU A C   1 
ATOM   185 O O   . GLU A 1 28  ? 9.107   0.837   12.484  1.00 22.64 ? 27  GLU A O   1 
ATOM   186 C CB  . GLU A 1 28  ? 7.882   2.013   14.678  1.00 23.99 ? 27  GLU A CB  1 
ATOM   187 C CG  . GLU A 1 28  ? 7.093   0.740   14.869  1.00 23.87 ? 27  GLU A CG  1 
ATOM   188 C CD  . GLU A 1 28  ? 7.285   0.118   16.247  1.00 28.94 ? 27  GLU A CD  1 
ATOM   189 O OE1 . GLU A 1 28  ? 6.679   0.621   17.200  1.00 24.18 ? 27  GLU A OE1 1 
ATOM   190 O OE2 . GLU A 1 28  ? 8.065   -0.868  16.366  1.00 28.86 ? 27  GLU A OE2 1 
ATOM   191 N N   . GLY A 1 29  ? 8.130   2.219   10.937  1.00 20.11 ? 28  GLY A N   1 
ATOM   192 C CA  . GLY A 1 29  ? 8.801   1.689   9.745   1.00 22.26 ? 28  GLY A CA  1 
ATOM   193 C C   . GLY A 1 29  ? 8.333   0.285   9.400   1.00 21.20 ? 28  GLY A C   1 
ATOM   194 O O   . GLY A 1 29  ? 8.971   -0.341  8.567   1.00 20.07 ? 28  GLY A O   1 
ATOM   195 N N   . LEU A 1 30  ? 7.257   -0.195  10.022  1.00 20.93 ? 29  LEU A N   1 
ATOM   196 C CA  . LEU A 1 30  ? 6.811   -1.601  9.866   1.00 22.53 ? 29  LEU A CA  1 
ATOM   197 C C   . LEU A 1 30  ? 6.586   -1.901  8.380   1.00 20.84 ? 29  LEU A C   1 
ATOM   198 O O   . LEU A 1 30  ? 6.997   -2.965  7.934   1.00 21.21 ? 29  LEU A O   1 
ATOM   199 C CB  . LEU A 1 30  ? 5.543   -1.792  10.700  1.00 23.12 ? 29  LEU A CB  1 
ATOM   200 C CG  . LEU A 1 30  ? 4.938   -3.188  10.769  1.00 26.59 ? 29  LEU A CG  1 
ATOM   201 C CD1 . LEU A 1 30  ? 5.974   -4.250  11.133  1.00 28.41 ? 29  LEU A CD1 1 
ATOM   202 C CD2 . LEU A 1 30  ? 3.811   -3.181  11.806  1.00 25.16 ? 29  LEU A CD2 1 
ATOM   203 N N   . PHE A 1 31  ? 6.001   -0.969  7.626   1.00 19.71 ? 30  PHE A N   1 
ATOM   204 C CA  . PHE A 1 31  ? 5.632   -1.190  6.208   1.00 20.61 ? 30  PHE A CA  1 
ATOM   205 C C   . PHE A 1 31  ? 6.582   -0.447  5.271   1.00 21.01 ? 30  PHE A C   1 
ATOM   206 O O   . PHE A 1 31  ? 6.406   -0.569  4.052   1.00 23.95 ? 30  PHE A O   1 
ATOM   207 C CB  . PHE A 1 31  ? 4.147   -0.850  6.022   1.00 20.43 ? 30  PHE A CB  1 
ATOM   208 C CG  . PHE A 1 31  ? 3.293   -1.710  6.913   1.00 21.18 ? 30  PHE A CG  1 
ATOM   209 C CD1 . PHE A 1 31  ? 3.200   -3.071  6.669   1.00 20.86 ? 30  PHE A CD1 1 
ATOM   210 C CD2 . PHE A 1 31  ? 2.671   -1.184  8.037   1.00 20.55 ? 30  PHE A CD2 1 
ATOM   211 C CE1 . PHE A 1 31  ? 2.444   -3.890  7.496   1.00 21.50 ? 30  PHE A CE1 1 
ATOM   212 C CE2 . PHE A 1 31  ? 1.946   -2.014  8.880   1.00 20.51 ? 30  PHE A CE2 1 
ATOM   213 C CZ  . PHE A 1 31  ? 1.830   -3.354  8.607   1.00 20.23 ? 30  PHE A CZ  1 
ATOM   214 N N   . SER A 1 32  ? 7.524   0.344   5.778   1.00 21.56 ? 31  SER A N   1 
ATOM   215 C CA  . SER A 1 32  ? 8.366   1.166   4.871   1.00 26.00 ? 31  SER A CA  1 
ATOM   216 C C   . SER A 1 32  ? 9.785   0.604   4.849   1.00 31.22 ? 31  SER A C   1 
ATOM   217 O O   . SER A 1 32  ? 10.482  0.871   3.870   1.00 30.73 ? 31  SER A O   1 
ATOM   218 C CB  . SER A 1 32  ? 8.338   2.607   5.230   1.00 26.69 ? 31  SER A CB  1 
ATOM   219 O OG  . SER A 1 32  ? 8.463   2.793   6.638   1.00 26.25 ? 31  SER A OG  1 
ATOM   220 N N   . MET A 1 33  ? 10.167  -0.155  5.883   1.00 34.19 ? 32  MET A N   1 
ATOM   221 C CA  . MET A 1 33  ? 11.501  -0.802  5.958   1.00 36.85 ? 32  MET A CA  1 
ATOM   222 C C   . MET A 1 33  ? 11.592  -1.857  4.854   1.00 36.66 ? 32  MET A C   1 
ATOM   223 O O   . MET A 1 33  ? 10.550  -2.447  4.468   1.00 36.19 ? 32  MET A O   1 
ATOM   224 C CB  . MET A 1 33  ? 11.785  -1.423  7.336   1.00 38.54 ? 32  MET A CB  1 
ATOM   225 C CG  . MET A 1 33  ? 11.199  -2.805  7.575   1.00 39.69 ? 32  MET A CG  1 
ATOM   226 S SD  . MET A 1 33  ? 11.810  -3.532  9.155   1.00 44.08 ? 32  MET A SD  1 
ATOM   227 C CE  . MET A 1 33  ? 10.547  -2.989  10.306  1.00 42.60 ? 32  MET A CE  1 
ATOM   228 N N   . ASP A 1 34  ? 12.804  -2.060  4.340   1.00 37.21 ? 33  ASP A N   1 
ATOM   229 C CA  . ASP A 1 34  ? 13.125  -3.149  3.383   1.00 36.85 ? 33  ASP A CA  1 
ATOM   230 C C   . ASP A 1 34  ? 13.556  -4.362  4.220   1.00 36.61 ? 33  ASP A C   1 
ATOM   231 O O   . ASP A 1 34  ? 14.731  -4.380  4.675   1.00 39.79 ? 33  ASP A O   1 
ATOM   232 C CB  . ASP A 1 34  ? 14.183  -2.662  2.396   1.00 41.33 ? 33  ASP A CB  1 
ATOM   233 C CG  . ASP A 1 34  ? 14.520  -3.645  1.291   1.00 44.46 ? 33  ASP A CG  1 
ATOM   234 O OD1 . ASP A 1 34  ? 14.175  -4.841  1.434   1.00 47.39 ? 33  ASP A OD1 1 
ATOM   235 O OD2 . ASP A 1 34  ? 15.129  -3.199  0.295   1.00 47.41 ? 33  ASP A OD2 1 
ATOM   236 N N   . VAL A 1 35  ? 12.638  -5.301  4.463   1.00 35.58 ? 34  VAL A N   1 
ATOM   237 C CA  . VAL A 1 35  ? 12.770  -6.313  5.562   1.00 38.78 ? 34  VAL A CA  1 
ATOM   238 C C   . VAL A 1 35  ? 14.117  -7.017  5.384   1.00 39.41 ? 34  VAL A C   1 
ATOM   239 O O   . VAL A 1 35  ? 14.922  -7.039  6.334   1.00 42.31 ? 34  VAL A O   1 
ATOM   240 C CB  . VAL A 1 35  ? 11.590  -7.309  5.563   1.00 39.09 ? 34  VAL A CB  1 
ATOM   241 C CG1 . VAL A 1 35  ? 11.819  -8.512  6.477   1.00 38.82 ? 34  VAL A CG1 1 
ATOM   242 C CG2 . VAL A 1 35  ? 10.277  -6.610  5.918   1.00 42.77 ? 34  VAL A CG2 1 
ATOM   243 N N   . LEU A 1 36  ? 14.380  -7.507  4.172   1.00 44.16 ? 35  LEU A N   1 
ATOM   244 C CA  . LEU A 1 36  ? 15.545  -8.384  3.881   1.00 43.65 ? 35  LEU A CA  1 
ATOM   245 C C   . LEU A 1 36  ? 16.810  -7.545  3.645   1.00 47.33 ? 35  LEU A C   1 
ATOM   246 O O   . LEU A 1 36  ? 17.845  -8.164  3.360   1.00 52.02 ? 35  LEU A O   1 
ATOM   247 C CB  . LEU A 1 36  ? 15.208  -9.289  2.689   1.00 42.10 ? 35  LEU A CB  1 
ATOM   248 C CG  . LEU A 1 36  ? 14.201  -10.405 2.973   1.00 43.88 ? 35  LEU A CG  1 
ATOM   249 C CD1 . LEU A 1 36  ? 14.139  -11.407 1.828   1.00 45.19 ? 35  LEU A CD1 1 
ATOM   250 C CD2 . LEU A 1 36  ? 14.523  -11.131 4.272   1.00 43.65 ? 35  LEU A CD2 1 
ATOM   251 N N   . VAL A 1 37  ? 16.743  -6.210  3.784   1.00 46.60 ? 36  VAL A N   1 
ATOM   252 C CA  . VAL A 1 37  ? 17.930  -5.311  3.942   1.00 45.69 ? 36  VAL A CA  1 
ATOM   253 C C   . VAL A 1 37  ? 18.256  -5.154  5.435   1.00 43.81 ? 36  VAL A C   1 
ATOM   254 O O   . VAL A 1 37  ? 19.442  -5.290  5.793   1.00 44.98 ? 36  VAL A O   1 
ATOM   255 C CB  . VAL A 1 37  ? 17.726  -3.939  3.268   1.00 49.01 ? 36  VAL A CB  1 
ATOM   256 C CG1 . VAL A 1 37  ? 18.798  -2.938  3.686   1.00 53.01 ? 36  VAL A CG1 1 
ATOM   257 C CG2 . VAL A 1 37  ? 17.672  -4.055  1.750   1.00 50.77 ? 36  VAL A CG2 1 
ATOM   258 N N   . VAL A 1 38  ? 17.256  -4.880  6.283   1.00 44.16 ? 37  VAL A N   1 
ATOM   259 C CA  . VAL A 1 38  ? 17.450  -4.681  7.754   1.00 39.61 ? 37  VAL A CA  1 
ATOM   260 C C   . VAL A 1 38  ? 17.846  -6.028  8.378   1.00 40.19 ? 37  VAL A C   1 
ATOM   261 O O   . VAL A 1 38  ? 18.739  -6.037  9.249   1.00 41.78 ? 37  VAL A O   1 
ATOM   262 C CB  . VAL A 1 38  ? 16.197  -4.092  8.431   1.00 44.21 ? 37  VAL A CB  1 
ATOM   263 C CG1 . VAL A 1 38  ? 16.448  -3.769  9.900   1.00 45.75 ? 37  VAL A CG1 1 
ATOM   264 C CG2 . VAL A 1 38  ? 15.682  -2.856  7.702   1.00 42.67 ? 37  VAL A CG2 1 
ATOM   265 N N   . TYR A 1 39  ? 17.212  -7.116  7.930   1.00 42.01 ? 38  TYR A N   1 
ATOM   266 C CA  . TYR A 1 39  ? 17.362  -8.499  8.458   1.00 41.34 ? 38  TYR A CA  1 
ATOM   267 C C   . TYR A 1 39  ? 17.679  -9.444  7.296   1.00 37.83 ? 38  TYR A C   1 
ATOM   268 O O   . TYR A 1 39  ? 16.823  -10.218 6.871   1.00 32.35 ? 38  TYR A O   1 
ATOM   269 C CB  . TYR A 1 39  ? 16.092  -8.902  9.213   1.00 42.48 ? 38  TYR A CB  1 
ATOM   270 C CG  . TYR A 1 39  ? 15.627  -7.866  10.205  1.00 48.17 ? 38  TYR A CG  1 
ATOM   271 C CD1 . TYR A 1 39  ? 16.309  -7.667  11.397  1.00 51.26 ? 38  TYR A CD1 1 
ATOM   272 C CD2 . TYR A 1 39  ? 14.530  -7.061  9.943   1.00 48.85 ? 38  TYR A CD2 1 
ATOM   273 C CE1 . TYR A 1 39  ? 15.909  -6.702  12.308  1.00 52.03 ? 38  TYR A CE1 1 
ATOM   274 C CE2 . TYR A 1 39  ? 14.114  -6.093  10.845  1.00 50.27 ? 38  TYR A CE2 1 
ATOM   275 C CZ  . TYR A 1 39  ? 14.808  -5.913  12.028  1.00 52.77 ? 38  TYR A CZ  1 
ATOM   276 O OH  . TYR A 1 39  ? 14.412  -4.964  12.922  1.00 55.14 ? 38  TYR A OH  1 
ATOM   277 N N   . PRO A 1 40  ? 18.905  -9.379  6.727   1.00 38.67 ? 39  PRO A N   1 
ATOM   278 C CA  . PRO A 1 40  ? 19.301  -10.256 5.617   1.00 37.35 ? 39  PRO A CA  1 
ATOM   279 C C   . PRO A 1 40  ? 19.185  -11.753 5.956   1.00 33.80 ? 39  PRO A C   1 
ATOM   280 O O   . PRO A 1 40  ? 18.950  -12.564 5.059   1.00 28.79 ? 39  PRO A O   1 
ATOM   281 C CB  . PRO A 1 40  ? 20.771  -9.896  5.353   1.00 38.29 ? 39  PRO A CB  1 
ATOM   282 C CG  . PRO A 1 40  ? 20.980  -8.535  5.998   1.00 41.17 ? 39  PRO A CG  1 
ATOM   283 C CD  . PRO A 1 40  ? 19.966  -8.436  7.115   1.00 40.66 ? 39  PRO A CD  1 
ATOM   284 N N   . HIS A 1 41  ? 19.332  -12.099 7.241   1.00 32.85 ? 40  HIS A N   1 
ATOM   285 C CA  . HIS A 1 41  ? 19.314  -13.502 7.742   1.00 34.21 ? 40  HIS A CA  1 
ATOM   286 C C   . HIS A 1 41  ? 17.912  -14.113 7.633   1.00 34.16 ? 40  HIS A C   1 
ATOM   287 O O   . HIS A 1 41  ? 17.810  -15.356 7.701   1.00 33.35 ? 40  HIS A O   1 
ATOM   288 C CB  . HIS A 1 41  ? 19.837  -13.575 9.185   1.00 35.05 ? 40  HIS A CB  1 
ATOM   289 C CG  . HIS A 1 41  ? 19.137  -12.657 10.128  1.00 35.18 ? 40  HIS A CG  1 
ATOM   290 N ND1 . HIS A 1 41  ? 19.591  -11.371 10.374  1.00 39.47 ? 40  HIS A ND1 1 
ATOM   291 C CD2 . HIS A 1 41  ? 18.052  -12.839 10.913  1.00 37.22 ? 40  HIS A CD2 1 
ATOM   292 C CE1 . HIS A 1 41  ? 18.803  -10.796 11.266  1.00 35.23 ? 40  HIS A CE1 1 
ATOM   293 N NE2 . HIS A 1 41  ? 17.844  -11.677 11.598  1.00 35.06 ? 40  HIS A NE2 1 
ATOM   294 N N   . LEU A 1 42  ? 16.859  -13.301 7.460   1.00 33.64 ? 41  LEU A N   1 
ATOM   295 C CA  . LEU A 1 42  ? 15.462  -13.814 7.371   1.00 34.66 ? 41  LEU A CA  1 
ATOM   296 C C   . LEU A 1 42  ? 15.121  -14.359 5.971   1.00 35.03 ? 41  LEU A C   1 
ATOM   297 O O   . LEU A 1 42  ? 14.034  -14.946 5.860   1.00 35.11 ? 41  LEU A O   1 
ATOM   298 C CB  . LEU A 1 42  ? 14.489  -12.696 7.763   1.00 35.25 ? 41  LEU A CB  1 
ATOM   299 C CG  . LEU A 1 42  ? 14.473  -12.317 9.244   1.00 36.86 ? 41  LEU A CG  1 
ATOM   300 C CD1 . LEU A 1 42  ? 13.385  -11.273 9.514   1.00 37.95 ? 41  LEU A CD1 1 
ATOM   301 C CD2 . LEU A 1 42  ? 14.268  -13.540 10.128  1.00 36.65 ? 41  LEU A CD2 1 
ATOM   302 N N   . GLU A 1 43  ? 16.014  -14.249 4.972   1.00 34.50 ? 42  GLU A N   1 
ATOM   303 C CA  . GLU A 1 43  ? 15.723  -14.560 3.539   1.00 38.56 ? 42  GLU A CA  1 
ATOM   304 C C   . GLU A 1 43  ? 14.907  -15.854 3.403   1.00 37.04 ? 42  GLU A C   1 
ATOM   305 O O   . GLU A 1 43  ? 13.845  -15.794 2.759   1.00 37.34 ? 42  GLU A O   1 
ATOM   306 C CB  . GLU A 1 43  ? 17.014  -14.647 2.718   1.00 45.03 ? 42  GLU A CB  1 
ATOM   307 C CG  . GLU A 1 43  ? 16.815  -14.464 1.221   1.00 49.10 ? 42  GLU A CG  1 
ATOM   308 C CD  . GLU A 1 43  ? 17.814  -13.487 0.617   1.00 53.38 ? 42  GLU A CD  1 
ATOM   309 O OE1 . GLU A 1 43  ? 17.721  -12.283 0.928   1.00 55.48 ? 42  GLU A OE1 1 
ATOM   310 O OE2 . GLU A 1 43  ? 18.712  -13.938 -0.124  1.00 58.44 ? 42  GLU A OE2 1 
ATOM   311 N N   . GLN A 1 44  ? 15.381  -16.982 3.950   1.00 35.62 ? 43  GLN A N   1 
ATOM   312 C CA  . GLN A 1 44  ? 14.754  -18.323 3.754   1.00 36.11 ? 43  GLN A CA  1 
ATOM   313 C C   . GLN A 1 44  ? 13.412  -18.400 4.498   1.00 37.94 ? 43  GLN A C   1 
ATOM   314 O O   . GLN A 1 44  ? 12.374  -18.665 3.842   1.00 39.56 ? 43  GLN A O   1 
ATOM   315 C CB  . GLN A 1 44  ? 15.671  -19.444 4.251   1.00 39.09 ? 43  GLN A CB  1 
ATOM   316 C CG  . GLN A 1 44  ? 15.121  -20.841 3.996   1.00 36.50 ? 43  GLN A CG  1 
ATOM   317 N N   . GLU A 1 45  ? 13.437  -18.200 5.815   1.00 39.79 ? 44  GLU A N   1 
ATOM   318 C CA  . GLU A 1 45  ? 12.248  -18.308 6.699   1.00 42.17 ? 44  GLU A CA  1 
ATOM   319 C C   . GLU A 1 45  ? 11.172  -17.334 6.211   1.00 42.13 ? 44  GLU A C   1 
ATOM   320 O O   . GLU A 1 45  ? 9.988   -17.749 6.112   1.00 40.61 ? 44  GLU A O   1 
ATOM   321 C CB  . GLU A 1 45  ? 12.607  -17.983 8.148   1.00 41.89 ? 44  GLU A CB  1 
ATOM   322 C CG  . GLU A 1 45  ? 11.532  -18.399 9.138   1.00 43.32 ? 44  GLU A CG  1 
ATOM   323 C CD  . GLU A 1 45  ? 11.616  -17.736 10.505  1.00 45.18 ? 44  GLU A CD  1 
ATOM   324 O OE1 . GLU A 1 45  ? 12.553  -16.946 10.730  1.00 46.69 ? 44  GLU A OE1 1 
ATOM   325 O OE2 . GLU A 1 45  ? 10.739  -18.015 11.347  1.00 49.85 ? 44  GLU A OE2 1 
ATOM   326 N N   . TYR A 1 46  ? 11.573  -16.094 5.917   1.00 43.10 ? 45  TYR A N   1 
ATOM   327 C CA  . TYR A 1 46  ? 10.645  -15.018 5.485   1.00 44.93 ? 45  TYR A CA  1 
ATOM   328 C C   . TYR A 1 46  ? 10.007  -15.387 4.142   1.00 45.61 ? 45  TYR A C   1 
ATOM   329 O O   . TYR A 1 46  ? 8.774   -15.200 4.019   1.00 47.74 ? 45  TYR A O   1 
ATOM   330 C CB  . TYR A 1 46  ? 11.313  -13.645 5.395   1.00 45.31 ? 45  TYR A CB  1 
ATOM   331 C CG  . TYR A 1 46  ? 10.275  -12.558 5.292   1.00 48.77 ? 45  TYR A CG  1 
ATOM   332 C CD1 . TYR A 1 46  ? 9.377   -12.358 6.327   1.00 48.12 ? 45  TYR A CD1 1 
ATOM   333 C CD2 . TYR A 1 46  ? 10.120  -11.800 4.143   1.00 50.83 ? 45  TYR A CD2 1 
ATOM   334 C CE1 . TYR A 1 46  ? 8.384   -11.396 6.251   1.00 51.75 ? 45  TYR A CE1 1 
ATOM   335 C CE2 . TYR A 1 46  ? 9.134   -10.830 4.053   1.00 51.01 ? 45  TYR A CE2 1 
ATOM   336 C CZ  . TYR A 1 46  ? 8.256   -10.635 5.105   1.00 51.21 ? 45  TYR A CZ  1 
ATOM   337 O OH  . TYR A 1 46  ? 7.276   -9.690  5.027   1.00 53.62 ? 45  TYR A OH  1 
ATOM   338 N N   . THR A 1 47  ? 10.790  -15.900 3.184   1.00 41.75 ? 46  THR A N   1 
ATOM   339 C CA  . THR A 1 47  ? 10.304  -16.187 1.802   1.00 45.63 ? 46  THR A CA  1 
ATOM   340 C C   . THR A 1 47  ? 9.519   -17.503 1.820   1.00 46.30 ? 46  THR A C   1 
ATOM   341 O O   . THR A 1 47  ? 8.648   -17.674 0.946   1.00 48.95 ? 46  THR A O   1 
ATOM   342 C CB  . THR A 1 47  ? 11.434  -16.148 0.762   1.00 45.72 ? 46  THR A CB  1 
ATOM   343 O OG1 . THR A 1 47  ? 12.385  -17.157 1.091   1.00 41.82 ? 46  THR A OG1 1 
ATOM   344 C CG2 . THR A 1 47  ? 12.110  -14.794 0.679   1.00 47.49 ? 46  THR A CG2 1 
ATOM   345 N N   . ARG A 1 48  ? 9.792   -18.366 2.806   1.00 48.29 ? 47  ARG A N   1 
ATOM   346 C CA  . ARG A 1 48  ? 9.009   -19.595 3.105   1.00 46.58 ? 47  ARG A CA  1 
ATOM   347 C C   . ARG A 1 48  ? 7.592   -19.205 3.555   1.00 47.79 ? 47  ARG A C   1 
ATOM   348 O O   . ARG A 1 48  ? 6.629   -19.574 2.858   1.00 51.47 ? 47  ARG A O   1 
ATOM   349 C CB  . ARG A 1 48  ? 9.722   -20.417 4.182   1.00 46.28 ? 47  ARG A CB  1 
ATOM   350 N N   . VAL A 1 49  ? 7.474   -18.479 4.671   1.00 44.58 ? 48  VAL A N   1 
ATOM   351 C CA  . VAL A 1 49  ? 6.168   -18.093 5.291   1.00 43.86 ? 48  VAL A CA  1 
ATOM   352 C C   . VAL A 1 49  ? 5.439   -17.073 4.398   1.00 42.10 ? 48  VAL A C   1 
ATOM   353 O O   . VAL A 1 49  ? 4.189   -17.125 4.361   1.00 41.34 ? 48  VAL A O   1 
ATOM   354 C CB  . VAL A 1 49  ? 6.362   -17.545 6.717   1.00 43.94 ? 48  VAL A CB  1 
ATOM   355 N N   . CYS A 1 50  ? 6.181   -16.185 3.727   1.00 39.69 ? 49  CYS A N   1 
ATOM   356 C CA  . CYS A 1 50  ? 5.655   -15.080 2.871   1.00 39.99 ? 49  CYS A CA  1 
ATOM   357 C C   . CYS A 1 50  ? 6.289   -15.152 1.477   1.00 41.70 ? 49  CYS A C   1 
ATOM   358 O O   . CYS A 1 50  ? 7.180   -14.362 1.160   1.00 39.70 ? 49  CYS A O   1 
ATOM   359 C CB  . CYS A 1 50  ? 5.942   -13.717 3.497   1.00 39.27 ? 49  CYS A CB  1 
ATOM   360 S SG  . CYS A 1 50  ? 5.280   -13.499 5.175   1.00 36.81 ? 49  CYS A SG  1 
ATOM   361 N N   . PRO A 1 51  ? 5.845   -16.080 0.590   1.00 40.53 ? 50  PRO A N   1 
ATOM   362 C CA  . PRO A 1 51  ? 6.422   -16.219 -0.755  1.00 39.54 ? 50  PRO A CA  1 
ATOM   363 C C   . PRO A 1 51  ? 6.042   -15.106 -1.746  1.00 38.67 ? 50  PRO A C   1 
ATOM   364 O O   . PRO A 1 51  ? 6.564   -15.093 -2.846  1.00 36.85 ? 50  PRO A O   1 
ATOM   365 C CB  . PRO A 1 51  ? 5.857   -17.560 -1.261  1.00 41.39 ? 50  PRO A CB  1 
ATOM   366 C CG  . PRO A 1 51  ? 4.550   -17.727 -0.504  1.00 40.66 ? 50  PRO A CG  1 
ATOM   367 C CD  . PRO A 1 51  ? 4.783   -17.068 0.843   1.00 42.26 ? 50  PRO A CD  1 
ATOM   368 N N   . LYS A 1 52  ? 5.126   -14.220 -1.355  1.00 36.44 ? 51  LYS A N   1 
ATOM   369 C CA  . LYS A 1 52  ? 4.781   -12.992 -2.112  1.00 38.27 ? 51  LYS A CA  1 
ATOM   370 C C   . LYS A 1 52  ? 4.940   -11.822 -1.135  1.00 39.78 ? 51  LYS A C   1 
ATOM   371 O O   . LYS A 1 52  ? 4.367   -11.897 -0.031  1.00 40.98 ? 51  LYS A O   1 
ATOM   372 C CB  . LYS A 1 52  ? 3.369   -13.134 -2.693  1.00 37.45 ? 51  LYS A CB  1 
ATOM   373 C CG  . LYS A 1 52  ? 3.024   -12.207 -3.851  1.00 40.27 ? 51  LYS A CG  1 
ATOM   374 N N   . ARG A 1 53  ? 5.751   -10.825 -1.483  1.00 42.14 ? 52  ARG A N   1 
ATOM   375 C CA  . ARG A 1 53  ? 6.104   -9.707  -0.568  1.00 41.38 ? 52  ARG A CA  1 
ATOM   376 C C   . ARG A 1 53  ? 5.779   -8.369  -1.237  1.00 38.06 ? 52  ARG A C   1 
ATOM   377 O O   . ARG A 1 53  ? 5.819   -8.269  -2.474  1.00 31.62 ? 52  ARG A O   1 
ATOM   378 C CB  . ARG A 1 53  ? 7.586   -9.754  -0.182  1.00 42.93 ? 52  ARG A CB  1 
ATOM   379 C CG  . ARG A 1 53  ? 7.960   -10.945 0.691   1.00 46.71 ? 52  ARG A CG  1 
ATOM   380 C CD  . ARG A 1 53  ? 9.460   -11.175 0.773   1.00 48.04 ? 52  ARG A CD  1 
ATOM   381 N NE  . ARG A 1 53  ? 10.062  -11.404 -0.538  1.00 50.15 ? 52  ARG A NE  1 
ATOM   382 C CZ  . ARG A 1 53  ? 9.951   -12.525 -1.251  1.00 48.60 ? 52  ARG A CZ  1 
ATOM   383 N NH1 . ARG A 1 53  ? 9.248   -13.552 -0.796  1.00 44.80 ? 52  ARG A NH1 1 
ATOM   384 N NH2 . ARG A 1 53  ? 10.542  -12.606 -2.433  1.00 48.10 ? 52  ARG A NH2 1 
ATOM   385 N N   . CYS A 1 54  ? 5.471   -7.373  -0.416  1.00 33.75 ? 53  CYS A N   1 
ATOM   386 C CA  . CYS A 1 54  ? 5.352   -5.962  -0.839  1.00 31.86 ? 53  CYS A CA  1 
ATOM   387 C C   . CYS A 1 54  ? 5.703   -5.089  0.371   1.00 26.83 ? 53  CYS A C   1 
ATOM   388 O O   . CYS A 1 54  ? 5.641   -5.579  1.533   1.00 25.99 ? 53  CYS A O   1 
ATOM   389 C CB  . CYS A 1 54  ? 3.969   -5.665  -1.419  1.00 34.11 ? 53  CYS A CB  1 
ATOM   390 S SG  . CYS A 1 54  ? 3.949   -4.209  -2.505  1.00 39.78 ? 53  CYS A SG  1 
ATOM   391 N N   . ASP A 1 55  ? 6.124   -3.865  0.107   1.00 24.72 ? 54  ASP A N   1 
ATOM   392 C CA  . ASP A 1 55  ? 6.311   -2.830  1.156   1.00 25.68 ? 54  ASP A CA  1 
ATOM   393 C C   . ASP A 1 55  ? 6.001   -1.480  0.505   1.00 23.54 ? 54  ASP A C   1 
ATOM   394 O O   . ASP A 1 55  ? 5.737   -1.470  -0.704  1.00 23.09 ? 54  ASP A O   1 
ATOM   395 C CB  . ASP A 1 55  ? 7.707   -2.950  1.778   1.00 25.75 ? 54  ASP A CB  1 
ATOM   396 C CG  . ASP A 1 55  ? 8.852   -2.785  0.793   1.00 33.98 ? 54  ASP A CG  1 
ATOM   397 O OD1 . ASP A 1 55  ? 8.905   -1.740  0.123   1.00 32.39 ? 54  ASP A OD1 1 
ATOM   398 O OD2 . ASP A 1 55  ? 9.701   -3.699  0.723   1.00 38.63 ? 54  ASP A OD2 1 
ATOM   399 N N   . LEU A 1 56  ? 6.018   -0.384  1.262   1.00 21.73 ? 55  LEU A N   1 
ATOM   400 C CA  . LEU A 1 56  ? 5.596   0.934   0.722   1.00 21.87 ? 55  LEU A CA  1 
ATOM   401 C C   . LEU A 1 56  ? 6.611   1.473   -0.289  1.00 24.65 ? 55  LEU A C   1 
ATOM   402 O O   . LEU A 1 56  ? 6.169   2.180   -1.198  1.00 25.69 ? 55  LEU A O   1 
ATOM   403 C CB  . LEU A 1 56  ? 5.311   1.927   1.852   1.00 19.68 ? 55  LEU A CB  1 
ATOM   404 C CG  . LEU A 1 56  ? 4.078   1.585   2.687   1.00 20.94 ? 55  LEU A CG  1 
ATOM   405 C CD1 . LEU A 1 56  ? 3.987   2.501   3.890   1.00 21.34 ? 55  LEU A CD1 1 
ATOM   406 C CD2 . LEU A 1 56  ? 2.791   1.669   1.849   1.00 18.95 ? 55  LEU A CD2 1 
ATOM   407 N N   . ALA A 1 57  ? 7.898   1.168   -0.153  1.00 26.96 ? 56  ALA A N   1 
ATOM   408 C CA  . ALA A 1 57  ? 8.919   1.558   -1.157  1.00 27.97 ? 56  ALA A CA  1 
ATOM   409 C C   . ALA A 1 57  ? 8.572   0.911   -2.501  1.00 26.33 ? 56  ALA A C   1 
ATOM   410 O O   . ALA A 1 57  ? 8.599   1.617   -3.523  1.00 26.49 ? 56  ALA A O   1 
ATOM   411 C CB  . ALA A 1 57  ? 10.311  1.203   -0.677  1.00 28.67 ? 56  ALA A CB  1 
ATOM   412 N N   . THR A 1 58  ? 8.254   -0.383  -2.508  1.00 26.02 ? 57  THR A N   1 
ATOM   413 C CA  . THR A 1 58  ? 7.858   -1.163  -3.710  1.00 27.59 ? 57  THR A CA  1 
ATOM   414 C C   . THR A 1 58  ? 6.548   -0.629  -4.305  1.00 25.68 ? 57  THR A C   1 
ATOM   415 O O   . THR A 1 58  ? 6.461   -0.515  -5.541  1.00 26.25 ? 57  THR A O   1 
ATOM   416 C CB  . THR A 1 58  ? 7.794   -2.646  -3.347  1.00 30.17 ? 57  THR A CB  1 
ATOM   417 O OG1 . THR A 1 58  ? 9.141   -2.952  -2.979  1.00 33.55 ? 57  THR A OG1 1 
ATOM   418 C CG2 . THR A 1 58  ? 7.283   -3.516  -4.473  1.00 34.67 ? 57  THR A CG2 1 
ATOM   419 N N   . ALA A 1 59  ? 5.553   -0.338  -3.466  1.00 22.58 ? 58  ALA A N   1 
ATOM   420 C CA  . ALA A 1 59  ? 4.269   0.252   -3.887  1.00 22.82 ? 58  ALA A CA  1 
ATOM   421 C C   . ALA A 1 59  ? 4.542   1.616   -4.524  1.00 22.05 ? 58  ALA A C   1 
ATOM   422 O O   . ALA A 1 59  ? 3.898   1.903   -5.547  1.00 23.54 ? 58  ALA A O   1 
ATOM   423 C CB  . ALA A 1 59  ? 3.311   0.356   -2.710  1.00 22.14 ? 58  ALA A CB  1 
ATOM   424 N N   . ALA A 1 60  ? 5.436   2.422   -3.954  1.00 21.74 ? 59  ALA A N   1 
ATOM   425 C CA  . ALA A 1 60  ? 5.706   3.792   -4.449  1.00 23.86 ? 59  ALA A CA  1 
ATOM   426 C C   . ALA A 1 60  ? 6.404   3.703   -5.816  1.00 25.28 ? 59  ALA A C   1 
ATOM   427 O O   . ALA A 1 60  ? 6.103   4.517   -6.689  1.00 23.19 ? 59  ALA A O   1 
ATOM   428 C CB  . ALA A 1 60  ? 6.508   4.592   -3.463  1.00 24.18 ? 59  ALA A CB  1 
ATOM   429 N N   . GLU A 1 61  ? 7.292   2.723   -6.000  1.00 25.37 ? 60  GLU A N   1 
ATOM   430 C CA  . GLU A 1 61  ? 7.929   2.488   -7.327  1.00 27.18 ? 60  GLU A CA  1 
ATOM   431 C C   . GLU A 1 61  ? 6.870   1.993   -8.330  1.00 26.40 ? 60  GLU A C   1 
ATOM   432 O O   . GLU A 1 61  ? 6.876   2.495   -9.451  1.00 26.67 ? 60  GLU A O   1 
ATOM   433 C CB  . GLU A 1 61  ? 9.143   1.565   -7.177  1.00 27.65 ? 60  GLU A CB  1 
ATOM   434 C CG  . GLU A 1 61  ? 10.245  1.914   -8.152  1.00 32.82 ? 60  GLU A CG  1 
ATOM   435 N N   . LYS A 1 62  ? 5.951   1.109   -7.940  1.00 26.05 ? 61  LYS A N   1 
ATOM   436 C CA  . LYS A 1 62  ? 4.858   0.629   -8.828  1.00 26.96 ? 61  LYS A CA  1 
ATOM   437 C C   . LYS A 1 62  ? 3.970   1.802   -9.244  1.00 27.06 ? 61  LYS A C   1 
ATOM   438 O O   . LYS A 1 62  ? 3.607   1.852   -10.415 1.00 29.68 ? 61  LYS A O   1 
ATOM   439 C CB  . LYS A 1 62  ? 4.033   -0.467  -8.160  1.00 29.41 ? 61  LYS A CB  1 
ATOM   440 C CG  . LYS A 1 62  ? 4.763   -1.796  -8.057  1.00 31.97 ? 61  LYS A CG  1 
ATOM   441 C CD  . LYS A 1 62  ? 3.967   -2.885  -7.405  1.00 30.93 ? 61  LYS A CD  1 
ATOM   442 C CE  . LYS A 1 62  ? 2.669   -3.193  -8.119  1.00 32.62 ? 61  LYS A CE  1 
ATOM   443 N NZ  . LYS A 1 62  ? 2.096   -4.488  -7.672  1.00 32.85 ? 61  LYS A NZ  1 
ATOM   444 N N   . ALA A 1 63  ? 3.679   2.734   -8.330  1.00 24.63 ? 62  ALA A N   1 
ATOM   445 C CA  . ALA A 1 63  ? 2.856   3.937   -8.608  1.00 23.90 ? 62  ALA A CA  1 
ATOM   446 C C   . ALA A 1 63  ? 3.522   4.790   -9.684  1.00 23.93 ? 62  ALA A C   1 
ATOM   447 O O   . ALA A 1 63  ? 2.866   5.126   -10.658 1.00 26.10 ? 62  ALA A O   1 
ATOM   448 C CB  . ALA A 1 63  ? 2.682   4.736   -7.347  1.00 22.11 ? 62  ALA A CB  1 
ATOM   449 N N   . ALA A 1 64  ? 4.804   5.067   -9.505  1.00 25.22 ? 63  ALA A N   1 
ATOM   450 C CA  . ALA A 1 64  ? 5.637   5.894   -10.405 1.00 25.88 ? 63  ALA A CA  1 
ATOM   451 C C   . ALA A 1 64  ? 5.697   5.246   -11.804 1.00 28.49 ? 63  ALA A C   1 
ATOM   452 O O   . ALA A 1 64  ? 5.767   5.975   -12.798 1.00 27.10 ? 63  ALA A O   1 
ATOM   453 C CB  . ALA A 1 64  ? 6.983   6.056   -9.761  1.00 25.02 ? 63  ALA A CB  1 
ATOM   454 N N   . ASN A 1 65  ? 5.589   3.921   -11.875 1.00 29.87 ? 64  ASN A N   1 
ATOM   455 C CA  . ASN A 1 65  ? 5.717   3.121   -13.119 1.00 32.93 ? 64  ASN A CA  1 
ATOM   456 C C   . ASN A 1 65  ? 4.347   2.920   -13.767 1.00 34.87 ? 64  ASN A C   1 
ATOM   457 O O   . ASN A 1 65  ? 4.285   2.135   -14.729 1.00 34.67 ? 64  ASN A O   1 
ATOM   458 C CB  . ASN A 1 65  ? 6.361   1.755   -12.854 1.00 33.91 ? 64  ASN A CB  1 
ATOM   459 C CG  . ASN A 1 65  ? 7.817   1.852   -12.450 1.00 39.44 ? 64  ASN A CG  1 
ATOM   460 N N   . GLU A 1 66  ? 3.288   3.581   -13.269 1.00 35.12 ? 65  GLU A N   1 
ATOM   461 C CA  . GLU A 1 66  ? 1.906   3.520   -13.838 1.00 34.36 ? 65  GLU A CA  1 
ATOM   462 C C   . GLU A 1 66  ? 1.207   2.191   -13.521 1.00 32.53 ? 65  GLU A C   1 
ATOM   463 O O   . GLU A 1 66  ? 0.128   1.964   -14.088 1.00 33.94 ? 65  GLU A O   1 
ATOM   464 C CB  . GLU A 1 66  ? 1.874   3.645   -15.368 1.00 40.95 ? 65  GLU A CB  1 
ATOM   465 C CG  . GLU A 1 66  ? 2.714   4.756   -15.972 1.00 44.60 ? 65  GLU A CG  1 
ATOM   466 C CD  . GLU A 1 66  ? 2.246   5.097   -17.384 1.00 53.09 ? 65  GLU A CD  1 
ATOM   467 O OE1 . GLU A 1 66  ? 2.238   4.174   -18.231 1.00 60.94 ? 65  GLU A OE1 1 
ATOM   468 O OE2 . GLU A 1 66  ? 1.825   6.257   -17.626 1.00 53.68 ? 65  GLU A OE2 1 
ATOM   469 N N   . ALA A 1 67  ? 1.716   1.380   -12.597 1.00 31.20 ? 66  ALA A N   1 
ATOM   470 C CA  . ALA A 1 67  ? 1.131   0.058   -12.264 1.00 30.13 ? 66  ALA A CA  1 
ATOM   471 C C   . ALA A 1 67  ? -0.341  0.209   -11.845 1.00 28.89 ? 66  ALA A C   1 
ATOM   472 O O   . ALA A 1 67  ? -1.163  -0.676  -12.168 1.00 27.61 ? 66  ALA A O   1 
ATOM   473 C CB  . ALA A 1 67  ? 1.944   -0.595  -11.175 1.00 32.32 ? 66  ALA A CB  1 
ATOM   474 N N   . TYR A 1 68  ? -0.685  1.309   -11.160 1.00 28.64 ? 67  TYR A N   1 
ATOM   475 C CA  . TYR A 1 68  ? -1.982  1.470   -10.447 1.00 25.85 ? 67  TYR A CA  1 
ATOM   476 C C   . TYR A 1 68  ? -2.946  2.427   -11.170 1.00 26.03 ? 67  TYR A C   1 
ATOM   477 O O   . TYR A 1 68  ? -4.121  2.497   -10.756 1.00 26.57 ? 67  TYR A O   1 
ATOM   478 C CB  . TYR A 1 68  ? -1.739  2.017   -9.031  1.00 25.41 ? 67  TYR A CB  1 
ATOM   479 C CG  . TYR A 1 68  ? -0.878  1.182   -8.122  1.00 25.53 ? 67  TYR A CG  1 
ATOM   480 C CD1 . TYR A 1 68  ? -1.060  -0.189  -7.964  1.00 27.35 ? 67  TYR A CD1 1 
ATOM   481 C CD2 . TYR A 1 68  ? 0.101   1.795   -7.353  1.00 25.13 ? 67  TYR A CD2 1 
ATOM   482 C CE1 . TYR A 1 68  ? -0.274  -0.925  -7.083  1.00 25.43 ? 67  TYR A CE1 1 
ATOM   483 C CE2 . TYR A 1 68  ? 0.880   1.083   -6.463  1.00 27.45 ? 67  TYR A CE2 1 
ATOM   484 C CZ  . TYR A 1 68  ? 0.709   -0.287  -6.337  1.00 27.78 ? 67  TYR A CZ  1 
ATOM   485 O OH  . TYR A 1 68  ? 1.515   -0.945  -5.447  1.00 25.08 ? 67  TYR A OH  1 
ATOM   486 N N   . SER A 1 69  ? -2.501  3.136   -12.208 1.00 24.11 ? 68  SER A N   1 
ATOM   487 C CA  . SER A 1 69  ? -3.185  4.357   -12.737 1.00 25.58 ? 68  SER A CA  1 
ATOM   488 C C   . SER A 1 69  ? -4.457  4.014   -13.529 1.00 27.70 ? 68  SER A C   1 
ATOM   489 O O   . SER A 1 69  ? -5.216  4.958   -13.838 1.00 25.03 ? 68  SER A O   1 
ATOM   490 C CB  . SER A 1 69  ? -2.254  5.176   -13.572 1.00 25.93 ? 68  SER A CB  1 
ATOM   491 O OG  . SER A 1 69  ? -1.141  5.633   -12.820 1.00 28.48 ? 68  SER A OG  1 
ATOM   492 N N   . TYR A 1 70  ? -4.660  2.742   -13.895 1.00 28.33 ? 69  TYR A N   1 
ATOM   493 C CA  . TYR A 1 70  ? -5.762  2.282   -14.781 1.00 31.11 ? 69  TYR A CA  1 
ATOM   494 C C   . TYR A 1 70  ? -6.880  1.592   -13.990 1.00 30.21 ? 69  TYR A C   1 
ATOM   495 O O   . TYR A 1 70  ? -7.890  1.254   -14.626 1.00 30.58 ? 69  TYR A O   1 
ATOM   496 C CB  . TYR A 1 70  ? -5.204  1.396   -15.900 1.00 33.16 ? 69  TYR A CB  1 
ATOM   497 C CG  . TYR A 1 70  ? -4.234  2.138   -16.778 1.00 33.00 ? 69  TYR A CG  1 
ATOM   498 C CD1 . TYR A 1 70  ? -2.900  2.245   -16.427 1.00 35.59 ? 69  TYR A CD1 1 
ATOM   499 C CD2 . TYR A 1 70  ? -4.662  2.810   -17.913 1.00 35.47 ? 69  TYR A CD2 1 
ATOM   500 C CE1 . TYR A 1 70  ? -2.008  2.973   -17.195 1.00 37.11 ? 69  TYR A CE1 1 
ATOM   501 C CE2 . TYR A 1 70  ? -3.783  3.536   -18.697 1.00 37.05 ? 69  TYR A CE2 1 
ATOM   502 C CZ  . TYR A 1 70  ? -2.452  3.624   -18.333 1.00 36.19 ? 69  TYR A CZ  1 
ATOM   503 O OH  . TYR A 1 70  ? -1.573  4.328   -19.098 1.00 41.36 ? 69  TYR A OH  1 
ATOM   504 N N   . ASP A 1 71  ? -6.749  1.415   -12.671 1.00 30.31 ? 70  ASP A N   1 
ATOM   505 C CA  . ASP A 1 71  ? -7.794  0.774   -11.823 1.00 32.05 ? 70  ASP A CA  1 
ATOM   506 C C   . ASP A 1 71  ? -8.645  1.853   -11.158 1.00 30.47 ? 70  ASP A C   1 
ATOM   507 O O   . ASP A 1 71  ? -8.139  2.489   -10.239 1.00 27.21 ? 70  ASP A O   1 
ATOM   508 C CB  . ASP A 1 71  ? -7.219  -0.087  -10.693 1.00 36.09 ? 70  ASP A CB  1 
ATOM   509 C CG  . ASP A 1 71  ? -6.425  -1.302  -11.132 1.00 40.22 ? 70  ASP A CG  1 
ATOM   510 O OD1 . ASP A 1 71  ? -6.597  -1.738  -12.302 1.00 41.56 ? 70  ASP A OD1 1 
ATOM   511 O OD2 . ASP A 1 71  ? -5.655  -1.816  -10.285 1.00 39.98 ? 70  ASP A OD2 1 
ATOM   512 N N   . VAL A 1 72  ? -9.912  2.010   -11.537 1.00 29.46 ? 71  VAL A N   1 
ATOM   513 C CA  . VAL A 1 72  ? -10.746 3.117   -10.981 1.00 30.05 ? 71  VAL A CA  1 
ATOM   514 C C   . VAL A 1 72  ? -10.829 2.983   -9.447  1.00 28.86 ? 71  VAL A C   1 
ATOM   515 O O   . VAL A 1 72  ? -10.825 4.033   -8.768  1.00 25.20 ? 71  VAL A O   1 
ATOM   516 C CB  . VAL A 1 72  ? -12.131 3.203   -11.653 1.00 30.29 ? 71  VAL A CB  1 
ATOM   517 C CG1 . VAL A 1 72  ? -13.050 2.048   -11.295 1.00 31.94 ? 71  VAL A CG1 1 
ATOM   518 C CG2 . VAL A 1 72  ? -12.794 4.528   -11.329 1.00 31.37 ? 71  VAL A CG2 1 
ATOM   519 N N   . ASN A 1 73  ? -10.890 1.766   -8.877  1.00 27.24 ? 72  ASN A N   1 
ATOM   520 C CA  . ASN A 1 73  ? -11.004 1.633   -7.399  1.00 28.89 ? 72  ASN A CA  1 
ATOM   521 C C   . ASN A 1 73  ? -9.631  1.307   -6.793  1.00 27.01 ? 72  ASN A C   1 
ATOM   522 O O   . ASN A 1 73  ? -9.608  0.928   -5.627  1.00 26.31 ? 72  ASN A O   1 
ATOM   523 C CB  . ASN A 1 73  ? -12.086 0.638   -6.948  1.00 30.14 ? 72  ASN A CB  1 
ATOM   524 C CG  . ASN A 1 73  ? -12.407 0.778   -5.470  1.00 31.01 ? 72  ASN A CG  1 
ATOM   525 O OD1 . ASN A 1 73  ? -12.546 1.886   -4.950  1.00 31.75 ? 72  ASN A OD1 1 
ATOM   526 N ND2 . ASN A 1 73  ? -12.496 -0.337  -4.761  1.00 34.14 ? 72  ASN A ND2 1 
ATOM   527 N N   . LEU A 1 74  ? -8.534  1.486   -7.542  1.00 26.03 ? 73  LEU A N   1 
ATOM   528 C CA  . LEU A 1 74  ? -7.129  1.239   -7.096  1.00 26.74 ? 73  LEU A CA  1 
ATOM   529 C C   . LEU A 1 74  ? -7.029  -0.163  -6.480  1.00 28.35 ? 73  LEU A C   1 
ATOM   530 O O   . LEU A 1 74  ? -6.288  -0.350  -5.493  1.00 25.02 ? 73  LEU A O   1 
ATOM   531 C CB  . LEU A 1 74  ? -6.697  2.330   -6.102  1.00 25.00 ? 73  LEU A CB  1 
ATOM   532 C CG  . LEU A 1 74  ? -6.457  3.723   -6.704  1.00 24.50 ? 73  LEU A CG  1 
ATOM   533 C CD1 . LEU A 1 74  ? -6.178  4.735   -5.609  1.00 23.59 ? 73  LEU A CD1 1 
ATOM   534 C CD2 . LEU A 1 74  ? -5.313  3.723   -7.706  1.00 24.90 ? 73  LEU A CD2 1 
ATOM   535 N N   . THR A 1 75  ? -7.697  -1.143  -7.083  1.00 28.62 ? 74  THR A N   1 
ATOM   536 C CA  . THR A 1 75  ? -7.752  -2.535  -6.566  1.00 30.07 ? 74  THR A CA  1 
ATOM   537 C C   . THR A 1 75  ? -6.335  -3.077  -6.345  1.00 26.81 ? 74  THR A C   1 
ATOM   538 O O   . THR A 1 75  ? -6.107  -3.719  -5.293  1.00 26.26 ? 74  THR A O   1 
ATOM   539 C CB  . THR A 1 75  ? -8.549  -3.445  -7.512  1.00 32.51 ? 74  THR A CB  1 
ATOM   540 O OG1 . THR A 1 75  ? -9.827  -2.828  -7.682  1.00 34.40 ? 74  THR A OG1 1 
ATOM   541 C CG2 . THR A 1 75  ? -8.686  -4.852  -6.975  1.00 33.21 ? 74  THR A CG2 1 
ATOM   542 N N   . ALA A 1 76  ? -5.438  -2.889  -7.315  1.00 28.31 ? 75  ALA A N   1 
ATOM   543 C CA  . ALA A 1 76  ? -4.064  -3.444  -7.307  1.00 29.34 ? 75  ALA A CA  1 
ATOM   544 C C   . ALA A 1 76  ? -3.284  -2.886  -6.110  1.00 27.21 ? 75  ALA A C   1 
ATOM   545 O O   . ALA A 1 76  ? -2.553  -3.650  -5.428  1.00 24.31 ? 75  ALA A O   1 
ATOM   546 C CB  . ALA A 1 76  ? -3.375  -3.117  -8.606  1.00 31.20 ? 75  ALA A CB  1 
ATOM   547 N N   . LEU A 1 77  ? -3.457  -1.590  -5.840  1.00 24.75 ? 76  LEU A N   1 
ATOM   548 C CA  . LEU A 1 77  ? -2.809  -0.921  -4.679  1.00 24.50 ? 76  LEU A CA  1 
ATOM   549 C C   . LEU A 1 77  ? -3.425  -1.464  -3.390  1.00 22.80 ? 76  LEU A C   1 
ATOM   550 O O   . LEU A 1 77  ? -2.658  -1.775  -2.465  1.00 22.34 ? 76  LEU A O   1 
ATOM   551 C CB  . LEU A 1 77  ? -2.976  0.602   -4.758  1.00 23.95 ? 76  LEU A CB  1 
ATOM   552 C CG  . LEU A 1 77  ? -2.503  1.365   -3.517  1.00 24.38 ? 76  LEU A CG  1 
ATOM   553 C CD1 . LEU A 1 77  ? -1.058  1.051   -3.176  1.00 26.84 ? 76  LEU A CD1 1 
ATOM   554 C CD2 . LEU A 1 77  ? -2.689  2.863   -3.689  1.00 26.65 ? 76  LEU A CD2 1 
ATOM   555 N N   . ARG A 1 78  ? -4.755  -1.564  -3.316  1.00 24.39 ? 77  ARG A N   1 
ATOM   556 C CA  . ARG A 1 78  ? -5.457  -2.129  -2.121  1.00 23.44 ? 77  ARG A CA  1 
ATOM   557 C C   . ARG A 1 78  ? -4.968  -3.567  -1.849  1.00 24.71 ? 77  ARG A C   1 
ATOM   558 O O   . ARG A 1 78  ? -4.772  -3.901  -0.663  1.00 24.58 ? 77  ARG A O   1 
ATOM   559 C CB  . ARG A 1 78  ? -6.982  -2.096  -2.274  1.00 24.01 ? 77  ARG A CB  1 
ATOM   560 C CG  . ARG A 1 78  ? -7.600  -0.703  -2.333  1.00 23.69 ? 77  ARG A CG  1 
ATOM   561 C CD  . ARG A 1 78  ? -9.097  -0.850  -2.577  1.00 26.65 ? 77  ARG A CD  1 
ATOM   562 N NE  . ARG A 1 78  ? -9.829  0.377   -2.886  1.00 26.51 ? 77  ARG A NE  1 
ATOM   563 C CZ  . ARG A 1 78  ? -10.292 1.263   -2.010  1.00 28.33 ? 77  ARG A CZ  1 
ATOM   564 N NH1 . ARG A 1 78  ? -10.065 1.138   -0.710  1.00 30.37 ? 77  ARG A NH1 1 
ATOM   565 N NH2 . ARG A 1 78  ? -10.950 2.316   -2.452  1.00 24.82 ? 77  ARG A NH2 1 
ATOM   566 N N   . GLU A 1 79  ? -4.809  -4.396  -2.888  1.00 24.89 ? 78  GLU A N   1 
ATOM   567 C CA  . GLU A 1 79  ? -4.243  -5.781  -2.804  1.00 24.71 ? 78  GLU A CA  1 
ATOM   568 C C   . GLU A 1 79  ? -2.798  -5.761  -2.279  1.00 23.69 ? 78  GLU A C   1 
ATOM   569 O O   . GLU A 1 79  ? -2.449  -6.615  -1.437  1.00 23.77 ? 78  GLU A O   1 
ATOM   570 C CB  . GLU A 1 79  ? -4.268  -6.473  -4.167  1.00 26.60 ? 78  GLU A CB  1 
ATOM   571 N N   . ASP A 1 80  ? -1.972  -4.819  -2.732  1.00 25.16 ? 79  ASP A N   1 
ATOM   572 C CA  . ASP A 1 80  ? -0.571  -4.707  -2.256  1.00 24.02 ? 79  ASP A CA  1 
ATOM   573 C C   . ASP A 1 80  ? -0.572  -4.309  -0.771  1.00 23.24 ? 79  ASP A C   1 
ATOM   574 O O   . ASP A 1 80  ? 0.230   -4.889  -0.023  1.00 21.51 ? 79  ASP A O   1 
ATOM   575 C CB  . ASP A 1 80  ? 0.265   -3.781  -3.136  1.00 24.80 ? 79  ASP A CB  1 
ATOM   576 C CG  . ASP A 1 80  ? 0.751   -4.393  -4.429  1.00 28.49 ? 79  ASP A CG  1 
ATOM   577 O OD1 . ASP A 1 80  ? 0.629   -5.638  -4.587  1.00 28.40 ? 79  ASP A OD1 1 
ATOM   578 O OD2 . ASP A 1 80  ? 1.240   -3.618  -5.279  1.00 29.21 ? 79  ASP A OD2 1 
ATOM   579 N N   . ILE A 1 81  ? -1.452  -3.393  -0.334  1.00 22.60 ? 80  ILE A N   1 
ATOM   580 C CA  . ILE A 1 81  ? -1.576  -3.034  1.111   1.00 23.01 ? 80  ILE A CA  1 
ATOM   581 C C   . ILE A 1 81  ? -2.024  -4.280  1.887   1.00 23.22 ? 80  ILE A C   1 
ATOM   582 O O   . ILE A 1 81  ? -1.444  -4.558  2.937   1.00 24.44 ? 80  ILE A O   1 
ATOM   583 C CB  . ILE A 1 81  ? -2.527  -1.848  1.369   1.00 23.25 ? 80  ILE A CB  1 
ATOM   584 C CG1 . ILE A 1 81  ? -2.092  -0.573  0.632   1.00 25.43 ? 80  ILE A CG1 1 
ATOM   585 C CG2 . ILE A 1 81  ? -2.681  -1.613  2.864   1.00 22.35 ? 80  ILE A CG2 1 
ATOM   586 C CD1 . ILE A 1 81  ? -0.688  -0.130  0.945   1.00 27.28 ? 80  ILE A CD1 1 
ATOM   587 N N   . LYS A 1 82  ? -3.040  -4.989  1.407   1.00 24.20 ? 81  LYS A N   1 
ATOM   588 C CA  . LYS A 1 82  ? -3.532  -6.212  2.079   1.00 23.59 ? 81  LYS A CA  1 
ATOM   589 C C   . LYS A 1 82  ? -2.379  -7.207  2.272   1.00 23.74 ? 81  LYS A C   1 
ATOM   590 O O   . LYS A 1 82  ? -2.340  -7.898  3.331   1.00 25.30 ? 81  LYS A O   1 
ATOM   591 C CB  . LYS A 1 82  ? -4.612  -6.915  1.264   1.00 24.82 ? 81  LYS A CB  1 
ATOM   592 C CG  . LYS A 1 82  ? -5.281  -8.055  2.014   1.00 26.72 ? 81  LYS A CG  1 
ATOM   593 N N   . LEU A 1 83  ? -1.539  -7.357  1.257   1.00 25.23 ? 82  LEU A N   1 
ATOM   594 C CA  . LEU A 1 83  ? -0.440  -8.353  1.269   1.00 26.12 ? 82  LEU A CA  1 
ATOM   595 C C   . LEU A 1 83  ? 0.586   -7.946  2.336   1.00 25.66 ? 82  LEU A C   1 
ATOM   596 O O   . LEU A 1 83  ? 0.983   -8.821  3.095   1.00 26.28 ? 82  LEU A O   1 
ATOM   597 C CB  . LEU A 1 83  ? 0.184   -8.445  -0.125  1.00 30.80 ? 82  LEU A CB  1 
ATOM   598 C CG  . LEU A 1 83  ? 1.371   -9.401  -0.254  1.00 32.15 ? 82  LEU A CG  1 
ATOM   599 C CD1 . LEU A 1 83  ? 0.934   -10.852 -0.083  1.00 33.52 ? 82  LEU A CD1 1 
ATOM   600 C CD2 . LEU A 1 83  ? 2.073   -9.197  -1.579  1.00 35.82 ? 82  LEU A CD2 1 
ATOM   601 N N   . MET A 1 84  ? 1.032   -6.680  2.356   1.00 22.82 ? 83  MET A N   1 
ATOM   602 C CA  . MET A 1 84  ? 1.953   -6.138  3.396   1.00 25.47 ? 83  MET A CA  1 
ATOM   603 C C   . MET A 1 84  ? 1.423   -6.478  4.793   1.00 24.78 ? 83  MET A C   1 
ATOM   604 O O   . MET A 1 84  ? 2.204   -6.902  5.662   1.00 22.52 ? 83  MET A O   1 
ATOM   605 C CB  . MET A 1 84  ? 2.007   -4.609  3.372   1.00 28.01 ? 83  MET A CB  1 
ATOM   606 C CG  . MET A 1 84  ? 3.034   -3.999  2.526   1.00 32.59 ? 83  MET A CG  1 
ATOM   607 S SD  . MET A 1 84  ? 2.582   -2.233  2.457   1.00 26.93 ? 83  MET A SD  1 
ATOM   608 C CE  . MET A 1 84  ? 2.471   -2.102  0.676   1.00 29.28 ? 83  MET A CE  1 
ATOM   609 N N   . VAL A 1 85  ? 0.139   -6.194  5.020   1.00 23.19 ? 84  VAL A N   1 
ATOM   610 C CA  . VAL A 1 85  ? -0.535  -6.347  6.336   1.00 21.88 ? 84  VAL A CA  1 
ATOM   611 C C   . VAL A 1 85  ? -0.550  -7.846  6.679   1.00 23.46 ? 84  VAL A C   1 
ATOM   612 O O   . VAL A 1 85  ? -0.050  -8.233  7.767   1.00 22.61 ? 84  VAL A O   1 
ATOM   613 C CB  . VAL A 1 85  ? -1.942  -5.709  6.268   1.00 23.02 ? 84  VAL A CB  1 
ATOM   614 C CG1 . VAL A 1 85  ? -2.836  -6.089  7.442   1.00 23.32 ? 84  VAL A CG1 1 
ATOM   615 C CG2 . VAL A 1 85  ? -1.829  -4.197  6.166   1.00 24.18 ? 84  VAL A CG2 1 
ATOM   616 N N   . ASN A 1 86  ? -0.993  -8.678  5.734   1.00 23.42 ? 85  ASN A N   1 
ATOM   617 C CA  . ASN A 1 86  ? -1.170  -10.135 5.991   1.00 26.26 ? 85  ASN A CA  1 
ATOM   618 C C   . ASN A 1 86  ? 0.203   -10.780 6.225   1.00 28.20 ? 85  ASN A C   1 
ATOM   619 O O   . ASN A 1 86  ? 0.304   -11.648 7.102   1.00 31.47 ? 85  ASN A O   1 
ATOM   620 C CB  . ASN A 1 86  ? -1.997  -10.798 4.892   1.00 25.79 ? 85  ASN A CB  1 
ATOM   621 C CG  . ASN A 1 86  ? -3.440  -10.354 4.927   1.00 31.29 ? 85  ASN A CG  1 
ATOM   622 N N   . ASN A 1 87  ? 1.233   -10.344 5.510   1.00 29.69 ? 86  ASN A N   1 
ATOM   623 C CA  . ASN A 1 87  ? 2.635   -10.800 5.726   1.00 30.64 ? 86  ASN A CA  1 
ATOM   624 C C   . ASN A 1 87  ? 3.121   -10.446 7.136   1.00 30.54 ? 86  ASN A C   1 
ATOM   625 O O   . ASN A 1 87  ? 3.822   -11.266 7.754   1.00 31.93 ? 86  ASN A O   1 
ATOM   626 C CB  . ASN A 1 87  ? 3.570   -10.228 4.669   1.00 31.48 ? 86  ASN A CB  1 
ATOM   627 C CG  . ASN A 1 87  ? 3.403   -10.934 3.337   1.00 30.43 ? 86  ASN A CG  1 
ATOM   628 O OD1 . ASN A 1 87  ? 2.653   -11.906 3.227   1.00 31.87 ? 86  ASN A OD1 1 
ATOM   629 N ND2 . ASN A 1 87  ? 4.091   -10.435 2.324   1.00 31.45 ? 86  ASN A ND2 1 
ATOM   630 N N   . CYS A 1 88  ? 2.765   -9.267  7.638   1.00 28.62 ? 87  CYS A N   1 
ATOM   631 C CA  . CYS A 1 88  ? 3.075   -8.855  9.020   1.00 26.78 ? 87  CYS A CA  1 
ATOM   632 C C   . CYS A 1 88  ? 2.419   -9.839  10.004  1.00 25.45 ? 87  CYS A C   1 
ATOM   633 O O   . CYS A 1 88  ? 3.105   -10.300 10.927  1.00 26.38 ? 87  CYS A O   1 
ATOM   634 C CB  . CYS A 1 88  ? 2.656   -7.412  9.239   1.00 26.73 ? 87  CYS A CB  1 
ATOM   635 S SG  . CYS A 1 88  ? 3.035   -6.830  10.897  1.00 29.00 ? 87  CYS A SG  1 
ATOM   636 N N   . TYR A 1 89  ? 1.152   -10.175 9.804   1.00 25.08 ? 88  TYR A N   1 
ATOM   637 C CA  . TYR A 1 89  ? 0.382   -11.077 10.698  1.00 24.84 ? 88  TYR A CA  1 
ATOM   638 C C   . TYR A 1 89  ? 0.952   -12.493 10.620  1.00 28.93 ? 88  TYR A C   1 
ATOM   639 O O   . TYR A 1 89  ? 1.134   -13.129 11.674  1.00 31.06 ? 88  TYR A O   1 
ATOM   640 C CB  . TYR A 1 89  ? -1.097  -11.136 10.330  1.00 25.69 ? 88  TYR A CB  1 
ATOM   641 C CG  . TYR A 1 89  ? -1.873  -9.863  10.559  1.00 22.46 ? 88  TYR A CG  1 
ATOM   642 C CD1 . TYR A 1 89  ? -1.641  -9.045  11.656  1.00 22.42 ? 88  TYR A CD1 1 
ATOM   643 C CD2 . TYR A 1 89  ? -2.902  -9.527  9.699   1.00 22.22 ? 88  TYR A CD2 1 
ATOM   644 C CE1 . TYR A 1 89  ? -2.380  -7.886  11.856  1.00 22.26 ? 88  TYR A CE1 1 
ATOM   645 C CE2 . TYR A 1 89  ? -3.645  -8.378  9.884   1.00 21.50 ? 88  TYR A CE2 1 
ATOM   646 C CZ  . TYR A 1 89  ? -3.381  -7.553  10.954  1.00 21.28 ? 88  TYR A CZ  1 
ATOM   647 O OH  . TYR A 1 89  ? -4.130  -6.427  11.107  1.00 23.73 ? 88  TYR A OH  1 
ATOM   648 N N   . ARG A 1 90  ? 1.243   -12.958 9.411   1.00 30.72 ? 89  ARG A N   1 
ATOM   649 C CA  . ARG A 1 90  ? 1.690   -14.360 9.192   1.00 35.53 ? 89  ARG A CA  1 
ATOM   650 C C   . ARG A 1 90  ? 3.092   -14.527 9.797   1.00 35.67 ? 89  ARG A C   1 
ATOM   651 O O   . ARG A 1 90  ? 3.342   -15.595 10.396  1.00 36.24 ? 89  ARG A O   1 
ATOM   652 C CB  . ARG A 1 90  ? 1.590   -14.715 7.705   1.00 35.70 ? 89  ARG A CB  1 
ATOM   653 C CG  . ARG A 1 90  ? 0.196   -15.168 7.287   1.00 41.16 ? 89  ARG A CG  1 
ATOM   654 N N   . PHE A 1 91  ? 3.944   -13.499 9.716   1.00 35.94 ? 90  PHE A N   1 
ATOM   655 C CA  . PHE A 1 91  ? 5.360   -13.578 10.157  1.00 35.67 ? 90  PHE A CA  1 
ATOM   656 C C   . PHE A 1 91  ? 5.515   -13.206 11.638  1.00 35.97 ? 90  PHE A C   1 
ATOM   657 O O   . PHE A 1 91  ? 6.239   -13.943 12.327  1.00 32.93 ? 90  PHE A O   1 
ATOM   658 C CB  . PHE A 1 91  ? 6.285   -12.757 9.257   1.00 36.51 ? 90  PHE A CB  1 
ATOM   659 C CG  . PHE A 1 91  ? 7.728   -13.167 9.424   1.00 39.13 ? 90  PHE A CG  1 
ATOM   660 C CD1 . PHE A 1 91  ? 8.183   -14.369 8.900   1.00 37.95 ? 90  PHE A CD1 1 
ATOM   661 C CD2 . PHE A 1 91  ? 8.601   -12.408 10.186  1.00 36.14 ? 90  PHE A CD2 1 
ATOM   662 C CE1 . PHE A 1 91  ? 9.503   -14.761 9.071   1.00 37.77 ? 90  PHE A CE1 1 
ATOM   663 C CE2 . PHE A 1 91  ? 9.921   -12.803 10.358  1.00 39.86 ? 90  PHE A CE2 1 
ATOM   664 C CZ  . PHE A 1 91  ? 10.368  -13.978 9.798   1.00 36.91 ? 90  PHE A CZ  1 
ATOM   665 N N   . ASN A 1 92  ? 4.874   -12.127 12.113  1.00 32.89 ? 91  ASN A N   1 
ATOM   666 C CA  . ASN A 1 92  ? 5.047   -11.570 13.487  1.00 31.80 ? 91  ASN A CA  1 
ATOM   667 C C   . ASN A 1 92  ? 3.903   -12.017 14.405  1.00 30.51 ? 91  ASN A C   1 
ATOM   668 O O   . ASN A 1 92  ? 4.017   -11.782 15.630  1.00 32.00 ? 91  ASN A O   1 
ATOM   669 C CB  . ASN A 1 92  ? 5.081   -10.042 13.500  1.00 34.41 ? 91  ASN A CB  1 
ATOM   670 C CG  . ASN A 1 92  ? 6.180   -9.472  12.637  1.00 36.66 ? 91  ASN A CG  1 
ATOM   671 O OD1 . ASN A 1 92  ? 5.962   -8.519  11.884  1.00 38.38 ? 91  ASN A OD1 1 
ATOM   672 N ND2 . ASN A 1 92  ? 7.360   -10.050 12.742  1.00 40.29 ? 91  ASN A ND2 1 
ATOM   673 N N   . GLY A 1 93  ? 2.852   -12.612 13.833  1.00 28.48 ? 92  GLY A N   1 
ATOM   674 C CA  . GLY A 1 93  ? 1.675   -13.122 14.560  1.00 30.09 ? 92  GLY A CA  1 
ATOM   675 C C   . GLY A 1 93  ? 0.548   -12.103 14.561  1.00 29.65 ? 92  GLY A C   1 
ATOM   676 O O   . GLY A 1 93  ? 0.790   -10.920 14.208  1.00 23.70 ? 92  GLY A O   1 
ATOM   677 N N   . THR A 1 94  ? -0.637  -12.526 14.993  1.00 28.23 ? 93  THR A N   1 
ATOM   678 C CA  . THR A 1 94  ? -1.865  -11.688 15.028  1.00 32.37 ? 93  THR A CA  1 
ATOM   679 C C   . THR A 1 94  ? -2.020  -10.968 16.374  1.00 31.07 ? 93  THR A C   1 
ATOM   680 O O   . THR A 1 94  ? -3.021  -10.266 16.547  1.00 36.91 ? 93  THR A O   1 
ATOM   681 C CB  . THR A 1 94  ? -3.081  -12.573 14.729  1.00 31.80 ? 93  THR A CB  1 
ATOM   682 O OG1 . THR A 1 94  ? -2.982  -13.665 15.645  1.00 30.19 ? 93  THR A OG1 1 
ATOM   683 C CG2 . THR A 1 94  ? -3.110  -13.086 13.310  1.00 33.50 ? 93  THR A CG2 1 
ATOM   684 N N   . LYS A 1 95  ? -1.080  -11.132 17.307  1.00 31.85 ? 94  LYS A N   1 
ATOM   685 C CA  . LYS A 1 95  ? -1.156  -10.586 18.686  1.00 33.77 ? 94  LYS A CA  1 
ATOM   686 C C   . LYS A 1 95  ? 0.094   -9.747  18.974  1.00 31.86 ? 94  LYS A C   1 
ATOM   687 O O   . LYS A 1 95  ? 1.176   -10.150 18.542  1.00 36.03 ? 94  LYS A O   1 
ATOM   688 C CB  . LYS A 1 95  ? -1.293  -11.743 19.687  1.00 36.46 ? 94  LYS A CB  1 
ATOM   689 N N   . GLY A 1 96  ? -0.060  -8.638  19.698  1.00 29.01 ? 95  GLY A N   1 
ATOM   690 C CA  . GLY A 1 96  ? 1.038   -7.785  20.181  1.00 29.25 ? 95  GLY A CA  1 
ATOM   691 C C   . GLY A 1 96  ? 1.058   -6.420  19.496  1.00 26.95 ? 95  GLY A C   1 
ATOM   692 O O   . GLY A 1 96  ? 0.259   -6.172  18.587  1.00 24.31 ? 95  GLY A O   1 
ATOM   693 N N   . PRO A 1 97  ? 1.996   -5.535  19.893  1.00 28.26 ? 96  PRO A N   1 
ATOM   694 C CA  . PRO A 1 97  ? 2.033   -4.154  19.427  1.00 27.41 ? 96  PRO A CA  1 
ATOM   695 C C   . PRO A 1 97  ? 2.170   -4.035  17.905  1.00 24.20 ? 96  PRO A C   1 
ATOM   696 O O   . PRO A 1 97  ? 1.593   -3.115  17.368  1.00 24.24 ? 96  PRO A O   1 
ATOM   697 C CB  . PRO A 1 97  ? 3.256   -3.536  20.118  1.00 28.94 ? 96  PRO A CB  1 
ATOM   698 C CG  . PRO A 1 97  ? 3.491   -4.426  21.304  1.00 33.31 ? 96  PRO A CG  1 
ATOM   699 C CD  . PRO A 1 97  ? 3.075   -5.808  20.857  1.00 29.49 ? 96  PRO A CD  1 
ATOM   700 N N   . LEU A 1 98  ? 2.937   -4.921  17.251  1.00 22.83 ? 97  LEU A N   1 
ATOM   701 C CA  . LEU A 1 98  ? 3.152   -4.830  15.785  1.00 23.43 ? 97  LEU A CA  1 
ATOM   702 C C   . LEU A 1 98  ? 1.830   -5.176  15.087  1.00 21.90 ? 97  LEU A C   1 
ATOM   703 O O   . LEU A 1 98  ? 1.503   -4.532  14.088  1.00 19.55 ? 97  LEU A O   1 
ATOM   704 C CB  . LEU A 1 98  ? 4.290   -5.758  15.334  1.00 26.67 ? 97  LEU A CB  1 
ATOM   705 C CG  . LEU A 1 98  ? 5.698   -5.409  15.825  1.00 29.55 ? 97  LEU A CG  1 
ATOM   706 C CD1 . LEU A 1 98  ? 6.734   -6.354  15.218  1.00 31.86 ? 97  LEU A CD1 1 
ATOM   707 C CD2 . LEU A 1 98  ? 6.072   -3.965  15.490  1.00 30.95 ? 97  LEU A CD2 1 
ATOM   708 N N   . ALA A 1 99  ? 1.115   -6.211  15.552  1.00 21.03 ? 98  ALA A N   1 
ATOM   709 C CA  . ALA A 1 99  ? -0.161  -6.625  14.926  1.00 20.46 ? 98  ALA A CA  1 
ATOM   710 C C   . ALA A 1 99  ? -1.174  -5.487  15.117  1.00 18.50 ? 98  ALA A C   1 
ATOM   711 O O   . ALA A 1 99  ? -1.936  -5.254  14.165  1.00 19.07 ? 98  ALA A O   1 
ATOM   712 C CB  . ALA A 1 99  ? -0.658  -7.929  15.491  1.00 21.42 ? 98  ALA A CB  1 
ATOM   713 N N   . ASN A 1 100 ? -1.114  -4.776  16.248  1.00 19.23 ? 99  ASN A N   1 
ATOM   714 C CA  . ASN A 1 100 ? -2.020  -3.623  16.542  1.00 19.88 ? 99  ASN A CA  1 
ATOM   715 C C   . ASN A 1 100 ? -1.710  -2.511  15.547  1.00 19.69 ? 99  ASN A C   1 
ATOM   716 O O   . ASN A 1 100 ? -2.632  -1.877  15.048  1.00 19.64 ? 99  ASN A O   1 
ATOM   717 C CB  . ASN A 1 100 ? -1.878  -3.095  17.972  1.00 22.62 ? 99  ASN A CB  1 
ATOM   718 C CG  . ASN A 1 100 ? -2.373  -4.084  19.009  1.00 25.20 ? 99  ASN A CG  1 
ATOM   719 O OD1 . ASN A 1 100 ? -3.064  -5.050  18.665  1.00 22.22 ? 99  ASN A OD1 1 
ATOM   720 N ND2 . ASN A 1 100 ? -2.063  -3.814  20.268  1.00 25.70 ? 99  ASN A ND2 1 
ATOM   721 N N   . ILE A 1 101 ? -0.430  -2.265  15.280  1.00 19.52 ? 100 ILE A N   1 
ATOM   722 C CA  . ILE A 1 101 ? -0.040  -1.266  14.252  1.00 18.44 ? 100 ILE A CA  1 
ATOM   723 C C   . ILE A 1 101 ? -0.592  -1.723  12.905  1.00 17.73 ? 100 ILE A C   1 
ATOM   724 O O   . ILE A 1 101 ? -1.119  -0.901  12.198  1.00 18.89 ? 100 ILE A O   1 
ATOM   725 C CB  . ILE A 1 101 ? 1.482   -1.065  14.208  1.00 18.10 ? 100 ILE A CB  1 
ATOM   726 C CG1 . ILE A 1 101 ? 1.973   -0.335  15.462  1.00 19.54 ? 100 ILE A CG1 1 
ATOM   727 C CG2 . ILE A 1 101 ? 1.876   -0.351  12.923  1.00 18.17 ? 100 ILE A CG2 1 
ATOM   728 C CD1 . ILE A 1 101 ? 3.491   -0.370  15.639  1.00 19.50 ? 100 ILE A CD1 1 
ATOM   729 N N   . ALA A 1 102 ? -0.402  -2.984  12.523  1.00 17.86 ? 101 ALA A N   1 
ATOM   730 C CA  . ALA A 1 102 ? -0.832  -3.467  11.189  1.00 19.33 ? 101 ALA A CA  1 
ATOM   731 C C   . ALA A 1 102 ? -2.331  -3.203  11.002  1.00 18.53 ? 101 ALA A C   1 
ATOM   732 O O   . ALA A 1 102 ? -2.722  -2.727  9.899   1.00 18.29 ? 101 ALA A O   1 
ATOM   733 C CB  . ALA A 1 102 ? -0.527  -4.929  11.003  1.00 18.59 ? 101 ALA A CB  1 
ATOM   734 N N   . GLU A 1 103 ? -3.149  -3.509  12.006  1.00 20.43 ? 102 GLU A N   1 
ATOM   735 C CA  . GLU A 1 103 ? -4.632  -3.364  11.872  1.00 21.54 ? 102 GLU A CA  1 
ATOM   736 C C   . GLU A 1 103 ? -4.993  -1.865  11.812  1.00 21.12 ? 102 GLU A C   1 
ATOM   737 O O   . GLU A 1 103 ? -5.869  -1.490  10.987  1.00 20.64 ? 102 GLU A O   1 
ATOM   738 C CB  . GLU A 1 103 ? -5.419  -4.065  12.990  1.00 21.88 ? 102 GLU A CB  1 
ATOM   739 C CG  . GLU A 1 103 ? -6.903  -4.129  12.649  1.00 22.88 ? 102 GLU A CG  1 
ATOM   740 C CD  . GLU A 1 103 ? -7.796  -4.902  13.603  1.00 25.02 ? 102 GLU A CD  1 
ATOM   741 O OE1 . GLU A 1 103 ? -7.340  -5.246  14.704  1.00 25.80 ? 102 GLU A OE1 1 
ATOM   742 O OE2 . GLU A 1 103 ? -8.981  -5.084  13.248  1.00 25.65 ? 102 GLU A OE2 1 
ATOM   743 N N   . ARG A 1 104 ? -4.323  -1.011  12.581  1.00 19.90 ? 103 ARG A N   1 
ATOM   744 C CA  . ARG A 1 104 ? -4.615  0.446   12.504  1.00 19.76 ? 103 ARG A CA  1 
ATOM   745 C C   . ARG A 1 104 ? -4.160  0.969   11.132  1.00 19.19 ? 103 ARG A C   1 
ATOM   746 O O   . ARG A 1 104 ? -4.854  1.843   10.540  1.00 18.01 ? 103 ARG A O   1 
ATOM   747 C CB  . ARG A 1 104 ? -3.937  1.214   13.639  1.00 21.96 ? 103 ARG A CB  1 
ATOM   748 C CG  . ARG A 1 104 ? -4.555  1.004   15.013  1.00 22.15 ? 103 ARG A CG  1 
ATOM   749 C CD  . ARG A 1 104 ? -3.978  2.010   15.995  1.00 23.70 ? 103 ARG A CD  1 
ATOM   750 N NE  . ARG A 1 104 ? -2.543  1.859   16.176  1.00 21.50 ? 103 ARG A NE  1 
ATOM   751 C CZ  . ARG A 1 104 ? -1.946  1.124   17.115  1.00 24.00 ? 103 ARG A CZ  1 
ATOM   752 N NH1 . ARG A 1 104 ? -0.619  1.086   17.186  1.00 23.58 ? 103 ARG A NH1 1 
ATOM   753 N NH2 . ARG A 1 104 ? -2.655  0.468   18.011  1.00 25.41 ? 103 ARG A NH2 1 
ATOM   754 N N   . PHE A 1 105 ? -3.006  0.498   10.653  1.00 18.60 ? 104 PHE A N   1 
ATOM   755 C CA  . PHE A 1 105 ? -2.413  0.898   9.354   1.00 18.82 ? 104 PHE A CA  1 
ATOM   756 C C   . PHE A 1 105 ? -3.372  0.506   8.225   1.00 18.44 ? 104 PHE A C   1 
ATOM   757 O O   . PHE A 1 105 ? -3.634  1.333   7.331   1.00 17.74 ? 104 PHE A O   1 
ATOM   758 C CB  . PHE A 1 105 ? -1.035  0.268   9.154   1.00 19.26 ? 104 PHE A CB  1 
ATOM   759 C CG  . PHE A 1 105 ? -0.534  0.347   7.739   1.00 20.16 ? 104 PHE A CG  1 
ATOM   760 C CD1 . PHE A 1 105 ? -0.033  1.536   7.240   1.00 20.77 ? 104 PHE A CD1 1 
ATOM   761 C CD2 . PHE A 1 105 ? -0.578  -0.761  6.895   1.00 22.52 ? 104 PHE A CD2 1 
ATOM   762 C CE1 . PHE A 1 105 ? 0.424   1.620   5.936   1.00 21.13 ? 104 PHE A CE1 1 
ATOM   763 C CE2 . PHE A 1 105 ? -0.127  -0.664  5.585   1.00 22.06 ? 104 PHE A CE2 1 
ATOM   764 C CZ  . PHE A 1 105 ? 0.377   0.519   5.114   1.00 21.82 ? 104 PHE A CZ  1 
ATOM   765 N N   . GLU A 1 106 ? -3.918  -0.714  8.268   1.00 18.30 ? 105 GLU A N   1 
ATOM   766 C CA  . GLU A 1 106 ? -4.832  -1.203  7.198   1.00 21.40 ? 105 GLU A CA  1 
ATOM   767 C C   . GLU A 1 106 ? -6.055  -0.271  7.139   1.00 20.87 ? 105 GLU A C   1 
ATOM   768 O O   . GLU A 1 106 ? -6.440  0.149   6.009   1.00 19.95 ? 105 GLU A O   1 
ATOM   769 C CB  . GLU A 1 106 ? -5.179  -2.679  7.416   1.00 22.87 ? 105 GLU A CB  1 
ATOM   770 C CG  . GLU A 1 106 ? -5.913  -3.332  6.254   1.00 28.43 ? 105 GLU A CG  1 
ATOM   771 C CD  . GLU A 1 106 ? -6.404  -4.734  6.615   1.00 31.58 ? 105 GLU A CD  1 
ATOM   772 O OE1 . GLU A 1 106 ? -6.804  -4.944  7.786   1.00 36.48 ? 105 GLU A OE1 1 
ATOM   773 O OE2 . GLU A 1 106 ? -6.369  -5.617  5.758   1.00 37.67 ? 105 GLU A OE2 1 
ATOM   774 N N   . ALA A 1 107 ? -6.594  0.102   8.302   1.00 21.33 ? 106 ALA A N   1 
ATOM   775 C CA  . ALA A 1 107 ? -7.797  0.958   8.422   1.00 21.25 ? 106 ALA A CA  1 
ATOM   776 C C   . ALA A 1 107 ? -7.501  2.374   7.879   1.00 20.70 ? 106 ALA A C   1 
ATOM   777 O O   . ALA A 1 107 ? -8.304  2.947   7.102   1.00 19.67 ? 106 ALA A O   1 
ATOM   778 C CB  . ALA A 1 107 ? -8.249  0.978   9.857   1.00 23.93 ? 106 ALA A CB  1 
ATOM   779 N N   . PHE A 1 108 ? -6.355  2.923   8.265   1.00 19.53 ? 107 PHE A N   1 
ATOM   780 C CA  . PHE A 1 108 ? -5.844  4.234   7.788   1.00 20.39 ? 107 PHE A CA  1 
ATOM   781 C C   . PHE A 1 108 ? -5.681  4.231   6.265   1.00 19.85 ? 107 PHE A C   1 
ATOM   782 O O   . PHE A 1 108 ? -6.152  5.142   5.603   1.00 20.24 ? 107 PHE A O   1 
ATOM   783 C CB  . PHE A 1 108 ? -4.526  4.573   8.479   1.00 20.92 ? 107 PHE A CB  1 
ATOM   784 C CG  . PHE A 1 108 ? -3.829  5.747   7.843   1.00 22.60 ? 107 PHE A CG  1 
ATOM   785 C CD1 . PHE A 1 108 ? -4.329  7.024   8.020   1.00 24.65 ? 107 PHE A CD1 1 
ATOM   786 C CD2 . PHE A 1 108 ? -2.711  5.575   7.047   1.00 25.32 ? 107 PHE A CD2 1 
ATOM   787 C CE1 . PHE A 1 108 ? -3.712  8.119   7.439   1.00 25.55 ? 107 PHE A CE1 1 
ATOM   788 C CE2 . PHE A 1 108 ? -2.091  6.676   6.468   1.00 25.26 ? 107 PHE A CE2 1 
ATOM   789 C CZ  . PHE A 1 108 ? -2.591  7.937   6.667   1.00 25.50 ? 107 PHE A CZ  1 
ATOM   790 N N   . ALA A 1 109 ? -5.079  3.186   5.706   1.00 17.96 ? 108 ALA A N   1 
ATOM   791 C CA  . ALA A 1 109 ? -4.791  3.070   4.261   1.00 19.93 ? 108 ALA A CA  1 
ATOM   792 C C   . ALA A 1 109 ? -6.130  3.026   3.504   1.00 20.16 ? 108 ALA A C   1 
ATOM   793 O O   . ALA A 1 109 ? -6.292  3.764   2.525   1.00 19.54 ? 108 ALA A O   1 
ATOM   794 C CB  . ALA A 1 109 ? -3.947  1.849   4.018   1.00 20.12 ? 108 ALA A CB  1 
ATOM   795 N N   . LYS A 1 110 ? -7.079  2.218   3.964   1.00 20.02 ? 109 LYS A N   1 
ATOM   796 C CA  . LYS A 1 110 ? -8.444  2.163   3.367   1.00 21.04 ? 109 LYS A CA  1 
ATOM   797 C C   . LYS A 1 110 ? -9.063  3.566   3.334   1.00 19.80 ? 109 LYS A C   1 
ATOM   798 O O   . LYS A 1 110 ? -9.647  3.925   2.292   1.00 21.59 ? 109 LYS A O   1 
ATOM   799 C CB  . LYS A 1 110 ? -9.391  1.251   4.138   1.00 21.98 ? 109 LYS A CB  1 
ATOM   800 C CG  . LYS A 1 110 ? -10.799 1.150   3.554   1.00 25.14 ? 109 LYS A CG  1 
ATOM   801 C CD  . LYS A 1 110 ? -11.622 0.065   4.215   1.00 28.49 ? 109 LYS A CD  1 
ATOM   802 C CE  . LYS A 1 110 ? -13.127 0.283   4.210   1.00 33.84 ? 109 LYS A CE  1 
ATOM   803 N NZ  . LYS A 1 110 ? -13.598 1.126   3.089   1.00 33.98 ? 109 LYS A NZ  1 
ATOM   804 N N   . GLU A 1 111 ? -8.991  4.317   4.422   1.00 20.45 ? 110 GLU A N   1 
ATOM   805 C CA  . GLU A 1 111 ? -9.602  5.672   4.499   1.00 20.86 ? 110 GLU A CA  1 
ATOM   806 C C   . GLU A 1 111 ? -8.930  6.597   3.483   1.00 21.00 ? 110 GLU A C   1 
ATOM   807 O O   . GLU A 1 111 ? -9.651  7.343   2.788   1.00 21.20 ? 110 GLU A O   1 
ATOM   808 C CB  . GLU A 1 111 ? -9.472  6.264   5.893   1.00 23.64 ? 110 GLU A CB  1 
ATOM   809 C CG  . GLU A 1 111 ? -10.316 7.514   6.070   1.00 26.98 ? 110 GLU A CG  1 
ATOM   810 N N   . GLN A 1 112 ? -7.598  6.562   3.408   1.00 19.98 ? 111 GLN A N   1 
ATOM   811 C CA  . GLN A 1 112 ? -6.835  7.488   2.526   1.00 20.49 ? 111 GLN A CA  1 
ATOM   812 C C   . GLN A 1 112 ? -7.182  7.131   1.086   1.00 19.75 ? 111 GLN A C   1 
ATOM   813 O O   . GLN A 1 112 ? -7.469  8.043   0.260   1.00 18.98 ? 111 GLN A O   1 
ATOM   814 C CB  . GLN A 1 112 ? -5.330  7.389   2.800   1.00 21.47 ? 111 GLN A CB  1 
ATOM   815 C CG  . GLN A 1 112 ? -4.965  7.844   4.204   1.00 23.64 ? 111 GLN A CG  1 
ATOM   816 C CD  . GLN A 1 112 ? -5.554  9.195   4.546   1.00 27.59 ? 111 GLN A CD  1 
ATOM   817 O OE1 . GLN A 1 112 ? -5.183  10.202  3.971   1.00 32.55 ? 111 GLN A OE1 1 
ATOM   818 N NE2 . GLN A 1 112 ? -6.501  9.221   5.471   1.00 31.58 ? 111 GLN A NE2 1 
ATOM   819 N N   . ILE A 1 113 ? -7.205  5.842   0.784   1.00 20.41 ? 112 ILE A N   1 
ATOM   820 C CA  . ILE A 1 113 ? -7.446  5.389   -0.609  1.00 21.26 ? 112 ILE A CA  1 
ATOM   821 C C   . ILE A 1 113 ? -8.898  5.727   -0.985  1.00 21.29 ? 112 ILE A C   1 
ATOM   822 O O   . ILE A 1 113 ? -9.110  6.270   -2.086  1.00 22.11 ? 112 ILE A O   1 
ATOM   823 C CB  . ILE A 1 113 ? -7.083  3.913   -0.813  1.00 20.54 ? 112 ILE A CB  1 
ATOM   824 C CG1 . ILE A 1 113 ? -5.579  3.685   -0.639  1.00 21.93 ? 112 ILE A CG1 1 
ATOM   825 C CG2 . ILE A 1 113 ? -7.545  3.425   -2.181  1.00 22.32 ? 112 ILE A CG2 1 
ATOM   826 C CD1 . ILE A 1 113 ? -5.195  2.224   -0.450  1.00 21.33 ? 112 ILE A CD1 1 
ATOM   827 N N   . ASP A 1 114 ? -9.861  5.426   -0.115  1.00 21.41 ? 113 ASP A N   1 
ATOM   828 C CA  . ASP A 1 114 ? -11.295 5.759   -0.352  1.00 22.75 ? 113 ASP A CA  1 
ATOM   829 C C   . ASP A 1 114 ? -11.438 7.262   -0.624  1.00 23.05 ? 113 ASP A C   1 
ATOM   830 O O   . ASP A 1 114 ? -12.158 7.637   -1.593  1.00 22.44 ? 113 ASP A O   1 
ATOM   831 C CB  . ASP A 1 114 ? -12.168 5.377   0.848   1.00 23.44 ? 113 ASP A CB  1 
ATOM   832 C CG  . ASP A 1 114 ? -12.400 3.893   1.051   1.00 27.61 ? 113 ASP A CG  1 
ATOM   833 O OD1 . ASP A 1 114 ? -11.969 3.106   0.196   1.00 26.41 ? 113 ASP A OD1 1 
ATOM   834 O OD2 . ASP A 1 114 ? -13.023 3.539   2.098   1.00 29.69 ? 113 ASP A OD2 1 
ATOM   835 N N   . ALA A 1 115 ? -10.804 8.098   0.194   1.00 21.87 ? 114 ALA A N   1 
ATOM   836 C CA  . ALA A 1 115 ? -10.951 9.567   0.132   1.00 21.78 ? 114 ALA A CA  1 
ATOM   837 C C   . ALA A 1 115 ? -10.411 10.053  -1.226  1.00 21.36 ? 114 ALA A C   1 
ATOM   838 O O   . ALA A 1 115 ? -11.054 10.925  -1.863  1.00 19.84 ? 114 ALA A O   1 
ATOM   839 C CB  . ALA A 1 115 ? -10.253 10.217  1.298   1.00 23.03 ? 114 ALA A CB  1 
ATOM   840 N N   . TYR A 1 116 ? -9.318  9.439   -1.713  1.00 19.21 ? 115 TYR A N   1 
ATOM   841 C CA  . TYR A 1 116 ? -8.666  9.827   -2.994  1.00 18.67 ? 115 TYR A CA  1 
ATOM   842 C C   . TYR A 1 116 ? -9.587  9.443   -4.168  1.00 18.62 ? 115 TYR A C   1 
ATOM   843 O O   . TYR A 1 116 ? -9.857  10.273  -5.049  1.00 18.52 ? 115 TYR A O   1 
ATOM   844 C CB  . TYR A 1 116 ? -7.292  9.172   -3.150  1.00 19.25 ? 115 TYR A CB  1 
ATOM   845 C CG  . TYR A 1 116 ? -6.637  9.507   -4.469  1.00 18.23 ? 115 TYR A CG  1 
ATOM   846 C CD1 . TYR A 1 116 ? -6.065  10.753  -4.679  1.00 20.46 ? 115 TYR A CD1 1 
ATOM   847 C CD2 . TYR A 1 116 ? -6.663  8.619   -5.533  1.00 19.11 ? 115 TYR A CD2 1 
ATOM   848 C CE1 . TYR A 1 116 ? -5.514  11.100  -5.906  1.00 19.57 ? 115 TYR A CE1 1 
ATOM   849 C CE2 . TYR A 1 116 ? -6.110  8.941   -6.759  1.00 18.97 ? 115 TYR A CE2 1 
ATOM   850 C CZ  . TYR A 1 116 ? -5.543  10.188  -6.957  1.00 18.14 ? 115 TYR A CZ  1 
ATOM   851 O OH  . TYR A 1 116 ? -5.002  10.481  -8.180  1.00 19.79 ? 115 TYR A OH  1 
ATOM   852 N N   . VAL A 1 117 ? -10.056 8.196   -4.188  1.00 19.71 ? 116 VAL A N   1 
ATOM   853 C CA  . VAL A 1 117 ? -10.894 7.662   -5.306  1.00 20.82 ? 116 VAL A CA  1 
ATOM   854 C C   . VAL A 1 117 ? -12.194 8.480   -5.365  1.00 20.64 ? 116 VAL A C   1 
ATOM   855 O O   . VAL A 1 117 ? -12.613 8.888   -6.481  1.00 19.80 ? 116 VAL A O   1 
ATOM   856 C CB  . VAL A 1 117 ? -11.116 6.150   -5.133  1.00 23.15 ? 116 VAL A CB  1 
ATOM   857 C CG1 . VAL A 1 117 ? -12.183 5.592   -6.063  1.00 25.32 ? 116 VAL A CG1 1 
ATOM   858 C CG2 . VAL A 1 117 ? -9.792  5.416   -5.333  1.00 25.08 ? 116 VAL A CG2 1 
ATOM   859 N N   . THR A 1 118 ? -12.739 8.826   -4.207  1.00 20.51 ? 117 THR A N   1 
ATOM   860 C CA  . THR A 1 118 ? -13.976 9.642   -4.116  1.00 22.72 ? 117 THR A CA  1 
ATOM   861 C C   . THR A 1 118 ? -13.742 11.058  -4.655  1.00 22.86 ? 117 THR A C   1 
ATOM   862 O O   . THR A 1 118 ? -14.565 11.524  -5.484  1.00 23.16 ? 117 THR A O   1 
ATOM   863 C CB  . THR A 1 118 ? -14.531 9.652   -2.692  1.00 23.82 ? 117 THR A CB  1 
ATOM   864 O OG1 . THR A 1 118 ? -14.800 8.278   -2.428  1.00 24.46 ? 117 THR A OG1 1 
ATOM   865 C CG2 . THR A 1 118 ? -15.760 10.523  -2.573  1.00 25.32 ? 117 THR A CG2 1 
ATOM   866 N N   . LYS A 1 119 ? -12.689 11.728  -4.199  1.00 21.58 ? 118 LYS A N   1 
ATOM   867 C CA  . LYS A 1 119 ? -12.331 13.096  -4.686  1.00 23.12 ? 118 LYS A CA  1 
ATOM   868 C C   . LYS A 1 119 ? -12.196 13.100  -6.211  1.00 22.10 ? 118 LYS A C   1 
ATOM   869 O O   . LYS A 1 119 ? -12.797 14.005  -6.884  1.00 20.38 ? 118 LYS A O   1 
ATOM   870 C CB  . LYS A 1 119 ? -11.043 13.583  -4.018  1.00 26.18 ? 118 LYS A CB  1 
ATOM   871 C CG  . LYS A 1 119 ? -10.839 15.084  -4.083  1.00 31.48 ? 118 LYS A CG  1 
ATOM   872 C CD  . LYS A 1 119 ? -9.934  15.573  -5.168  1.00 36.35 ? 118 LYS A CD  1 
ATOM   873 C CE  . LYS A 1 119 ? -10.228 17.028  -5.492  1.00 38.90 ? 118 LYS A CE  1 
ATOM   874 N NZ  . LYS A 1 119 ? -9.003  17.780  -5.827  1.00 40.61 ? 118 LYS A NZ  1 
ATOM   875 N N   . LYS A 1 120 ? -11.441 12.149  -6.767  1.00 19.60 ? 119 LYS A N   1 
ATOM   876 C CA  . LYS A 1 120 ? -11.118 12.116  -8.210  1.00 18.43 ? 119 LYS A CA  1 
ATOM   877 C C   . LYS A 1 120 ? -12.414 11.903  -9.000  1.00 20.94 ? 119 LYS A C   1 
ATOM   878 O O   . LYS A 1 120 ? -12.639 12.615  -9.997  1.00 19.22 ? 119 LYS A O   1 
ATOM   879 C CB  . LYS A 1 120 ? -10.090 11.034  -8.525  1.00 19.01 ? 119 LYS A CB  1 
ATOM   880 C CG  . LYS A 1 120 ? -8.707  11.259  -7.933  1.00 19.71 ? 119 LYS A CG  1 
ATOM   881 C CD  . LYS A 1 120 ? -8.010  12.541  -8.335  1.00 18.96 ? 119 LYS A CD  1 
ATOM   882 C CE  . LYS A 1 120 ? -7.494  12.542  -9.758  1.00 19.78 ? 119 LYS A CE  1 
ATOM   883 N NZ  . LYS A 1 120 ? -6.814  13.823  -10.082 1.00 19.44 ? 119 LYS A NZ  1 
ATOM   884 N N   . ALA A 1 121 ? -13.262 10.975  -8.536  1.00 18.83 ? 120 ALA A N   1 
ATOM   885 C CA  . ALA A 1 121 ? -14.564 10.666  -9.172  1.00 19.89 ? 120 ALA A CA  1 
ATOM   886 C C   . ALA A 1 121 ? -15.422 11.922  -9.176  1.00 21.29 ? 120 ALA A C   1 
ATOM   887 O O   . ALA A 1 121 ? -16.062 12.190  -10.217 1.00 22.99 ? 120 ALA A O   1 
ATOM   888 C CB  . ALA A 1 121 ? -15.252 9.522   -8.446  1.00 18.59 ? 120 ALA A CB  1 
ATOM   889 N N   . GLY A 1 122 ? -15.468 12.638  -8.046  1.00 22.21 ? 121 GLY A N   1 
ATOM   890 C CA  . GLY A 1 122 ? -16.263 13.870  -7.895  1.00 24.95 ? 121 GLY A CA  1 
ATOM   891 C C   . GLY A 1 122 ? -15.936 14.876  -8.990  1.00 25.50 ? 121 GLY A C   1 
ATOM   892 O O   . GLY A 1 122 ? -16.863 15.406  -9.612  1.00 25.03 ? 121 GLY A O   1 
ATOM   893 N N   . GLY A 1 123 ? -14.648 15.084  -9.264  1.00 24.56 ? 122 GLY A N   1 
ATOM   894 C CA  . GLY A 1 123 ? -14.194 16.033  -10.292 1.00 22.45 ? 122 GLY A CA  1 
ATOM   895 C C   . GLY A 1 123 ? -14.418 15.492  -11.695 1.00 22.47 ? 122 GLY A C   1 
ATOM   896 O O   . GLY A 1 123 ? -14.937 16.230  -12.554 1.00 23.78 ? 122 GLY A O   1 
ATOM   897 N N   . ARG A 1 124 ? -13.941 14.273  -11.966 1.00 21.54 ? 123 ARG A N   1 
ATOM   898 C CA  . ARG A 1 124 ? -14.075 13.596  -13.277 1.00 23.27 ? 123 ARG A CA  1 
ATOM   899 C C   . ARG A 1 124 ? -15.532 13.722  -13.751 1.00 24.29 ? 123 ARG A C   1 
ATOM   900 O O   . ARG A 1 124 ? -15.782 14.031  -14.926 1.00 26.46 ? 123 ARG A O   1 
ATOM   901 C CB  . ARG A 1 124 ? -13.681 12.129  -13.087 1.00 23.66 ? 123 ARG A CB  1 
ATOM   902 C CG  . ARG A 1 124 ? -13.461 11.341  -14.351 1.00 24.23 ? 123 ARG A CG  1 
ATOM   903 C CD  . ARG A 1 124 ? -12.845 9.995   -14.110 1.00 21.84 ? 123 ARG A CD  1 
ATOM   904 N NE  . ARG A 1 124 ? -13.659 9.091   -13.301 1.00 23.20 ? 123 ARG A NE  1 
ATOM   905 C CZ  . ARG A 1 124 ? -13.378 8.692   -12.074 1.00 23.59 ? 123 ARG A CZ  1 
ATOM   906 N NH1 . ARG A 1 124 ? -14.185 7.830   -11.469 1.00 25.85 ? 123 ARG A NH1 1 
ATOM   907 N NH2 . ARG A 1 124 ? -12.280 9.107   -11.461 1.00 23.42 ? 123 ARG A NH2 1 
ATOM   908 N N   . ARG A 1 125 ? -16.471 13.493  -12.847 1.00 22.84 ? 124 ARG A N   1 
ATOM   909 C CA  . ARG A 1 125 ? -17.914 13.444  -13.179 1.00 25.28 ? 124 ARG A CA  1 
ATOM   910 C C   . ARG A 1 125 ? -18.465 14.865  -13.395 1.00 28.29 ? 124 ARG A C   1 
ATOM   911 O O   . ARG A 1 125 ? -19.621 14.966  -13.843 1.00 31.36 ? 124 ARG A O   1 
ATOM   912 C CB  . ARG A 1 125 ? -18.631 12.618  -12.110 1.00 23.12 ? 124 ARG A CB  1 
ATOM   913 C CG  . ARG A 1 125 ? -18.206 11.157  -12.118 1.00 21.37 ? 124 ARG A CG  1 
ATOM   914 C CD  . ARG A 1 125 ? -18.651 10.375  -10.907 1.00 22.62 ? 124 ARG A CD  1 
ATOM   915 N NE  . ARG A 1 125 ? -18.202 9.002   -10.978 1.00 21.97 ? 124 ARG A NE  1 
ATOM   916 C CZ  . ARG A 1 125 ? -18.455 8.045   -10.086 1.00 21.74 ? 124 ARG A CZ  1 
ATOM   917 N NH1 . ARG A 1 125 ? -19.108 8.307   -8.962  1.00 21.85 ? 124 ARG A NH1 1 
ATOM   918 N NH2 . ARG A 1 125 ? -17.999 6.826   -10.290 1.00 22.42 ? 124 ARG A NH2 1 
ATOM   919 N N   . LEU A 1 126 ? -17.670 15.920  -13.182 1.00 32.24 ? 125 LEU A N   1 
ATOM   920 C CA  . LEU A 1 126 ? -18.106 17.334  -13.386 1.00 35.09 ? 125 LEU A CA  1 
ATOM   921 C C   . LEU A 1 126 ? -17.894 17.763  -14.847 1.00 36.62 ? 125 LEU A C   1 
ATOM   922 O O   . LEU A 1 126 ? -18.361 18.866  -15.193 1.00 33.76 ? 125 LEU A O   1 
ATOM   923 C CB  . LEU A 1 126 ? -17.328 18.267  -12.450 1.00 37.79 ? 125 LEU A CB  1 
ATOM   924 C CG  . LEU A 1 126 ? -17.630 18.157  -10.956 1.00 40.85 ? 125 LEU A CG  1 
ATOM   925 C CD1 . LEU A 1 126 ? -16.794 19.162  -10.169 1.00 40.86 ? 125 LEU A CD1 1 
ATOM   926 C CD2 . LEU A 1 126 ? -19.108 18.345  -10.654 1.00 41.00 ? 125 LEU A CD2 1 
ATOM   927 N N   . SER A 1 127 ? -17.197 16.955  -15.657 1.00 34.66 ? 126 SER A N   1 
ATOM   928 C CA  . SER A 1 127 ? -16.885 17.251  -17.080 1.00 36.40 ? 126 SER A CA  1 
ATOM   929 C C   . SER A 1 127 ? -18.184 17.531  -17.837 1.00 37.79 ? 126 SER A C   1 
ATOM   930 O O   . SER A 1 127 ? -19.041 16.630  -17.840 1.00 37.49 ? 126 SER A O   1 
ATOM   931 C CB  . SER A 1 127 ? -16.132 16.120  -17.753 1.00 33.91 ? 126 SER A CB  1 
ATOM   932 O OG  . SER A 1 127 ? -16.017 16.378  -19.155 1.00 31.70 ? 126 SER A OG  1 
ATOM   933 N N   . SER A 1 128 ? -18.293 18.705  -18.479 1.00 37.09 ? 127 SER A N   1 
ATOM   934 C CA  . SER A 1 128 ? -19.457 19.098  -19.318 1.00 40.28 ? 127 SER A CA  1 
ATOM   935 C C   . SER A 1 128 ? -19.174 18.757  -20.793 1.00 43.44 ? 127 SER A C   1 
ATOM   936 O O   . SER A 1 128 ? -19.906 19.284  -21.668 1.00 41.75 ? 127 SER A O   1 
ATOM   937 C CB  . SER A 1 128 ? -19.823 20.554  -19.112 1.00 43.46 ? 127 SER A CB  1 
ATOM   938 O OG  . SER A 1 128 ? -18.806 21.413  -19.586 1.00 42.35 ? 127 SER A OG  1 
ATOM   939 N N   . LEU A 1 129 ? -18.170 17.893  -21.036 1.00 42.17 ? 128 LEU A N   1 
ATOM   940 C CA  . LEU A 1 129 ? -17.820 17.258  -22.340 1.00 43.36 ? 128 LEU A CA  1 
ATOM   941 C C   . LEU A 1 129 ? -18.017 15.740  -22.241 1.00 47.57 ? 128 LEU A C   1 
ATOM   942 O O   . LEU A 1 129 ? -18.017 15.211  -21.106 1.00 46.47 ? 128 LEU A O   1 
ATOM   943 C CB  . LEU A 1 129 ? -16.341 17.504  -22.669 1.00 41.46 ? 128 LEU A CB  1 
ATOM   944 C CG  . LEU A 1 129 ? -15.981 18.651  -23.608 1.00 44.21 ? 128 LEU A CG  1 
ATOM   945 C CD1 . LEU A 1 129 ? -14.506 18.554  -23.980 1.00 42.60 ? 128 LEU A CD1 1 
ATOM   946 C CD2 . LEU A 1 129 ? -16.838 18.650  -24.868 1.00 45.69 ? 128 LEU A CD2 1 
ATOM   947 N N   . ARG A 1 130 ? -18.130 15.088  -23.403 1.00 50.52 ? 129 ARG A N   1 
ATOM   948 C CA  . ARG A 1 130 ? -17.786 13.659  -23.657 1.00 47.44 ? 129 ARG A CA  1 
ATOM   949 C C   . ARG A 1 130 ? -18.477 12.733  -22.651 1.00 49.66 ? 129 ARG A C   1 
ATOM   950 O O   . ARG A 1 130 ? -18.238 11.530  -22.762 1.00 49.48 ? 129 ARG A O   1 
ATOM   951 C CB  . ARG A 1 130 ? -16.268 13.464  -23.605 1.00 48.29 ? 129 ARG A CB  1 
HETATM 952 O O   . HOH B 2 .   ? -6.230  -6.101  9.420   1.00 35.10 ? 201 HOH A O   1 
HETATM 953 O O   . HOH B 2 .   ? 2.429   -8.872  16.854  1.00 34.26 ? 202 HOH A O   1 
HETATM 954 O O   . HOH B 2 .   ? -6.119  10.395  -17.957 1.00 26.48 ? 203 HOH A O   1 
HETATM 955 O O   . HOH B 2 .   ? -13.368 5.054   4.089   1.00 35.54 ? 204 HOH A O   1 
HETATM 956 O O   . HOH B 2 .   ? 4.424   12.845  -6.312  1.00 33.60 ? 205 HOH A O   1 
HETATM 957 O O   . HOH B 2 .   ? -5.828  16.166  -7.248  1.00 32.57 ? 206 HOH A O   1 
HETATM 958 O O   . HOH B 2 .   ? -9.832  10.472  -12.358 1.00 21.86 ? 207 HOH A O   1 
HETATM 959 O O   . HOH B 2 .   ? 6.691   4.158   9.467   1.00 26.82 ? 208 HOH A O   1 
HETATM 960 O O   . HOH B 2 .   ? -6.493  3.409   11.918  1.00 28.66 ? 209 HOH A O   1 
HETATM 961 O O   . HOH B 2 .   ? 0.906   -0.971  18.777  1.00 22.17 ? 210 HOH A O   1 
HETATM 962 O O   . HOH B 2 .   ? 2.595   12.272  0.549   1.00 38.95 ? 211 HOH A O   1 
HETATM 963 O O   . HOH B 2 .   ? -19.906 21.002  -15.564 1.00 33.76 ? 212 HOH A O   1 
HETATM 964 O O   . HOH B 2 .   ? -3.628  0.006   -12.987 1.00 35.00 ? 213 HOH A O   1 
HETATM 965 O O   . HOH B 2 .   ? -12.118 8.124   3.542   1.00 35.91 ? 214 HOH A O   1 
HETATM 966 O O   . HOH B 2 .   ? 0.383   4.128   -11.019 1.00 23.15 ? 215 HOH A O   1 
HETATM 967 O O   . HOH B 2 .   ? -12.239 7.725   -9.010  1.00 23.85 ? 216 HOH A O   1 
HETATM 968 O O   . HOH B 2 .   ? 3.044   3.379   7.885   1.00 20.77 ? 217 HOH A O   1 
HETATM 969 O O   . HOH B 2 .   ? -12.941 12.355  -0.533  1.00 30.87 ? 218 HOH A O   1 
HETATM 970 O O   . HOH B 2 .   ? -0.148  2.975   14.611  1.00 21.28 ? 219 HOH A O   1 
HETATM 971 O O   . HOH B 2 .   ? 8.111   -3.490  5.376   1.00 32.73 ? 220 HOH A O   1 
HETATM 972 O O   . HOH B 2 .   ? -3.170  5.845   16.031  1.00 36.74 ? 221 HOH A O   1 
HETATM 973 O O   . HOH B 2 .   ? -7.868  -3.017  9.555   1.00 29.22 ? 222 HOH A O   1 
HETATM 974 O O   . HOH B 2 .   ? -13.382 0.636   0.017   1.00 36.55 ? 223 HOH A O   1 
HETATM 975 O O   . HOH B 2 .   ? 2.125   -8.459  13.641  1.00 35.05 ? 224 HOH A O   1 
HETATM 976 O O   . HOH B 2 .   ? -0.500  10.730  -18.413 1.00 32.38 ? 225 HOH A O   1 
HETATM 977 O O   . HOH B 2 .   ? 15.875  -17.768 7.281   1.00 38.64 ? 226 HOH A O   1 
HETATM 978 O O   . HOH B 2 .   ? -4.117  4.737   13.412  1.00 30.34 ? 227 HOH A O   1 
HETATM 979 O O   . HOH B 2 .   ? -2.823  8.880   10.766  1.00 33.42 ? 228 HOH A O   1 
HETATM 980 O O   . HOH B 2 .   ? 5.235   1.846   8.125   1.00 25.71 ? 229 HOH A O   1 
HETATM 981 O O   . HOH B 2 .   ? 4.091   -7.560  18.095  1.00 37.47 ? 230 HOH A O   1 
HETATM 982 O O   . HOH B 2 .   ? 12.395  -7.324  1.505   1.00 39.96 ? 231 HOH A O   1 
HETATM 983 O O   . HOH B 2 .   ? -1.298  -0.838  20.516  1.00 32.26 ? 232 HOH A O   1 
HETATM 984 O O   . HOH B 2 .   ? 1.218   14.790  -6.307  1.00 32.49 ? 233 HOH A O   1 
HETATM 985 O O   . HOH B 2 .   ? -7.391  5.948   10.604  1.00 40.20 ? 234 HOH A O   1 
# 
loop_
_pdbx_poly_seq_scheme.asym_id 
_pdbx_poly_seq_scheme.entity_id 
_pdbx_poly_seq_scheme.seq_id 
_pdbx_poly_seq_scheme.mon_id 
_pdbx_poly_seq_scheme.ndb_seq_num 
_pdbx_poly_seq_scheme.pdb_seq_num 
_pdbx_poly_seq_scheme.auth_seq_num 
_pdbx_poly_seq_scheme.pdb_mon_id 
_pdbx_poly_seq_scheme.auth_mon_id 
_pdbx_poly_seq_scheme.pdb_strand_id 
_pdbx_poly_seq_scheme.pdb_ins_code 
_pdbx_poly_seq_scheme.hetero 
A 1 1   GLY 1   0   ?   ?   ?   A . n 
A 1 2   MET 2   1   ?   ?   ?   A . n 
A 1 3   GLU 3   2   ?   ?   ?   A . n 
A 1 4   GLU 4   3   ?   ?   ?   A . n 
A 1 5   ARG 5   4   ?   ?   ?   A . n 
A 1 6   ARG 6   5   5   ARG ARG A . n 
A 1 7   GLN 7   6   6   GLN GLN A . n 
A 1 8   LYS 8   7   7   LYS LYS A . n 
A 1 9   PHE 9   8   8   PHE PHE A . n 
A 1 10  TYR 10  9   9   TYR TYR A . n 
A 1 11  PRO 11  10  10  PRO PRO A . n 
A 1 12  GLU 12  11  11  GLU GLU A . n 
A 1 13  GLU 13  12  12  GLU GLU A . n 
A 1 14  GLU 14  13  13  GLU GLU A . n 
A 1 15  LEU 15  14  14  LEU LEU A . n 
A 1 16  VAL 16  15  15  VAL VAL A . n 
A 1 17  ALA 17  16  16  ALA ALA A . n 
A 1 18  LEU 18  17  17  LEU LEU A . n 
A 1 19  VAL 19  18  18  VAL VAL A . n 
A 1 20  ARG 20  19  19  ARG ARG A . n 
A 1 21  SER 21  20  20  SER SER A . n 
A 1 22  LEU 22  21  21  LEU LEU A . n 
A 1 23  ASP 23  22  22  ASP ASP A . n 
A 1 24  ARG 24  23  23  ARG ARG A . n 
A 1 25  PRO 25  24  24  PRO PRO A . n 
A 1 26  GLN 26  25  25  GLN GLN A . n 
A 1 27  ASP 27  26  26  ASP ASP A . n 
A 1 28  GLU 28  27  27  GLU GLU A . n 
A 1 29  GLY 29  28  28  GLY GLY A . n 
A 1 30  LEU 30  29  29  LEU LEU A . n 
A 1 31  PHE 31  30  30  PHE PHE A . n 
A 1 32  SER 32  31  31  SER SER A . n 
A 1 33  MET 33  32  32  MET MET A . n 
A 1 34  ASP 34  33  33  ASP ASP A . n 
A 1 35  VAL 35  34  34  VAL VAL A . n 
A 1 36  LEU 36  35  35  LEU LEU A . n 
A 1 37  VAL 37  36  36  VAL VAL A . n 
A 1 38  VAL 38  37  37  VAL VAL A . n 
A 1 39  TYR 39  38  38  TYR TYR A . n 
A 1 40  PRO 40  39  39  PRO PRO A . n 
A 1 41  HIS 41  40  40  HIS HIS A . n 
A 1 42  LEU 42  41  41  LEU LEU A . n 
A 1 43  GLU 43  42  42  GLU GLU A . n 
A 1 44  GLN 44  43  43  GLN GLN A . n 
A 1 45  GLU 45  44  44  GLU GLU A . n 
A 1 46  TYR 46  45  45  TYR TYR A . n 
A 1 47  THR 47  46  46  THR THR A . n 
A 1 48  ARG 48  47  47  ARG ARG A . n 
A 1 49  VAL 49  48  48  VAL VAL A . n 
A 1 50  CYS 50  49  49  CYS CYS A . n 
A 1 51  PRO 51  50  50  PRO PRO A . n 
A 1 52  LYS 52  51  51  LYS LYS A . n 
A 1 53  ARG 53  52  52  ARG ARG A . n 
A 1 54  CYS 54  53  53  CYS CYS A . n 
A 1 55  ASP 55  54  54  ASP ASP A . n 
A 1 56  LEU 56  55  55  LEU LEU A . n 
A 1 57  ALA 57  56  56  ALA ALA A . n 
A 1 58  THR 58  57  57  THR THR A . n 
A 1 59  ALA 59  58  58  ALA ALA A . n 
A 1 60  ALA 60  59  59  ALA ALA A . n 
A 1 61  GLU 61  60  60  GLU GLU A . n 
A 1 62  LYS 62  61  61  LYS LYS A . n 
A 1 63  ALA 63  62  62  ALA ALA A . n 
A 1 64  ALA 64  63  63  ALA ALA A . n 
A 1 65  ASN 65  64  64  ASN ASN A . n 
A 1 66  GLU 66  65  65  GLU GLU A . n 
A 1 67  ALA 67  66  66  ALA ALA A . n 
A 1 68  TYR 68  67  67  TYR TYR A . n 
A 1 69  SER 69  68  68  SER SER A . n 
A 1 70  TYR 70  69  69  TYR TYR A . n 
A 1 71  ASP 71  70  70  ASP ASP A . n 
A 1 72  VAL 72  71  71  VAL VAL A . n 
A 1 73  ASN 73  72  72  ASN ASN A . n 
A 1 74  LEU 74  73  73  LEU LEU A . n 
A 1 75  THR 75  74  74  THR THR A . n 
A 1 76  ALA 76  75  75  ALA ALA A . n 
A 1 77  LEU 77  76  76  LEU LEU A . n 
A 1 78  ARG 78  77  77  ARG ARG A . n 
A 1 79  GLU 79  78  78  GLU GLU A . n 
A 1 80  ASP 80  79  79  ASP ASP A . n 
A 1 81  ILE 81  80  80  ILE ILE A . n 
A 1 82  LYS 82  81  81  LYS LYS A . n 
A 1 83  LEU 83  82  82  LEU LEU A . n 
A 1 84  MET 84  83  83  MET MET A . n 
A 1 85  VAL 85  84  84  VAL VAL A . n 
A 1 86  ASN 86  85  85  ASN ASN A . n 
A 1 87  ASN 87  86  86  ASN ASN A . n 
A 1 88  CYS 88  87  87  CYS CYS A . n 
A 1 89  TYR 89  88  88  TYR TYR A . n 
A 1 90  ARG 90  89  89  ARG ARG A . n 
A 1 91  PHE 91  90  90  PHE PHE A . n 
A 1 92  ASN 92  91  91  ASN ASN A . n 
A 1 93  GLY 93  92  92  GLY GLY A . n 
A 1 94  THR 94  93  93  THR THR A . n 
A 1 95  LYS 95  94  94  LYS LYS A . n 
A 1 96  GLY 96  95  95  GLY GLY A . n 
A 1 97  PRO 97  96  96  PRO PRO A . n 
A 1 98  LEU 98  97  97  LEU LEU A . n 
A 1 99  ALA 99  98  98  ALA ALA A . n 
A 1 100 ASN 100 99  99  ASN ASN A . n 
A 1 101 ILE 101 100 100 ILE ILE A . n 
A 1 102 ALA 102 101 101 ALA ALA A . n 
A 1 103 GLU 103 102 102 GLU GLU A . n 
A 1 104 ARG 104 103 103 ARG ARG A . n 
A 1 105 PHE 105 104 104 PHE PHE A . n 
A 1 106 GLU 106 105 105 GLU GLU A . n 
A 1 107 ALA 107 106 106 ALA ALA A . n 
A 1 108 PHE 108 107 107 PHE PHE A . n 
A 1 109 ALA 109 108 108 ALA ALA A . n 
A 1 110 LYS 110 109 109 LYS LYS A . n 
A 1 111 GLU 111 110 110 GLU GLU A . n 
A 1 112 GLN 112 111 111 GLN GLN A . n 
A 1 113 ILE 113 112 112 ILE ILE A . n 
A 1 114 ASP 114 113 113 ASP ASP A . n 
A 1 115 ALA 115 114 114 ALA ALA A . n 
A 1 116 TYR 116 115 115 TYR TYR A . n 
A 1 117 VAL 117 116 116 VAL VAL A . n 
A 1 118 THR 118 117 117 THR THR A . n 
A 1 119 LYS 119 118 118 LYS LYS A . n 
A 1 120 LYS 120 119 119 LYS LYS A . n 
A 1 121 ALA 121 120 120 ALA ALA A . n 
A 1 122 GLY 122 121 121 GLY GLY A . n 
A 1 123 GLY 123 122 122 GLY GLY A . n 
A 1 124 ARG 124 123 123 ARG ARG A . n 
A 1 125 ARG 125 124 124 ARG ARG A . n 
A 1 126 LEU 126 125 125 LEU LEU A . n 
A 1 127 SER 127 126 126 SER SER A . n 
A 1 128 SER 128 127 127 SER SER A . n 
A 1 129 LEU 129 128 128 LEU LEU A . n 
A 1 130 ARG 130 129 129 ARG ARG A . n 
A 1 131 LEU 131 130 ?   ?   ?   A . n 
# 
_pdbx_SG_project.id                    1 
_pdbx_SG_project.project_name          ? 
_pdbx_SG_project.full_name_of_center   'Structural Genomics Consortium' 
_pdbx_SG_project.initial_of_center     SGC 
# 
loop_
_pdbx_nonpoly_scheme.asym_id 
_pdbx_nonpoly_scheme.entity_id 
_pdbx_nonpoly_scheme.mon_id 
_pdbx_nonpoly_scheme.ndb_seq_num 
_pdbx_nonpoly_scheme.pdb_seq_num 
_pdbx_nonpoly_scheme.auth_seq_num 
_pdbx_nonpoly_scheme.pdb_mon_id 
_pdbx_nonpoly_scheme.auth_mon_id 
_pdbx_nonpoly_scheme.pdb_strand_id 
_pdbx_nonpoly_scheme.pdb_ins_code 
B 2 HOH 1  201 21 HOH HOH A . 
B 2 HOH 2  202 31 HOH HOH A . 
B 2 HOH 3  203 15 HOH HOH A . 
B 2 HOH 4  204 32 HOH HOH A . 
B 2 HOH 5  205 22 HOH HOH A . 
B 2 HOH 6  206 24 HOH HOH A . 
B 2 HOH 7  207 5  HOH HOH A . 
B 2 HOH 8  208 1  HOH HOH A . 
B 2 HOH 9  209 2  HOH HOH A . 
B 2 HOH 10 210 19 HOH HOH A . 
B 2 HOH 11 211 25 HOH HOH A . 
B 2 HOH 12 212 13 HOH HOH A . 
B 2 HOH 13 213 34 HOH HOH A . 
B 2 HOH 14 214 11 HOH HOH A . 
B 2 HOH 15 215 16 HOH HOH A . 
B 2 HOH 16 216 9  HOH HOH A . 
B 2 HOH 17 217 7  HOH HOH A . 
B 2 HOH 18 218 8  HOH HOH A . 
B 2 HOH 19 219 4  HOH HOH A . 
B 2 HOH 20 220 28 HOH HOH A . 
B 2 HOH 21 221 14 HOH HOH A . 
B 2 HOH 22 222 10 HOH HOH A . 
B 2 HOH 23 223 6  HOH HOH A . 
B 2 HOH 24 224 30 HOH HOH A . 
B 2 HOH 25 225 33 HOH HOH A . 
B 2 HOH 26 226 29 HOH HOH A . 
B 2 HOH 27 227 17 HOH HOH A . 
B 2 HOH 28 228 26 HOH HOH A . 
B 2 HOH 29 229 3  HOH HOH A . 
B 2 HOH 30 230 12 HOH HOH A . 
B 2 HOH 31 231 18 HOH HOH A . 
B 2 HOH 32 232 20 HOH HOH A . 
B 2 HOH 33 233 23 HOH HOH A . 
B 2 HOH 34 234 27 HOH HOH A . 
# 
_pdbx_struct_assembly.id                   1 
_pdbx_struct_assembly.details              author_defined_assembly 
_pdbx_struct_assembly.method_details       ? 
_pdbx_struct_assembly.oligomeric_details   monomeric 
_pdbx_struct_assembly.oligomeric_count     1 
# 
_pdbx_struct_assembly_gen.assembly_id       1 
_pdbx_struct_assembly_gen.oper_expression   1 
_pdbx_struct_assembly_gen.asym_id_list      A,B 
# 
loop_
_pdbx_struct_assembly_prop.biol_id 
_pdbx_struct_assembly_prop.type 
_pdbx_struct_assembly_prop.value 
_pdbx_struct_assembly_prop.details 
1 'ABSA (A^2)' 0    ? 
1 MORE         0    ? 
1 'SSA (A^2)'  7350 ? 
# 
_pdbx_struct_oper_list.id                   1 
_pdbx_struct_oper_list.type                 'identity operation' 
_pdbx_struct_oper_list.name                 1_555 
_pdbx_struct_oper_list.symmetry_operation   x,y,z 
_pdbx_struct_oper_list.matrix[1][1]         1.0000000000 
_pdbx_struct_oper_list.matrix[1][2]         0.0000000000 
_pdbx_struct_oper_list.matrix[1][3]         0.0000000000 
_pdbx_struct_oper_list.vector[1]            0.0000000000 
_pdbx_struct_oper_list.matrix[2][1]         0.0000000000 
_pdbx_struct_oper_list.matrix[2][2]         1.0000000000 
_pdbx_struct_oper_list.matrix[2][3]         0.0000000000 
_pdbx_struct_oper_list.vector[2]            0.0000000000 
_pdbx_struct_oper_list.matrix[3][1]         0.0000000000 
_pdbx_struct_oper_list.matrix[3][2]         0.0000000000 
_pdbx_struct_oper_list.matrix[3][3]         1.0000000000 
_pdbx_struct_oper_list.vector[3]            0.0000000000 
# 
loop_
_pdbx_audit_revision_history.ordinal 
_pdbx_audit_revision_history.data_content_type 
_pdbx_audit_revision_history.major_revision 
_pdbx_audit_revision_history.minor_revision 
_pdbx_audit_revision_history.revision_date 
1 'Structure model' 1 0 2019-03-20 
2 'Structure model' 1 1 2023-10-11 
# 
_pdbx_audit_revision_details.ordinal             1 
_pdbx_audit_revision_details.revision_ordinal    1 
_pdbx_audit_revision_details.data_content_type   'Structure model' 
_pdbx_audit_revision_details.provider            repository 
_pdbx_audit_revision_details.type                'Initial release' 
_pdbx_audit_revision_details.description         ? 
_pdbx_audit_revision_details.details             ? 
# 
loop_
_pdbx_audit_revision_group.ordinal 
_pdbx_audit_revision_group.revision_ordinal 
_pdbx_audit_revision_group.data_content_type 
_pdbx_audit_revision_group.group 
1 2 'Structure model' 'Data collection'        
2 2 'Structure model' 'Database references'    
3 2 'Structure model' 'Refinement description' 
# 
loop_
_pdbx_audit_revision_category.ordinal 
_pdbx_audit_revision_category.revision_ordinal 
_pdbx_audit_revision_category.data_content_type 
_pdbx_audit_revision_category.category 
1 2 'Structure model' chem_comp_atom                
2 2 'Structure model' chem_comp_bond                
3 2 'Structure model' database_2                    
4 2 'Structure model' pdbx_initial_refinement_model 
# 
loop_
_pdbx_audit_revision_item.ordinal 
_pdbx_audit_revision_item.revision_ordinal 
_pdbx_audit_revision_item.data_content_type 
_pdbx_audit_revision_item.item 
1 2 'Structure model' '_database_2.pdbx_DOI'                
2 2 'Structure model' '_database_2.pdbx_database_accession' 
# 
_pdbx_phasing_MR.entry_id                     6NEY 
_pdbx_phasing_MR.method_rotation              ? 
_pdbx_phasing_MR.method_translation           ? 
_pdbx_phasing_MR.model_details                'Phaser MODE: MR_AUTO' 
_pdbx_phasing_MR.R_factor                     ? 
_pdbx_phasing_MR.R_rigid_body                 ? 
_pdbx_phasing_MR.correlation_coeff_Fo_to_Fc   ? 
_pdbx_phasing_MR.correlation_coeff_Io_to_Ic   ? 
_pdbx_phasing_MR.d_res_high_rotation          3.880 
_pdbx_phasing_MR.d_res_low_rotation           39.520 
_pdbx_phasing_MR.d_res_high_translation       3.880 
_pdbx_phasing_MR.d_res_low_translation        39.520 
_pdbx_phasing_MR.packing                      ? 
_pdbx_phasing_MR.reflns_percent_rotation      ? 
_pdbx_phasing_MR.reflns_percent_translation   ? 
_pdbx_phasing_MR.sigma_F_rotation             ? 
_pdbx_phasing_MR.sigma_F_translation          ? 
_pdbx_phasing_MR.sigma_I_rotation             ? 
_pdbx_phasing_MR.sigma_I_translation          ? 
# 
_phasing.method   MR 
# 
loop_
_software.citation_id 
_software.classification 
_software.compiler_name 
_software.compiler_version 
_software.contact_author 
_software.contact_author_email 
_software.date 
_software.description 
_software.dependencies 
_software.hardware 
_software.language 
_software.location 
_software.mods 
_software.name 
_software.os 
_software.os_version 
_software.type 
_software.version 
_software.pdbx_ordinal 
? refinement        ? ? ? ? ? ? ? ? ? ? ? REFMAC      ? ? ? 5.8.0238 1 
? 'data scaling'    ? ? ? ? ? ? ? ? ? ? ? HKL-3000    ? ? ? .        2 
? phasing           ? ? ? ? ? ? ? ? ? ? ? PHASER      ? ? ? 2.8.2    3 
? 'data extraction' ? ? ? ? ? ? ? ? ? ? ? PDB_EXTRACT ? ? ? 3.24     4 
? 'data reduction'  ? ? ? ? ? ? ? ? ? ? ? HKL-3000    ? ? ? .        5 
# 
_pdbx_validate_close_contact.id               1 
_pdbx_validate_close_contact.PDB_model_num    1 
_pdbx_validate_close_contact.auth_atom_id_1   OE1 
_pdbx_validate_close_contact.auth_asym_id_1   A 
_pdbx_validate_close_contact.auth_comp_id_1   GLU 
_pdbx_validate_close_contact.auth_seq_id_1    105 
_pdbx_validate_close_contact.PDB_ins_code_1   ? 
_pdbx_validate_close_contact.label_alt_id_1   ? 
_pdbx_validate_close_contact.auth_atom_id_2   O 
_pdbx_validate_close_contact.auth_asym_id_2   A 
_pdbx_validate_close_contact.auth_comp_id_2   HOH 
_pdbx_validate_close_contact.auth_seq_id_2    201 
_pdbx_validate_close_contact.PDB_ins_code_2   ? 
_pdbx_validate_close_contact.label_alt_id_2   ? 
_pdbx_validate_close_contact.dist             2.08 
# 
loop_
_pdbx_unobs_or_zero_occ_atoms.id 
_pdbx_unobs_or_zero_occ_atoms.PDB_model_num 
_pdbx_unobs_or_zero_occ_atoms.polymer_flag 
_pdbx_unobs_or_zero_occ_atoms.occupancy_flag 
_pdbx_unobs_or_zero_occ_atoms.auth_asym_id 
_pdbx_unobs_or_zero_occ_atoms.auth_comp_id 
_pdbx_unobs_or_zero_occ_atoms.auth_seq_id 
_pdbx_unobs_or_zero_occ_atoms.PDB_ins_code 
_pdbx_unobs_or_zero_occ_atoms.auth_atom_id 
_pdbx_unobs_or_zero_occ_atoms.label_alt_id 
_pdbx_unobs_or_zero_occ_atoms.label_asym_id 
_pdbx_unobs_or_zero_occ_atoms.label_comp_id 
_pdbx_unobs_or_zero_occ_atoms.label_seq_id 
_pdbx_unobs_or_zero_occ_atoms.label_atom_id 
1  1 Y 1 A ARG 5   ? CG  ? A ARG 6   CG  
2  1 Y 1 A ARG 5   ? CD  ? A ARG 6   CD  
3  1 Y 1 A ARG 5   ? NE  ? A ARG 6   NE  
4  1 Y 1 A ARG 5   ? CZ  ? A ARG 6   CZ  
5  1 Y 1 A ARG 5   ? NH1 ? A ARG 6   NH1 
6  1 Y 1 A ARG 5   ? NH2 ? A ARG 6   NH2 
7  1 Y 1 A ARG 19  ? NH1 ? A ARG 20  NH1 
8  1 Y 1 A ARG 19  ? NH2 ? A ARG 20  NH2 
9  1 Y 1 A GLN 43  ? CD  ? A GLN 44  CD  
10 1 Y 1 A GLN 43  ? OE1 ? A GLN 44  OE1 
11 1 Y 1 A GLN 43  ? NE2 ? A GLN 44  NE2 
12 1 Y 1 A ARG 47  ? CG  ? A ARG 48  CG  
13 1 Y 1 A ARG 47  ? CD  ? A ARG 48  CD  
14 1 Y 1 A ARG 47  ? NE  ? A ARG 48  NE  
15 1 Y 1 A ARG 47  ? CZ  ? A ARG 48  CZ  
16 1 Y 1 A ARG 47  ? NH1 ? A ARG 48  NH1 
17 1 Y 1 A ARG 47  ? NH2 ? A ARG 48  NH2 
18 1 Y 1 A VAL 48  ? CG1 ? A VAL 49  CG1 
19 1 Y 1 A VAL 48  ? CG2 ? A VAL 49  CG2 
20 1 Y 1 A LYS 51  ? CD  ? A LYS 52  CD  
21 1 Y 1 A LYS 51  ? CE  ? A LYS 52  CE  
22 1 Y 1 A LYS 51  ? NZ  ? A LYS 52  NZ  
23 1 Y 1 A GLU 60  ? CD  ? A GLU 61  CD  
24 1 Y 1 A GLU 60  ? OE1 ? A GLU 61  OE1 
25 1 Y 1 A GLU 60  ? OE2 ? A GLU 61  OE2 
26 1 Y 1 A ASN 64  ? OD1 ? A ASN 65  OD1 
27 1 Y 1 A ASN 64  ? ND2 ? A ASN 65  ND2 
28 1 Y 1 A GLU 78  ? CG  ? A GLU 79  CG  
29 1 Y 1 A GLU 78  ? CD  ? A GLU 79  CD  
30 1 Y 1 A GLU 78  ? OE1 ? A GLU 79  OE1 
31 1 Y 1 A GLU 78  ? OE2 ? A GLU 79  OE2 
32 1 Y 1 A LYS 81  ? CD  ? A LYS 82  CD  
33 1 Y 1 A LYS 81  ? CE  ? A LYS 82  CE  
34 1 Y 1 A LYS 81  ? NZ  ? A LYS 82  NZ  
35 1 Y 1 A ASN 85  ? OD1 ? A ASN 86  OD1 
36 1 Y 1 A ASN 85  ? ND2 ? A ASN 86  ND2 
37 1 Y 1 A ARG 89  ? CD  ? A ARG 90  CD  
38 1 Y 1 A ARG 89  ? NE  ? A ARG 90  NE  
39 1 Y 1 A ARG 89  ? CZ  ? A ARG 90  CZ  
40 1 Y 1 A ARG 89  ? NH1 ? A ARG 90  NH1 
41 1 Y 1 A ARG 89  ? NH2 ? A ARG 90  NH2 
42 1 Y 1 A LYS 94  ? CG  ? A LYS 95  CG  
43 1 Y 1 A LYS 94  ? CD  ? A LYS 95  CD  
44 1 Y 1 A LYS 94  ? CE  ? A LYS 95  CE  
45 1 Y 1 A LYS 94  ? NZ  ? A LYS 95  NZ  
46 1 Y 1 A GLU 110 ? CD  ? A GLU 111 CD  
47 1 Y 1 A GLU 110 ? OE1 ? A GLU 111 OE1 
48 1 Y 1 A GLU 110 ? OE2 ? A GLU 111 OE2 
49 1 Y 1 A ARG 129 ? CG  ? A ARG 130 CG  
50 1 Y 1 A ARG 129 ? CD  ? A ARG 130 CD  
51 1 Y 1 A ARG 129 ? NE  ? A ARG 130 NE  
52 1 Y 1 A ARG 129 ? CZ  ? A ARG 130 CZ  
53 1 Y 1 A ARG 129 ? NH1 ? A ARG 130 NH1 
54 1 Y 1 A ARG 129 ? NH2 ? A ARG 130 NH2 
# 
loop_
_pdbx_unobs_or_zero_occ_residues.id 
_pdbx_unobs_or_zero_occ_residues.PDB_model_num 
_pdbx_unobs_or_zero_occ_residues.polymer_flag 
_pdbx_unobs_or_zero_occ_residues.occupancy_flag 
_pdbx_unobs_or_zero_occ_residues.auth_asym_id 
_pdbx_unobs_or_zero_occ_residues.auth_comp_id 
_pdbx_unobs_or_zero_occ_residues.auth_seq_id 
_pdbx_unobs_or_zero_occ_residues.PDB_ins_code 
_pdbx_unobs_or_zero_occ_residues.label_asym_id 
_pdbx_unobs_or_zero_occ_residues.label_comp_id 
_pdbx_unobs_or_zero_occ_residues.label_seq_id 
1 1 Y 1 A GLY 0   ? A GLY 1   
2 1 Y 1 A MET 1   ? A MET 2   
3 1 Y 1 A GLU 2   ? A GLU 3   
4 1 Y 1 A GLU 3   ? A GLU 4   
5 1 Y 1 A ARG 4   ? A ARG 5   
6 1 Y 1 A LEU 130 ? A LEU 131 
# 
loop_
_chem_comp_atom.comp_id 
_chem_comp_atom.atom_id 
_chem_comp_atom.type_symbol 
_chem_comp_atom.pdbx_aromatic_flag 
_chem_comp_atom.pdbx_stereo_config 
_chem_comp_atom.pdbx_ordinal 
ALA N    N N N 1   
ALA CA   C N S 2   
ALA C    C N N 3   
ALA O    O N N 4   
ALA CB   C N N 5   
ALA OXT  O N N 6   
ALA H    H N N 7   
ALA H2   H N N 8   
ALA HA   H N N 9   
ALA HB1  H N N 10  
ALA HB2  H N N 11  
ALA HB3  H N N 12  
ALA HXT  H N N 13  
ARG N    N N N 14  
ARG CA   C N S 15  
ARG C    C N N 16  
ARG O    O N N 17  
ARG CB   C N N 18  
ARG CG   C N N 19  
ARG CD   C N N 20  
ARG NE   N N N 21  
ARG CZ   C N N 22  
ARG NH1  N N N 23  
ARG NH2  N N N 24  
ARG OXT  O N N 25  
ARG H    H N N 26  
ARG H2   H N N 27  
ARG HA   H N N 28  
ARG HB2  H N N 29  
ARG HB3  H N N 30  
ARG HG2  H N N 31  
ARG HG3  H N N 32  
ARG HD2  H N N 33  
ARG HD3  H N N 34  
ARG HE   H N N 35  
ARG HH11 H N N 36  
ARG HH12 H N N 37  
ARG HH21 H N N 38  
ARG HH22 H N N 39  
ARG HXT  H N N 40  
ASN N    N N N 41  
ASN CA   C N S 42  
ASN C    C N N 43  
ASN O    O N N 44  
ASN CB   C N N 45  
ASN CG   C N N 46  
ASN OD1  O N N 47  
ASN ND2  N N N 48  
ASN OXT  O N N 49  
ASN H    H N N 50  
ASN H2   H N N 51  
ASN HA   H N N 52  
ASN HB2  H N N 53  
ASN HB3  H N N 54  
ASN HD21 H N N 55  
ASN HD22 H N N 56  
ASN HXT  H N N 57  
ASP N    N N N 58  
ASP CA   C N S 59  
ASP C    C N N 60  
ASP O    O N N 61  
ASP CB   C N N 62  
ASP CG   C N N 63  
ASP OD1  O N N 64  
ASP OD2  O N N 65  
ASP OXT  O N N 66  
ASP H    H N N 67  
ASP H2   H N N 68  
ASP HA   H N N 69  
ASP HB2  H N N 70  
ASP HB3  H N N 71  
ASP HD2  H N N 72  
ASP HXT  H N N 73  
CYS N    N N N 74  
CYS CA   C N R 75  
CYS C    C N N 76  
CYS O    O N N 77  
CYS CB   C N N 78  
CYS SG   S N N 79  
CYS OXT  O N N 80  
CYS H    H N N 81  
CYS H2   H N N 82  
CYS HA   H N N 83  
CYS HB2  H N N 84  
CYS HB3  H N N 85  
CYS HG   H N N 86  
CYS HXT  H N N 87  
GLN N    N N N 88  
GLN CA   C N S 89  
GLN C    C N N 90  
GLN O    O N N 91  
GLN CB   C N N 92  
GLN CG   C N N 93  
GLN CD   C N N 94  
GLN OE1  O N N 95  
GLN NE2  N N N 96  
GLN OXT  O N N 97  
GLN H    H N N 98  
GLN H2   H N N 99  
GLN HA   H N N 100 
GLN HB2  H N N 101 
GLN HB3  H N N 102 
GLN HG2  H N N 103 
GLN HG3  H N N 104 
GLN HE21 H N N 105 
GLN HE22 H N N 106 
GLN HXT  H N N 107 
GLU N    N N N 108 
GLU CA   C N S 109 
GLU C    C N N 110 
GLU O    O N N 111 
GLU CB   C N N 112 
GLU CG   C N N 113 
GLU CD   C N N 114 
GLU OE1  O N N 115 
GLU OE2  O N N 116 
GLU OXT  O N N 117 
GLU H    H N N 118 
GLU H2   H N N 119 
GLU HA   H N N 120 
GLU HB2  H N N 121 
GLU HB3  H N N 122 
GLU HG2  H N N 123 
GLU HG3  H N N 124 
GLU HE2  H N N 125 
GLU HXT  H N N 126 
GLY N    N N N 127 
GLY CA   C N N 128 
GLY C    C N N 129 
GLY O    O N N 130 
GLY OXT  O N N 131 
GLY H    H N N 132 
GLY H2   H N N 133 
GLY HA2  H N N 134 
GLY HA3  H N N 135 
GLY HXT  H N N 136 
HIS N    N N N 137 
HIS CA   C N S 138 
HIS C    C N N 139 
HIS O    O N N 140 
HIS CB   C N N 141 
HIS CG   C Y N 142 
HIS ND1  N Y N 143 
HIS CD2  C Y N 144 
HIS CE1  C Y N 145 
HIS NE2  N Y N 146 
HIS OXT  O N N 147 
HIS H    H N N 148 
HIS H2   H N N 149 
HIS HA   H N N 150 
HIS HB2  H N N 151 
HIS HB3  H N N 152 
HIS HD1  H N N 153 
HIS HD2  H N N 154 
HIS HE1  H N N 155 
HIS HE2  H N N 156 
HIS HXT  H N N 157 
HOH O    O N N 158 
HOH H1   H N N 159 
HOH H2   H N N 160 
ILE N    N N N 161 
ILE CA   C N S 162 
ILE C    C N N 163 
ILE O    O N N 164 
ILE CB   C N S 165 
ILE CG1  C N N 166 
ILE CG2  C N N 167 
ILE CD1  C N N 168 
ILE OXT  O N N 169 
ILE H    H N N 170 
ILE H2   H N N 171 
ILE HA   H N N 172 
ILE HB   H N N 173 
ILE HG12 H N N 174 
ILE HG13 H N N 175 
ILE HG21 H N N 176 
ILE HG22 H N N 177 
ILE HG23 H N N 178 
ILE HD11 H N N 179 
ILE HD12 H N N 180 
ILE HD13 H N N 181 
ILE HXT  H N N 182 
LEU N    N N N 183 
LEU CA   C N S 184 
LEU C    C N N 185 
LEU O    O N N 186 
LEU CB   C N N 187 
LEU CG   C N N 188 
LEU CD1  C N N 189 
LEU CD2  C N N 190 
LEU OXT  O N N 191 
LEU H    H N N 192 
LEU H2   H N N 193 
LEU HA   H N N 194 
LEU HB2  H N N 195 
LEU HB3  H N N 196 
LEU HG   H N N 197 
LEU HD11 H N N 198 
LEU HD12 H N N 199 
LEU HD13 H N N 200 
LEU HD21 H N N 201 
LEU HD22 H N N 202 
LEU HD23 H N N 203 
LEU HXT  H N N 204 
LYS N    N N N 205 
LYS CA   C N S 206 
LYS C    C N N 207 
LYS O    O N N 208 
LYS CB   C N N 209 
LYS CG   C N N 210 
LYS CD   C N N 211 
LYS CE   C N N 212 
LYS NZ   N N N 213 
LYS OXT  O N N 214 
LYS H    H N N 215 
LYS H2   H N N 216 
LYS HA   H N N 217 
LYS HB2  H N N 218 
LYS HB3  H N N 219 
LYS HG2  H N N 220 
LYS HG3  H N N 221 
LYS HD2  H N N 222 
LYS HD3  H N N 223 
LYS HE2  H N N 224 
LYS HE3  H N N 225 
LYS HZ1  H N N 226 
LYS HZ2  H N N 227 
LYS HZ3  H N N 228 
LYS HXT  H N N 229 
MET N    N N N 230 
MET CA   C N S 231 
MET C    C N N 232 
MET O    O N N 233 
MET CB   C N N 234 
MET CG   C N N 235 
MET SD   S N N 236 
MET CE   C N N 237 
MET OXT  O N N 238 
MET H    H N N 239 
MET H2   H N N 240 
MET HA   H N N 241 
MET HB2  H N N 242 
MET HB3  H N N 243 
MET HG2  H N N 244 
MET HG3  H N N 245 
MET HE1  H N N 246 
MET HE2  H N N 247 
MET HE3  H N N 248 
MET HXT  H N N 249 
PHE N    N N N 250 
PHE CA   C N S 251 
PHE C    C N N 252 
PHE O    O N N 253 
PHE CB   C N N 254 
PHE CG   C Y N 255 
PHE CD1  C Y N 256 
PHE CD2  C Y N 257 
PHE CE1  C Y N 258 
PHE CE2  C Y N 259 
PHE CZ   C Y N 260 
PHE OXT  O N N 261 
PHE H    H N N 262 
PHE H2   H N N 263 
PHE HA   H N N 264 
PHE HB2  H N N 265 
PHE HB3  H N N 266 
PHE HD1  H N N 267 
PHE HD2  H N N 268 
PHE HE1  H N N 269 
PHE HE2  H N N 270 
PHE HZ   H N N 271 
PHE HXT  H N N 272 
PRO N    N N N 273 
PRO CA   C N S 274 
PRO C    C N N 275 
PRO O    O N N 276 
PRO CB   C N N 277 
PRO CG   C N N 278 
PRO CD   C N N 279 
PRO OXT  O N N 280 
PRO H    H N N 281 
PRO HA   H N N 282 
PRO HB2  H N N 283 
PRO HB3  H N N 284 
PRO HG2  H N N 285 
PRO HG3  H N N 286 
PRO HD2  H N N 287 
PRO HD3  H N N 288 
PRO HXT  H N N 289 
SER N    N N N 290 
SER CA   C N S 291 
SER C    C N N 292 
SER O    O N N 293 
SER CB   C N N 294 
SER OG   O N N 295 
SER OXT  O N N 296 
SER H    H N N 297 
SER H2   H N N 298 
SER HA   H N N 299 
SER HB2  H N N 300 
SER HB3  H N N 301 
SER HG   H N N 302 
SER HXT  H N N 303 
THR N    N N N 304 
THR CA   C N S 305 
THR C    C N N 306 
THR O    O N N 307 
THR CB   C N R 308 
THR OG1  O N N 309 
THR CG2  C N N 310 
THR OXT  O N N 311 
THR H    H N N 312 
THR H2   H N N 313 
THR HA   H N N 314 
THR HB   H N N 315 
THR HG1  H N N 316 
THR HG21 H N N 317 
THR HG22 H N N 318 
THR HG23 H N N 319 
THR HXT  H N N 320 
TYR N    N N N 321 
TYR CA   C N S 322 
TYR C    C N N 323 
TYR O    O N N 324 
TYR CB   C N N 325 
TYR CG   C Y N 326 
TYR CD1  C Y N 327 
TYR CD2  C Y N 328 
TYR CE1  C Y N 329 
TYR CE2  C Y N 330 
TYR CZ   C Y N 331 
TYR OH   O N N 332 
TYR OXT  O N N 333 
TYR H    H N N 334 
TYR H2   H N N 335 
TYR HA   H N N 336 
TYR HB2  H N N 337 
TYR HB3  H N N 338 
TYR HD1  H N N 339 
TYR HD2  H N N 340 
TYR HE1  H N N 341 
TYR HE2  H N N 342 
TYR HH   H N N 343 
TYR HXT  H N N 344 
VAL N    N N N 345 
VAL CA   C N S 346 
VAL C    C N N 347 
VAL O    O N N 348 
VAL CB   C N N 349 
VAL CG1  C N N 350 
VAL CG2  C N N 351 
VAL OXT  O N N 352 
VAL H    H N N 353 
VAL H2   H N N 354 
VAL HA   H N N 355 
VAL HB   H N N 356 
VAL HG11 H N N 357 
VAL HG12 H N N 358 
VAL HG13 H N N 359 
VAL HG21 H N N 360 
VAL HG22 H N N 361 
VAL HG23 H N N 362 
VAL HXT  H N N 363 
# 
loop_
_chem_comp_bond.comp_id 
_chem_comp_bond.atom_id_1 
_chem_comp_bond.atom_id_2 
_chem_comp_bond.value_order 
_chem_comp_bond.pdbx_aromatic_flag 
_chem_comp_bond.pdbx_stereo_config 
_chem_comp_bond.pdbx_ordinal 
ALA N   CA   sing N N 1   
ALA N   H    sing N N 2   
ALA N   H2   sing N N 3   
ALA CA  C    sing N N 4   
ALA CA  CB   sing N N 5   
ALA CA  HA   sing N N 6   
ALA C   O    doub N N 7   
ALA C   OXT  sing N N 8   
ALA CB  HB1  sing N N 9   
ALA CB  HB2  sing N N 10  
ALA CB  HB3  sing N N 11  
ALA OXT HXT  sing N N 12  
ARG N   CA   sing N N 13  
ARG N   H    sing N N 14  
ARG N   H2   sing N N 15  
ARG CA  C    sing N N 16  
ARG CA  CB   sing N N 17  
ARG CA  HA   sing N N 18  
ARG C   O    doub N N 19  
ARG C   OXT  sing N N 20  
ARG CB  CG   sing N N 21  
ARG CB  HB2  sing N N 22  
ARG CB  HB3  sing N N 23  
ARG CG  CD   sing N N 24  
ARG CG  HG2  sing N N 25  
ARG CG  HG3  sing N N 26  
ARG CD  NE   sing N N 27  
ARG CD  HD2  sing N N 28  
ARG CD  HD3  sing N N 29  
ARG NE  CZ   sing N N 30  
ARG NE  HE   sing N N 31  
ARG CZ  NH1  sing N N 32  
ARG CZ  NH2  doub N N 33  
ARG NH1 HH11 sing N N 34  
ARG NH1 HH12 sing N N 35  
ARG NH2 HH21 sing N N 36  
ARG NH2 HH22 sing N N 37  
ARG OXT HXT  sing N N 38  
ASN N   CA   sing N N 39  
ASN N   H    sing N N 40  
ASN N   H2   sing N N 41  
ASN CA  C    sing N N 42  
ASN CA  CB   sing N N 43  
ASN CA  HA   sing N N 44  
ASN C   O    doub N N 45  
ASN C   OXT  sing N N 46  
ASN CB  CG   sing N N 47  
ASN CB  HB2  sing N N 48  
ASN CB  HB3  sing N N 49  
ASN CG  OD1  doub N N 50  
ASN CG  ND2  sing N N 51  
ASN ND2 HD21 sing N N 52  
ASN ND2 HD22 sing N N 53  
ASN OXT HXT  sing N N 54  
ASP N   CA   sing N N 55  
ASP N   H    sing N N 56  
ASP N   H2   sing N N 57  
ASP CA  C    sing N N 58  
ASP CA  CB   sing N N 59  
ASP CA  HA   sing N N 60  
ASP C   O    doub N N 61  
ASP C   OXT  sing N N 62  
ASP CB  CG   sing N N 63  
ASP CB  HB2  sing N N 64  
ASP CB  HB3  sing N N 65  
ASP CG  OD1  doub N N 66  
ASP CG  OD2  sing N N 67  
ASP OD2 HD2  sing N N 68  
ASP OXT HXT  sing N N 69  
CYS N   CA   sing N N 70  
CYS N   H    sing N N 71  
CYS N   H2   sing N N 72  
CYS CA  C    sing N N 73  
CYS CA  CB   sing N N 74  
CYS CA  HA   sing N N 75  
CYS C   O    doub N N 76  
CYS C   OXT  sing N N 77  
CYS CB  SG   sing N N 78  
CYS CB  HB2  sing N N 79  
CYS CB  HB3  sing N N 80  
CYS SG  HG   sing N N 81  
CYS OXT HXT  sing N N 82  
GLN N   CA   sing N N 83  
GLN N   H    sing N N 84  
GLN N   H2   sing N N 85  
GLN CA  C    sing N N 86  
GLN CA  CB   sing N N 87  
GLN CA  HA   sing N N 88  
GLN C   O    doub N N 89  
GLN C   OXT  sing N N 90  
GLN CB  CG   sing N N 91  
GLN CB  HB2  sing N N 92  
GLN CB  HB3  sing N N 93  
GLN CG  CD   sing N N 94  
GLN CG  HG2  sing N N 95  
GLN CG  HG3  sing N N 96  
GLN CD  OE1  doub N N 97  
GLN CD  NE2  sing N N 98  
GLN NE2 HE21 sing N N 99  
GLN NE2 HE22 sing N N 100 
GLN OXT HXT  sing N N 101 
GLU N   CA   sing N N 102 
GLU N   H    sing N N 103 
GLU N   H2   sing N N 104 
GLU CA  C    sing N N 105 
GLU CA  CB   sing N N 106 
GLU CA  HA   sing N N 107 
GLU C   O    doub N N 108 
GLU C   OXT  sing N N 109 
GLU CB  CG   sing N N 110 
GLU CB  HB2  sing N N 111 
GLU CB  HB3  sing N N 112 
GLU CG  CD   sing N N 113 
GLU CG  HG2  sing N N 114 
GLU CG  HG3  sing N N 115 
GLU CD  OE1  doub N N 116 
GLU CD  OE2  sing N N 117 
GLU OE2 HE2  sing N N 118 
GLU OXT HXT  sing N N 119 
GLY N   CA   sing N N 120 
GLY N   H    sing N N 121 
GLY N   H2   sing N N 122 
GLY CA  C    sing N N 123 
GLY CA  HA2  sing N N 124 
GLY CA  HA3  sing N N 125 
GLY C   O    doub N N 126 
GLY C   OXT  sing N N 127 
GLY OXT HXT  sing N N 128 
HIS N   CA   sing N N 129 
HIS N   H    sing N N 130 
HIS N   H2   sing N N 131 
HIS CA  C    sing N N 132 
HIS CA  CB   sing N N 133 
HIS CA  HA   sing N N 134 
HIS C   O    doub N N 135 
HIS C   OXT  sing N N 136 
HIS CB  CG   sing N N 137 
HIS CB  HB2  sing N N 138 
HIS CB  HB3  sing N N 139 
HIS CG  ND1  sing Y N 140 
HIS CG  CD2  doub Y N 141 
HIS ND1 CE1  doub Y N 142 
HIS ND1 HD1  sing N N 143 
HIS CD2 NE2  sing Y N 144 
HIS CD2 HD2  sing N N 145 
HIS CE1 NE2  sing Y N 146 
HIS CE1 HE1  sing N N 147 
HIS NE2 HE2  sing N N 148 
HIS OXT HXT  sing N N 149 
HOH O   H1   sing N N 150 
HOH O   H2   sing N N 151 
ILE N   CA   sing N N 152 
ILE N   H    sing N N 153 
ILE N   H2   sing N N 154 
ILE CA  C    sing N N 155 
ILE CA  CB   sing N N 156 
ILE CA  HA   sing N N 157 
ILE C   O    doub N N 158 
ILE C   OXT  sing N N 159 
ILE CB  CG1  sing N N 160 
ILE CB  CG2  sing N N 161 
ILE CB  HB   sing N N 162 
ILE CG1 CD1  sing N N 163 
ILE CG1 HG12 sing N N 164 
ILE CG1 HG13 sing N N 165 
ILE CG2 HG21 sing N N 166 
ILE CG2 HG22 sing N N 167 
ILE CG2 HG23 sing N N 168 
ILE CD1 HD11 sing N N 169 
ILE CD1 HD12 sing N N 170 
ILE CD1 HD13 sing N N 171 
ILE OXT HXT  sing N N 172 
LEU N   CA   sing N N 173 
LEU N   H    sing N N 174 
LEU N   H2   sing N N 175 
LEU CA  C    sing N N 176 
LEU CA  CB   sing N N 177 
LEU CA  HA   sing N N 178 
LEU C   O    doub N N 179 
LEU C   OXT  sing N N 180 
LEU CB  CG   sing N N 181 
LEU CB  HB2  sing N N 182 
LEU CB  HB3  sing N N 183 
LEU CG  CD1  sing N N 184 
LEU CG  CD2  sing N N 185 
LEU CG  HG   sing N N 186 
LEU CD1 HD11 sing N N 187 
LEU CD1 HD12 sing N N 188 
LEU CD1 HD13 sing N N 189 
LEU CD2 HD21 sing N N 190 
LEU CD2 HD22 sing N N 191 
LEU CD2 HD23 sing N N 192 
LEU OXT HXT  sing N N 193 
LYS N   CA   sing N N 194 
LYS N   H    sing N N 195 
LYS N   H2   sing N N 196 
LYS CA  C    sing N N 197 
LYS CA  CB   sing N N 198 
LYS CA  HA   sing N N 199 
LYS C   O    doub N N 200 
LYS C   OXT  sing N N 201 
LYS CB  CG   sing N N 202 
LYS CB  HB2  sing N N 203 
LYS CB  HB3  sing N N 204 
LYS CG  CD   sing N N 205 
LYS CG  HG2  sing N N 206 
LYS CG  HG3  sing N N 207 
LYS CD  CE   sing N N 208 
LYS CD  HD2  sing N N 209 
LYS CD  HD3  sing N N 210 
LYS CE  NZ   sing N N 211 
LYS CE  HE2  sing N N 212 
LYS CE  HE3  sing N N 213 
LYS NZ  HZ1  sing N N 214 
LYS NZ  HZ2  sing N N 215 
LYS NZ  HZ3  sing N N 216 
LYS OXT HXT  sing N N 217 
MET N   CA   sing N N 218 
MET N   H    sing N N 219 
MET N   H2   sing N N 220 
MET CA  C    sing N N 221 
MET CA  CB   sing N N 222 
MET CA  HA   sing N N 223 
MET C   O    doub N N 224 
MET C   OXT  sing N N 225 
MET CB  CG   sing N N 226 
MET CB  HB2  sing N N 227 
MET CB  HB3  sing N N 228 
MET CG  SD   sing N N 229 
MET CG  HG2  sing N N 230 
MET CG  HG3  sing N N 231 
MET SD  CE   sing N N 232 
MET CE  HE1  sing N N 233 
MET CE  HE2  sing N N 234 
MET CE  HE3  sing N N 235 
MET OXT HXT  sing N N 236 
PHE N   CA   sing N N 237 
PHE N   H    sing N N 238 
PHE N   H2   sing N N 239 
PHE CA  C    sing N N 240 
PHE CA  CB   sing N N 241 
PHE CA  HA   sing N N 242 
PHE C   O    doub N N 243 
PHE C   OXT  sing N N 244 
PHE CB  CG   sing N N 245 
PHE CB  HB2  sing N N 246 
PHE CB  HB3  sing N N 247 
PHE CG  CD1  doub Y N 248 
PHE CG  CD2  sing Y N 249 
PHE CD1 CE1  sing Y N 250 
PHE CD1 HD1  sing N N 251 
PHE CD2 CE2  doub Y N 252 
PHE CD2 HD2  sing N N 253 
PHE CE1 CZ   doub Y N 254 
PHE CE1 HE1  sing N N 255 
PHE CE2 CZ   sing Y N 256 
PHE CE2 HE2  sing N N 257 
PHE CZ  HZ   sing N N 258 
PHE OXT HXT  sing N N 259 
PRO N   CA   sing N N 260 
PRO N   CD   sing N N 261 
PRO N   H    sing N N 262 
PRO CA  C    sing N N 263 
PRO CA  CB   sing N N 264 
PRO CA  HA   sing N N 265 
PRO C   O    doub N N 266 
PRO C   OXT  sing N N 267 
PRO CB  CG   sing N N 268 
PRO CB  HB2  sing N N 269 
PRO CB  HB3  sing N N 270 
PRO CG  CD   sing N N 271 
PRO CG  HG2  sing N N 272 
PRO CG  HG3  sing N N 273 
PRO CD  HD2  sing N N 274 
PRO CD  HD3  sing N N 275 
PRO OXT HXT  sing N N 276 
SER N   CA   sing N N 277 
SER N   H    sing N N 278 
SER N   H2   sing N N 279 
SER CA  C    sing N N 280 
SER CA  CB   sing N N 281 
SER CA  HA   sing N N 282 
SER C   O    doub N N 283 
SER C   OXT  sing N N 284 
SER CB  OG   sing N N 285 
SER CB  HB2  sing N N 286 
SER CB  HB3  sing N N 287 
SER OG  HG   sing N N 288 
SER OXT HXT  sing N N 289 
THR N   CA   sing N N 290 
THR N   H    sing N N 291 
THR N   H2   sing N N 292 
THR CA  C    sing N N 293 
THR CA  CB   sing N N 294 
THR CA  HA   sing N N 295 
THR C   O    doub N N 296 
THR C   OXT  sing N N 297 
THR CB  OG1  sing N N 298 
THR CB  CG2  sing N N 299 
THR CB  HB   sing N N 300 
THR OG1 HG1  sing N N 301 
THR CG2 HG21 sing N N 302 
THR CG2 HG22 sing N N 303 
THR CG2 HG23 sing N N 304 
THR OXT HXT  sing N N 305 
TYR N   CA   sing N N 306 
TYR N   H    sing N N 307 
TYR N   H2   sing N N 308 
TYR CA  C    sing N N 309 
TYR CA  CB   sing N N 310 
TYR CA  HA   sing N N 311 
TYR C   O    doub N N 312 
TYR C   OXT  sing N N 313 
TYR CB  CG   sing N N 314 
TYR CB  HB2  sing N N 315 
TYR CB  HB3  sing N N 316 
TYR CG  CD1  doub Y N 317 
TYR CG  CD2  sing Y N 318 
TYR CD1 CE1  sing Y N 319 
TYR CD1 HD1  sing N N 320 
TYR CD2 CE2  doub Y N 321 
TYR CD2 HD2  sing N N 322 
TYR CE1 CZ   doub Y N 323 
TYR CE1 HE1  sing N N 324 
TYR CE2 CZ   sing Y N 325 
TYR CE2 HE2  sing N N 326 
TYR CZ  OH   sing N N 327 
TYR OH  HH   sing N N 328 
TYR OXT HXT  sing N N 329 
VAL N   CA   sing N N 330 
VAL N   H    sing N N 331 
VAL N   H2   sing N N 332 
VAL CA  C    sing N N 333 
VAL CA  CB   sing N N 334 
VAL CA  HA   sing N N 335 
VAL C   O    doub N N 336 
VAL C   OXT  sing N N 337 
VAL CB  CG1  sing N N 338 
VAL CB  CG2  sing N N 339 
VAL CB  HB   sing N N 340 
VAL CG1 HG11 sing N N 341 
VAL CG1 HG12 sing N N 342 
VAL CG1 HG13 sing N N 343 
VAL CG2 HG21 sing N N 344 
VAL CG2 HG22 sing N N 345 
VAL CG2 HG23 sing N N 346 
VAL OXT HXT  sing N N 347 
# 
_pdbx_entity_nonpoly.entity_id   2 
_pdbx_entity_nonpoly.name        water 
_pdbx_entity_nonpoly.comp_id     HOH 
# 
_pdbx_initial_refinement_model.id               1 
_pdbx_initial_refinement_model.entity_id_list   ? 
_pdbx_initial_refinement_model.type             'experimental model' 
_pdbx_initial_refinement_model.source_name      PDB 
_pdbx_initial_refinement_model.accession_code   5TCM 
_pdbx_initial_refinement_model.details          ? 
# 
_pdbx_struct_assembly_auth_evidence.id                     1 
_pdbx_struct_assembly_auth_evidence.assembly_id            1 
_pdbx_struct_assembly_auth_evidence.experimental_support   none 
_pdbx_struct_assembly_auth_evidence.details                ? 
# 
